data_9FWZ
#
_entry.id   9FWZ
#
_cell.length_a   1.00
_cell.length_b   1.00
_cell.length_c   1.00
_cell.angle_alpha   90.00
_cell.angle_beta   90.00
_cell.angle_gamma   90.00
#
_symmetry.space_group_name_H-M   'P 1'
#
loop_
_entity.id
_entity.type
_entity.pdbx_description
1 polymer 'Outer membrane usher protein FimD'
2 polymer 'Chaperone protein FimC'
3 polymer 'Type-1 fimbrial protein, A chain'
#
loop_
_entity_poly.entity_id
_entity_poly.type
_entity_poly.pdbx_seq_one_letter_code
_entity_poly.pdbx_strand_id
1 'polypeptide(L)'
;DLYFNPRFLADDPQAVADLSRFENGQELPPGTYRVDIYLNNGYMATRDVTFNTGDSEQGIVPCLTRAQLASMGLNTASVA
GMNLLADDACVPLTTMVQDATAHLDVGQQRLNLTIPQAFMSNRARGYIPPELWDPGINAGLLNYNFSGNSVQNRIGGNSH
YAYLNLQSGLNIGAWRLRDNTTWSYNSSDRSSGSKNKWQHINTWLERDIIPLRSRLTLGDGYTQGDIFDGINFRGAQLAS
DDNMLPDSQRGFAPVIHGIARGTAQVTIKQNGYDIYNSTVPPGPFTINDIYAAGNSGDLQVTIKEADGSTQIFTVPYSSV
PLLQREGHTRYSITAGEYRSGNAQQEKPRFFQSTLLHGLPAGWTIYGGTQLADRYRAFNFGIGKNMGALGALSVDMTQAN
STLPDDSQHDGQSVRFLYNKSLNESGTNIQLVGYRYSTSGYFNFADTTYSRMNGYNIETQDGVIQVKPKFTDYYNLAYNK
RGKLQLTVTQQLGRTSTLYLSGSHQTYWGTSNVDEQFQAGLNTAFEDINWTLSYSLTKNAWQKGRDQMLALNVNIPFSHW
LRSDSKSQWRHASASYSMSHDLNGRMTNLAGVYGTLLEDNNLSYSVQTGYAGGGDGNSGSTGYATLNYRGGYGNANIGYS
HSDDIKQLYYGVSGGVLAHANGVTLGQPLNDTVVLVKAPGAKDAKVENQTGVRTDWRGYAVLPYATEYRENRVALDTNTL
ADNVDLDNAVANVVPTRGAIVRAEFKARVGIKLLMTLTHNNKPLPFGAMVTSESSQSSGIVADNGQVYLSGMPLAGKVQV
KWGEEENAHCVANYQLPPESQQQLLTQLSAECRLVPRGSWSHPQFEK
;
D
2 'polypeptide(L)'
;MGVALGATRVIYPAGQKQEQLAVTNNDENSTYLIQSWVENADGVKDGRFIVTPPLFAMKGKKENTLRILDATNNQLPQDR
ESLFWMNVKAIPSMDKSKLTENTLQLAIISRIKLYYRPAKLALPPDQAAEKLRFRRSANSLTLINPTPYYLTVTELNAGT
RVLENALVPPMGESTVKLPSDAGSNITYRTINDYGALTPKMTGVME
;
C
3 'polypeptide(L)'
;MAATTVNGGTVHFKGEVVNAACAVDAGSVDQTVQLGQVRTASLAQEGATSSAVGFNIQLNDCDTNVASKAAVAFLGTAID
AGHTNVLALQSSAAGSATNVGVQILDRTGAALTLDGATFSSETTLNNGTNTIPFQARYFATGAATPGAANADATFKVQYQ
;
B,A,E
#
# COMPACT_ATOMS: atom_id res chain seq x y z
N PRO A 116 38.08 -9.28 -13.01
CA PRO A 116 36.80 -9.80 -13.52
C PRO A 116 35.62 -9.43 -12.62
N GLN A 117 34.40 -9.71 -13.08
CA GLN A 117 33.21 -9.34 -12.33
C GLN A 117 33.13 -10.09 -11.00
N ALA A 118 33.49 -11.38 -11.00
CA ALA A 118 33.42 -12.16 -9.77
C ALA A 118 34.36 -11.61 -8.70
N PHE A 119 35.57 -11.23 -9.10
CA PHE A 119 36.51 -10.65 -8.14
C PHE A 119 36.11 -9.24 -7.74
N MET A 120 35.52 -8.47 -8.66
CA MET A 120 35.09 -7.12 -8.34
C MET A 120 33.93 -7.16 -7.35
N SER A 121 33.97 -6.25 -6.38
CA SER A 121 32.94 -6.18 -5.34
C SER A 121 31.72 -5.42 -5.87
N ASN A 122 31.04 -6.07 -6.83
CA ASN A 122 29.83 -5.50 -7.39
C ASN A 122 28.71 -5.54 -6.37
N ARG A 123 27.90 -4.49 -6.34
CA ARG A 123 26.80 -4.37 -5.40
C ARG A 123 25.48 -4.73 -6.08
N ALA A 124 24.54 -5.22 -5.27
CA ALA A 124 23.25 -5.65 -5.80
C ALA A 124 22.43 -4.44 -6.23
N ARG A 125 21.40 -4.71 -7.03
CA ARG A 125 20.50 -3.66 -7.48
C ARG A 125 19.68 -3.14 -6.30
N GLY A 126 19.51 -1.82 -6.24
CA GLY A 126 18.79 -1.22 -5.14
C GLY A 126 19.50 -1.30 -3.81
N TYR A 127 20.83 -1.38 -3.82
CA TYR A 127 21.59 -1.53 -2.59
C TYR A 127 21.81 -0.16 -1.95
N ILE A 128 21.52 -0.08 -0.66
CA ILE A 128 21.73 1.13 0.13
C ILE A 128 22.79 0.83 1.18
N PRO A 129 23.85 1.63 1.27
CA PRO A 129 24.87 1.38 2.28
C PRO A 129 24.28 1.52 3.67
N PRO A 130 24.77 0.73 4.63
CA PRO A 130 24.24 0.83 6.00
C PRO A 130 24.49 2.18 6.65
N GLU A 131 25.45 2.96 6.16
CA GLU A 131 25.69 4.29 6.73
C GLU A 131 24.51 5.22 6.49
N LEU A 132 23.88 5.13 5.32
CA LEU A 132 22.77 6.01 4.99
C LEU A 132 21.50 5.67 5.75
N TRP A 133 21.44 4.53 6.41
CA TRP A 133 20.24 4.15 7.15
C TRP A 133 20.06 5.05 8.37
N ASP A 134 18.86 5.63 8.50
CA ASP A 134 18.60 6.60 9.55
C ASP A 134 18.10 5.90 10.81
N PRO A 135 18.82 5.97 11.92
CA PRO A 135 18.34 5.33 13.14
C PRO A 135 17.00 5.87 13.63
N GLY A 136 16.75 7.16 13.43
CA GLY A 136 15.51 7.77 13.85
C GLY A 136 15.77 8.97 14.74
N ILE A 137 14.77 9.31 15.55
CA ILE A 137 14.87 10.41 16.50
C ILE A 137 14.43 9.92 17.87
N ASN A 138 14.85 10.65 18.90
CA ASN A 138 14.51 10.33 20.28
C ASN A 138 13.14 10.91 20.57
N ALA A 139 12.11 10.06 20.58
CA ALA A 139 10.75 10.56 20.72
C ALA A 139 9.86 9.52 21.38
N GLY A 140 8.84 10.02 22.08
CA GLY A 140 7.80 9.16 22.62
C GLY A 140 6.80 8.78 21.55
N LEU A 141 5.80 8.01 21.97
CA LEU A 141 4.80 7.51 21.03
C LEU A 141 3.63 6.95 21.82
N LEU A 142 2.42 7.18 21.32
CA LEU A 142 1.23 6.67 21.99
C LEU A 142 0.13 6.47 20.95
N ASN A 143 -0.26 5.22 20.71
CA ASN A 143 -1.32 4.90 19.78
C ASN A 143 -2.54 4.47 20.57
N TYR A 144 -3.67 5.15 20.36
CA TYR A 144 -4.90 4.86 21.07
C TYR A 144 -5.96 4.36 20.09
N ASN A 145 -6.75 3.38 20.54
CA ASN A 145 -7.84 2.83 19.74
C ASN A 145 -9.01 2.59 20.69
N PHE A 146 -9.99 3.49 20.67
CA PHE A 146 -11.17 3.39 21.52
C PHE A 146 -12.36 2.94 20.68
N SER A 147 -13.06 1.92 21.15
CA SER A 147 -14.25 1.43 20.49
C SER A 147 -15.38 1.30 21.50
N GLY A 148 -16.60 1.57 21.07
CA GLY A 148 -17.75 1.47 21.94
C GLY A 148 -18.96 0.94 21.22
N ASN A 149 -19.68 0.02 21.85
CA ASN A 149 -20.85 -0.61 21.26
C ASN A 149 -22.03 -0.43 22.19
N SER A 150 -23.10 0.19 21.69
CA SER A 150 -24.37 0.28 22.38
C SER A 150 -25.31 -0.75 21.75
N VAL A 151 -25.71 -1.74 22.54
CA VAL A 151 -26.55 -2.83 22.04
C VAL A 151 -27.91 -2.74 22.72
N GLN A 152 -28.96 -2.63 21.93
CA GLN A 152 -30.32 -2.51 22.43
C GLN A 152 -31.15 -3.68 21.92
N ASN A 153 -31.81 -4.37 22.83
CA ASN A 153 -32.72 -5.45 22.50
C ASN A 153 -34.01 -5.31 23.30
N ARG A 154 -35.12 -5.69 22.69
CA ARG A 154 -36.41 -5.60 23.35
C ARG A 154 -36.48 -6.48 24.58
N ILE A 155 -35.76 -7.60 24.57
CA ILE A 155 -35.80 -8.54 25.70
C ILE A 155 -35.11 -7.95 26.92
N GLY A 156 -33.94 -7.33 26.73
CA GLY A 156 -33.15 -6.89 27.87
C GLY A 156 -32.69 -5.45 27.85
N GLY A 157 -33.52 -4.55 27.31
CA GLY A 157 -33.21 -3.13 27.35
C GLY A 157 -32.01 -2.72 26.53
N ASN A 158 -31.00 -2.13 27.18
CA ASN A 158 -29.82 -1.64 26.49
C ASN A 158 -28.58 -1.88 27.33
N SER A 159 -27.44 -1.92 26.66
CA SER A 159 -26.16 -2.14 27.32
C SER A 159 -25.06 -1.42 26.56
N HIS A 160 -23.99 -1.09 27.27
CA HIS A 160 -22.85 -0.36 26.72
C HIS A 160 -21.56 -1.14 26.95
N TYR A 161 -20.71 -1.20 25.93
CA TYR A 161 -19.40 -1.83 26.01
C TYR A 161 -18.37 -0.85 25.48
N ALA A 162 -17.18 -0.85 26.09
CA ALA A 162 -16.10 0.04 25.67
C ALA A 162 -14.77 -0.68 25.82
N TYR A 163 -13.98 -0.67 24.75
CA TYR A 163 -12.65 -1.29 24.74
C TYR A 163 -11.64 -0.26 24.26
N LEU A 164 -10.60 -0.05 25.07
CA LEU A 164 -9.57 0.95 24.76
C LEU A 164 -8.22 0.25 24.72
N ASN A 165 -7.61 0.20 23.53
CA ASN A 165 -6.28 -0.36 23.35
C ASN A 165 -5.28 0.78 23.31
N LEU A 166 -4.29 0.75 24.21
CA LEU A 166 -3.31 1.81 24.35
C LEU A 166 -1.92 1.21 24.17
N GLN A 167 -1.23 1.59 23.10
CA GLN A 167 0.13 1.13 22.85
C GLN A 167 1.06 2.32 23.09
N SER A 168 1.77 2.29 24.21
CA SER A 168 2.77 3.30 24.48
C SER A 168 4.10 2.86 23.89
N GLY A 169 5.00 3.82 23.70
CA GLY A 169 6.28 3.51 23.13
C GLY A 169 7.25 4.66 23.32
N LEU A 170 8.53 4.34 23.20
CA LEU A 170 9.60 5.30 23.40
C LEU A 170 10.80 4.86 22.59
N ASN A 171 11.24 5.69 21.66
CA ASN A 171 12.40 5.40 20.82
C ASN A 171 13.52 6.33 21.26
N ILE A 172 14.46 5.79 22.04
CA ILE A 172 15.63 6.53 22.49
C ILE A 172 16.87 5.81 21.95
N GLY A 173 17.77 6.58 21.35
CA GLY A 173 18.91 5.97 20.69
C GLY A 173 18.44 5.06 19.58
N ALA A 174 18.92 3.81 19.61
CA ALA A 174 18.44 2.79 18.70
C ALA A 174 17.41 1.85 19.33
N TRP A 175 17.36 1.79 20.66
CA TRP A 175 16.39 0.94 21.34
C TRP A 175 14.98 1.47 21.12
N ARG A 176 14.04 0.55 20.91
CA ARG A 176 12.62 0.90 20.77
C ARG A 176 11.83 0.12 21.81
N LEU A 177 11.32 0.83 22.82
CA LEU A 177 10.49 0.22 23.84
C LEU A 177 9.02 0.36 23.44
N ARG A 178 8.29 -0.75 23.50
CA ARG A 178 6.87 -0.74 23.19
C ARG A 178 6.10 -1.50 24.27
N ASP A 179 4.96 -0.95 24.67
CA ASP A 179 4.12 -1.53 25.71
C ASP A 179 2.67 -1.48 25.25
N ASN A 180 1.92 -2.53 25.56
CA ASN A 180 0.54 -2.65 25.12
C ASN A 180 -0.37 -2.87 26.32
N THR A 181 -1.47 -2.13 26.38
CA THR A 181 -2.40 -2.21 27.49
C THR A 181 -3.83 -2.16 26.97
N THR A 182 -4.74 -2.77 27.72
CA THR A 182 -6.15 -2.85 27.34
C THR A 182 -7.03 -2.46 28.51
N TRP A 183 -8.09 -1.70 28.22
CA TRP A 183 -9.07 -1.27 29.21
C TRP A 183 -10.45 -1.68 28.73
N SER A 184 -11.25 -2.26 29.62
CA SER A 184 -12.59 -2.71 29.28
C SER A 184 -13.59 -2.13 30.27
N TYR A 185 -14.73 -1.67 29.75
CA TYR A 185 -15.77 -1.06 30.58
C TYR A 185 -17.13 -1.52 30.07
N ASN A 186 -17.90 -2.17 30.94
CA ASN A 186 -19.22 -2.66 30.58
C ASN A 186 -20.26 -2.03 31.49
N SER A 187 -21.46 -1.83 30.95
CA SER A 187 -22.55 -1.23 31.71
C SER A 187 -23.72 -2.20 31.86
N SER A 194 -18.66 -3.24 34.75
CA SER A 194 -19.04 -2.15 35.65
C SER A 194 -17.87 -1.70 36.50
N LYS A 195 -16.66 -1.89 35.98
CA LYS A 195 -15.45 -1.51 36.70
C LYS A 195 -14.32 -1.30 35.70
N ASN A 196 -13.26 -0.65 36.16
CA ASN A 196 -12.10 -0.33 35.35
C ASN A 196 -11.01 -1.37 35.55
N LYS A 197 -10.49 -1.91 34.45
CA LYS A 197 -9.51 -2.99 34.50
C LYS A 197 -8.42 -2.73 33.46
N TRP A 198 -7.31 -2.15 33.91
CA TRP A 198 -6.13 -2.00 33.06
C TRP A 198 -5.37 -3.32 33.02
N GLN A 199 -5.05 -3.79 31.82
CA GLN A 199 -4.42 -5.10 31.64
C GLN A 199 -3.24 -4.98 30.69
N HIS A 200 -2.05 -5.30 31.18
CA HIS A 200 -0.87 -5.37 30.32
C HIS A 200 -0.97 -6.55 29.38
N ILE A 201 -0.35 -6.43 28.20
CA ILE A 201 -0.31 -7.54 27.27
C ILE A 201 1.12 -7.90 26.90
N ASN A 202 1.82 -6.99 26.23
CA ASN A 202 3.17 -7.25 25.76
C ASN A 202 4.05 -6.00 25.94
N THR A 203 5.27 -6.22 26.40
CA THR A 203 6.30 -5.19 26.45
C THR A 203 7.57 -5.74 25.83
N TRP A 204 8.22 -4.94 25.00
CA TRP A 204 9.46 -5.40 24.37
C TRP A 204 10.37 -4.23 24.02
N LEU A 205 11.67 -4.46 24.17
CA LEU A 205 12.72 -3.49 23.83
C LEU A 205 13.46 -4.03 22.62
N GLU A 206 12.99 -3.68 21.43
CA GLU A 206 13.62 -4.19 20.22
C GLU A 206 14.78 -3.29 19.80
N ARG A 207 15.62 -3.85 18.93
CA ARG A 207 16.77 -3.14 18.39
C ARG A 207 17.26 -3.92 17.16
N ASP A 208 18.02 -3.25 16.31
CA ASP A 208 18.63 -3.88 15.14
C ASP A 208 20.13 -3.73 15.21
N ILE A 209 20.84 -4.83 14.97
CA ILE A 209 22.30 -4.84 14.96
C ILE A 209 22.76 -4.95 13.51
N ILE A 210 23.53 -3.97 13.06
CA ILE A 210 23.95 -3.87 11.66
C ILE A 210 25.12 -4.81 11.36
N PRO A 211 26.18 -4.84 12.19
CA PRO A 211 27.29 -5.76 11.87
C PRO A 211 26.86 -7.22 11.77
N LEU A 212 25.93 -7.65 12.62
CA LEU A 212 25.40 -9.00 12.55
C LEU A 212 24.26 -9.16 11.56
N ARG A 213 23.78 -8.04 10.99
CA ARG A 213 22.64 -8.06 10.07
C ARG A 213 21.43 -8.75 10.70
N SER A 214 21.18 -8.45 11.97
CA SER A 214 20.17 -9.18 12.72
C SER A 214 19.33 -8.21 13.54
N ARG A 215 18.32 -8.74 14.22
CA ARG A 215 17.42 -7.98 15.06
C ARG A 215 17.32 -8.67 16.41
N LEU A 216 17.46 -7.89 17.48
CA LEU A 216 17.40 -8.38 18.84
C LEU A 216 16.14 -7.87 19.53
N THR A 217 15.57 -8.69 20.39
CA THR A 217 14.35 -8.33 21.11
C THR A 217 14.40 -8.93 22.51
N LEU A 218 14.40 -8.06 23.52
CA LEU A 218 14.27 -8.46 24.90
C LEU A 218 12.84 -8.25 25.37
N GLY A 219 12.38 -9.12 26.26
CA GLY A 219 11.00 -9.06 26.71
C GLY A 219 10.10 -10.01 25.96
N ASP A 220 8.83 -9.65 25.83
CA ASP A 220 7.87 -10.52 25.17
C ASP A 220 8.15 -10.60 23.67
N GLY A 221 7.35 -11.39 22.98
CA GLY A 221 7.52 -11.55 21.54
C GLY A 221 6.88 -12.85 21.07
N TYR A 222 7.37 -13.32 19.94
CA TYR A 222 6.90 -14.58 19.36
C TYR A 222 8.04 -15.23 18.60
N THR A 223 7.93 -16.54 18.40
CA THR A 223 8.93 -17.29 17.64
C THR A 223 8.42 -17.45 16.22
N GLN A 224 9.17 -16.91 15.27
CA GLN A 224 8.81 -16.96 13.86
C GLN A 224 9.25 -18.24 13.18
N GLY A 225 9.57 -19.28 13.95
CA GLY A 225 10.08 -20.51 13.40
C GLY A 225 9.12 -21.18 12.43
N ASP A 226 9.62 -21.48 11.24
CA ASP A 226 8.87 -22.24 10.24
C ASP A 226 9.17 -23.73 10.29
N ILE A 227 10.40 -24.11 10.61
CA ILE A 227 10.74 -25.52 10.75
C ILE A 227 10.07 -26.12 11.99
N PHE A 228 9.87 -25.31 13.02
CA PHE A 228 9.20 -25.72 14.24
C PHE A 228 7.78 -25.13 14.27
N ASP A 229 7.08 -25.30 15.38
CA ASP A 229 5.76 -24.74 15.55
C ASP A 229 5.84 -23.36 16.19
N GLY A 230 4.84 -22.53 15.89
CA GLY A 230 4.76 -21.18 16.45
C GLY A 230 4.66 -21.17 17.96
N ILE A 231 5.52 -20.39 18.61
CA ILE A 231 5.60 -20.35 20.06
C ILE A 231 5.64 -18.89 20.51
N ASN A 232 4.82 -18.56 21.51
CA ASN A 232 4.89 -17.26 22.17
C ASN A 232 5.72 -17.40 23.43
N PHE A 233 6.70 -16.51 23.60
CA PHE A 233 7.69 -16.66 24.65
C PHE A 233 7.88 -15.32 25.36
N ARG A 234 8.81 -15.30 26.31
CA ARG A 234 9.16 -14.08 27.03
C ARG A 234 10.65 -14.19 27.39
N GLY A 235 11.50 -13.63 26.53
CA GLY A 235 12.92 -13.70 26.73
C GLY A 235 13.70 -13.07 25.60
N ALA A 236 15.00 -13.37 25.52
CA ALA A 236 15.89 -12.74 24.56
C ALA A 236 15.87 -13.50 23.25
N GLN A 237 15.59 -12.79 22.16
CA GLN A 237 15.61 -13.36 20.82
C GLN A 237 16.58 -12.57 19.96
N LEU A 238 17.34 -13.29 19.12
CA LEU A 238 18.28 -12.67 18.19
C LEU A 238 18.14 -13.41 16.87
N ALA A 239 17.57 -12.75 15.86
CA ALA A 239 17.23 -13.42 14.61
C ALA A 239 17.70 -12.59 13.42
N SER A 240 18.25 -13.27 12.42
CA SER A 240 18.60 -12.60 11.18
C SER A 240 17.34 -12.15 10.46
N ASP A 241 17.36 -10.93 9.94
CA ASP A 241 16.23 -10.34 9.24
C ASP A 241 16.55 -10.23 7.76
N ASP A 242 15.62 -10.67 6.92
CA ASP A 242 15.80 -10.59 5.48
C ASP A 242 15.40 -9.24 4.90
N ASN A 243 14.81 -8.36 5.70
CA ASN A 243 14.36 -7.08 5.16
C ASN A 243 15.51 -6.11 4.94
N MET A 244 16.59 -6.24 5.72
CA MET A 244 17.75 -5.38 5.50
C MET A 244 18.47 -5.68 4.20
N LEU A 245 18.30 -6.89 3.67
CA LEU A 245 18.90 -7.21 2.38
C LEU A 245 18.19 -6.45 1.27
N PRO A 246 18.91 -6.10 0.20
CA PRO A 246 18.26 -5.43 -0.93
C PRO A 246 17.18 -6.30 -1.54
N ASP A 247 16.14 -5.66 -2.08
CA ASP A 247 15.00 -6.39 -2.61
C ASP A 247 15.39 -7.29 -3.77
N SER A 248 16.52 -7.03 -4.42
CA SER A 248 16.96 -7.89 -5.51
C SER A 248 17.32 -9.29 -5.01
N GLN A 249 18.15 -9.36 -3.98
CA GLN A 249 18.62 -10.64 -3.45
C GLN A 249 17.80 -11.08 -2.24
N ARG A 250 16.49 -11.21 -2.47
CA ARG A 250 15.57 -11.74 -1.48
C ARG A 250 14.74 -12.85 -2.10
N GLY A 251 14.32 -13.80 -1.27
CA GLY A 251 13.65 -14.97 -1.78
C GLY A 251 14.64 -15.97 -2.35
N PHE A 252 14.15 -16.79 -3.28
CA PHE A 252 14.98 -17.78 -3.94
C PHE A 252 15.09 -17.45 -5.43
N ALA A 253 16.32 -17.47 -5.93
CA ALA A 253 16.61 -17.29 -7.34
C ALA A 253 18.01 -17.82 -7.62
N PRO A 254 18.20 -18.63 -8.67
CA PRO A 254 19.53 -19.19 -8.92
C PRO A 254 20.54 -18.10 -9.22
N VAL A 255 21.76 -18.30 -8.75
CA VAL A 255 22.88 -17.43 -9.08
C VAL A 255 23.64 -18.08 -10.23
N ILE A 256 24.18 -17.25 -11.12
CA ILE A 256 24.80 -17.72 -12.36
C ILE A 256 26.31 -17.56 -12.24
N HIS A 257 27.03 -18.66 -12.37
CA HIS A 257 28.49 -18.66 -12.43
C HIS A 257 28.92 -18.95 -13.86
N GLY A 258 29.91 -18.20 -14.33
CA GLY A 258 30.36 -18.40 -15.70
C GLY A 258 31.77 -17.92 -15.92
N ILE A 259 32.37 -18.43 -17.00
CA ILE A 259 33.67 -17.99 -17.48
C ILE A 259 33.48 -17.48 -18.90
N ALA A 260 33.82 -16.22 -19.13
CA ALA A 260 33.65 -15.58 -20.43
C ALA A 260 35.01 -15.34 -21.05
N ARG A 261 35.24 -15.94 -22.22
CA ARG A 261 36.49 -15.75 -22.95
C ARG A 261 36.42 -14.43 -23.71
N GLY A 262 37.15 -13.44 -23.23
CA GLY A 262 37.07 -12.10 -23.77
C GLY A 262 35.96 -11.29 -23.13
N THR A 263 35.98 -9.98 -23.42
CA THR A 263 34.92 -9.11 -22.92
C THR A 263 33.58 -9.54 -23.52
N ALA A 264 32.57 -9.66 -22.66
CA ALA A 264 31.29 -10.20 -23.09
C ALA A 264 30.15 -9.34 -22.58
N GLN A 265 28.98 -9.53 -23.20
CA GLN A 265 27.74 -8.93 -22.76
C GLN A 265 26.78 -10.06 -22.42
N VAL A 266 26.29 -10.07 -21.17
CA VAL A 266 25.41 -11.12 -20.68
C VAL A 266 24.00 -10.56 -20.63
N THR A 267 23.04 -11.35 -21.13
CA THR A 267 21.61 -11.00 -21.10
C THR A 267 20.87 -12.19 -20.52
N ILE A 268 20.83 -12.27 -19.19
CA ILE A 268 19.99 -13.26 -18.51
C ILE A 268 18.54 -12.86 -18.76
N LYS A 269 17.83 -13.66 -19.54
CA LYS A 269 16.50 -13.30 -20.03
C LYS A 269 15.50 -14.37 -19.65
N GLN A 270 14.32 -13.93 -19.22
CA GLN A 270 13.24 -14.84 -18.88
C GLN A 270 12.52 -15.28 -20.15
N ASN A 271 11.62 -16.25 -20.02
CA ASN A 271 10.85 -16.71 -21.17
C ASN A 271 10.08 -15.58 -21.84
N GLY A 272 9.65 -14.58 -21.05
CA GLY A 272 8.94 -13.45 -21.60
C GLY A 272 9.83 -12.33 -22.09
N TYR A 273 10.67 -11.79 -21.21
CA TYR A 273 11.50 -10.64 -21.53
C TYR A 273 12.85 -10.78 -20.84
N ASP A 274 13.73 -9.83 -21.10
CA ASP A 274 15.05 -9.82 -20.47
C ASP A 274 14.93 -9.43 -19.00
N ILE A 275 15.93 -9.84 -18.22
CA ILE A 275 15.94 -9.54 -16.79
C ILE A 275 17.22 -8.78 -16.42
N TYR A 276 18.38 -9.39 -16.66
CA TYR A 276 19.65 -8.84 -16.23
C TYR A 276 20.59 -8.71 -17.43
N ASN A 277 20.85 -7.48 -17.85
CA ASN A 277 21.76 -7.20 -18.96
C ASN A 277 22.94 -6.42 -18.43
N SER A 278 24.15 -6.93 -18.65
CA SER A 278 25.33 -6.25 -18.12
C SER A 278 26.57 -6.70 -18.87
N THR A 279 27.63 -5.89 -18.75
CA THR A 279 28.92 -6.23 -19.33
C THR A 279 29.75 -7.05 -18.34
N VAL A 280 30.61 -7.91 -18.89
CA VAL A 280 31.43 -8.80 -18.07
C VAL A 280 32.85 -8.82 -18.63
N PRO A 281 33.86 -8.62 -17.79
CA PRO A 281 35.25 -8.64 -18.27
C PRO A 281 35.68 -10.05 -18.63
N PRO A 282 36.83 -10.21 -19.29
CA PRO A 282 37.29 -11.56 -19.65
C PRO A 282 37.76 -12.36 -18.45
N GLY A 283 36.83 -12.95 -17.71
CA GLY A 283 37.15 -13.73 -16.54
C GLY A 283 35.93 -14.32 -15.87
N PRO A 284 36.12 -14.87 -14.67
CA PRO A 284 34.97 -15.42 -13.93
C PRO A 284 33.98 -14.34 -13.56
N PHE A 285 32.70 -14.71 -13.57
CA PHE A 285 31.65 -13.79 -13.18
C PHE A 285 30.51 -14.54 -12.52
N THR A 286 30.05 -14.00 -11.39
CA THR A 286 28.90 -14.54 -10.66
C THR A 286 27.84 -13.45 -10.56
N ILE A 287 26.62 -13.79 -10.94
CA ILE A 287 25.49 -12.87 -10.90
C ILE A 287 24.48 -13.42 -9.91
N ASN A 288 24.14 -12.60 -8.90
CA ASN A 288 23.22 -13.00 -7.84
C ASN A 288 22.09 -12.01 -7.65
N ASP A 289 21.86 -11.10 -8.60
CA ASP A 289 20.85 -10.06 -8.47
C ASP A 289 19.51 -10.45 -9.08
N ILE A 290 19.36 -11.71 -9.52
CA ILE A 290 18.12 -12.13 -10.16
C ILE A 290 16.97 -12.04 -9.17
N TYR A 291 15.87 -11.43 -9.61
CA TYR A 291 14.69 -11.30 -8.77
C TYR A 291 14.02 -12.66 -8.58
N ALA A 292 13.01 -12.68 -7.71
CA ALA A 292 12.30 -13.93 -7.42
C ALA A 292 11.62 -14.49 -8.66
N ALA A 293 10.95 -13.63 -9.43
CA ALA A 293 10.31 -14.01 -10.69
C ALA A 293 9.32 -15.16 -10.49
N GLY A 294 8.57 -15.11 -9.41
CA GLY A 294 7.57 -16.13 -9.14
C GLY A 294 8.15 -17.41 -8.59
N ASN A 295 7.27 -18.40 -8.43
CA ASN A 295 7.67 -19.67 -7.86
C ASN A 295 8.54 -20.48 -8.82
N SER A 296 8.17 -20.50 -10.10
CA SER A 296 8.90 -21.26 -11.10
C SER A 296 9.26 -20.36 -12.28
N GLY A 297 10.40 -20.66 -12.90
CA GLY A 297 10.86 -19.84 -14.00
C GLY A 297 11.94 -20.53 -14.80
N ASP A 298 12.24 -19.94 -15.95
CA ASP A 298 13.27 -20.43 -16.86
C ASP A 298 14.17 -19.25 -17.24
N LEU A 299 15.43 -19.31 -16.86
CA LEU A 299 16.39 -18.26 -17.14
C LEU A 299 17.32 -18.72 -18.25
N GLN A 300 17.36 -17.97 -19.36
CA GLN A 300 18.29 -18.24 -20.45
C GLN A 300 19.44 -17.25 -20.33
N VAL A 301 20.64 -17.76 -20.07
CA VAL A 301 21.83 -16.94 -20.02
C VAL A 301 22.45 -16.94 -21.41
N THR A 302 22.54 -15.75 -22.01
CA THR A 302 23.13 -15.55 -23.32
C THR A 302 24.32 -14.63 -23.19
N ILE A 303 25.51 -15.13 -23.55
CA ILE A 303 26.72 -14.34 -23.52
C ILE A 303 27.16 -14.09 -24.97
N LYS A 304 27.37 -12.83 -25.30
CA LYS A 304 27.79 -12.43 -26.64
C LYS A 304 29.14 -11.72 -26.54
N GLU A 305 30.13 -12.22 -27.27
CA GLU A 305 31.45 -11.61 -27.29
C GLU A 305 31.69 -10.98 -28.66
N ALA A 306 32.51 -9.93 -28.67
CA ALA A 306 32.77 -9.20 -29.90
C ALA A 306 33.51 -10.06 -30.92
N ASP A 307 34.21 -11.11 -30.46
CA ASP A 307 35.02 -11.95 -31.34
C ASP A 307 34.30 -13.23 -31.74
N GLY A 308 33.90 -14.04 -30.76
CA GLY A 308 33.27 -15.32 -31.02
C GLY A 308 31.77 -15.24 -31.13
N SER A 309 31.17 -16.38 -31.44
CA SER A 309 29.72 -16.48 -31.56
C SER A 309 29.07 -16.48 -30.18
N THR A 310 27.76 -16.26 -30.17
CA THR A 310 27.01 -16.26 -28.92
C THR A 310 26.97 -17.64 -28.30
N GLN A 311 26.96 -17.68 -26.97
CA GLN A 311 26.85 -18.92 -26.21
C GLN A 311 25.65 -18.80 -25.28
N ILE A 312 24.71 -19.74 -25.40
CA ILE A 312 23.46 -19.70 -24.67
C ILE A 312 23.31 -20.98 -23.87
N PHE A 313 22.78 -20.86 -22.65
CA PHE A 313 22.38 -22.03 -21.89
C PHE A 313 21.23 -21.65 -20.98
N THR A 314 20.27 -22.56 -20.85
CA THR A 314 19.06 -22.32 -20.08
C THR A 314 19.07 -23.13 -18.79
N VAL A 315 18.44 -22.57 -17.76
CA VAL A 315 18.29 -23.24 -16.48
C VAL A 315 16.88 -23.00 -15.94
N PRO A 316 16.13 -24.05 -15.63
CA PRO A 316 14.85 -23.87 -14.95
C PRO A 316 15.01 -23.94 -13.44
N TYR A 317 14.04 -23.37 -12.74
CA TYR A 317 14.09 -23.37 -11.28
C TYR A 317 12.67 -23.33 -10.73
N SER A 318 12.49 -24.03 -9.61
CA SER A 318 11.24 -24.05 -8.85
C SER A 318 11.59 -23.84 -7.38
N SER A 319 10.78 -23.03 -6.69
CA SER A 319 11.13 -22.57 -5.36
C SER A 319 10.21 -23.16 -4.30
N VAL A 320 10.75 -23.26 -3.09
CA VAL A 320 10.03 -23.64 -1.88
C VAL A 320 10.41 -22.62 -0.80
N PRO A 321 9.50 -22.26 0.11
CA PRO A 321 9.88 -21.29 1.15
C PRO A 321 11.07 -21.73 1.99
N LEU A 322 11.29 -23.03 2.15
CA LEU A 322 12.43 -23.49 2.92
C LEU A 322 13.75 -23.32 2.17
N LEU A 323 13.70 -23.19 0.84
CA LEU A 323 14.93 -23.02 0.08
C LEU A 323 15.48 -21.61 0.26
N GLN A 324 16.80 -21.49 0.10
CA GLN A 324 17.48 -20.21 0.22
C GLN A 324 18.44 -20.03 -0.95
N ARG A 325 18.86 -18.78 -1.15
CA ARG A 325 19.79 -18.48 -2.22
C ARG A 325 21.15 -19.11 -1.94
N GLU A 326 21.97 -19.19 -2.99
CA GLU A 326 23.27 -19.81 -2.88
C GLU A 326 24.20 -18.91 -2.07
N GLY A 327 24.60 -19.39 -0.89
CA GLY A 327 25.41 -18.59 0.00
C GLY A 327 24.63 -17.72 0.96
N HIS A 328 23.35 -18.03 1.18
CA HIS A 328 22.49 -17.25 2.08
C HIS A 328 22.33 -18.01 3.39
N THR A 329 22.47 -17.29 4.50
CA THR A 329 22.39 -17.87 5.84
C THR A 329 21.39 -17.10 6.68
N ARG A 330 20.48 -17.82 7.32
CA ARG A 330 19.52 -17.26 8.26
C ARG A 330 19.60 -18.03 9.57
N TYR A 331 19.53 -17.31 10.69
CA TYR A 331 19.63 -17.95 11.99
C TYR A 331 18.68 -17.28 12.97
N SER A 332 18.34 -18.01 14.02
CA SER A 332 17.44 -17.50 15.05
C SER A 332 17.79 -18.19 16.37
N ILE A 333 18.11 -17.39 17.39
CA ILE A 333 18.43 -17.90 18.72
C ILE A 333 17.45 -17.27 19.70
N THR A 334 16.61 -18.10 20.31
CA THR A 334 15.60 -17.65 21.25
C THR A 334 15.82 -18.34 22.58
N ALA A 335 15.71 -17.59 23.67
CA ALA A 335 15.82 -18.16 25.00
C ALA A 335 14.85 -17.46 25.93
N GLY A 336 14.24 -18.23 26.82
CA GLY A 336 13.42 -17.63 27.84
C GLY A 336 12.21 -18.47 28.16
N GLU A 337 11.32 -17.92 28.98
CA GLU A 337 10.17 -18.68 29.43
C GLU A 337 9.11 -18.76 28.34
N TYR A 338 8.20 -19.71 28.51
CA TYR A 338 7.12 -19.95 27.57
C TYR A 338 5.84 -19.32 28.09
N ARG A 339 5.09 -18.67 27.21
CA ARG A 339 3.83 -18.01 27.56
C ARG A 339 2.74 -18.46 26.61
N SER A 340 1.52 -18.57 27.13
CA SER A 340 0.37 -18.94 26.32
C SER A 340 -0.89 -18.33 26.92
N GLY A 341 -1.92 -18.21 26.09
CA GLY A 341 -3.18 -17.68 26.57
C GLY A 341 -3.86 -18.60 27.56
N ASN A 342 -3.76 -19.90 27.37
CA ASN A 342 -4.38 -20.86 28.28
C ASN A 342 -3.71 -20.80 29.64
N ALA A 343 -4.52 -20.78 30.70
CA ALA A 343 -4.00 -20.79 32.05
C ALA A 343 -3.62 -22.17 32.54
N GLN A 344 -4.09 -23.23 31.85
CA GLN A 344 -3.75 -24.58 32.26
C GLN A 344 -2.26 -24.85 32.11
N GLN A 345 -1.65 -24.38 31.02
CA GLN A 345 -0.26 -24.66 30.75
C GLN A 345 0.65 -23.94 31.74
N GLU A 346 1.81 -24.53 31.99
CA GLU A 346 2.80 -23.95 32.89
C GLU A 346 3.65 -22.93 32.14
N LYS A 347 4.74 -22.49 32.77
CA LYS A 347 5.65 -21.51 32.18
C LYS A 347 7.07 -22.02 32.31
N PRO A 348 7.47 -22.98 31.47
CA PRO A 348 8.84 -23.50 31.52
C PRO A 348 9.79 -22.70 30.65
N ARG A 349 11.06 -22.72 31.04
CA ARG A 349 12.08 -22.04 30.26
C ARG A 349 12.60 -22.95 29.15
N PHE A 350 12.84 -22.36 27.98
CA PHE A 350 13.23 -23.14 26.81
C PHE A 350 14.18 -22.33 25.95
N PHE A 351 14.94 -23.06 25.14
CA PHE A 351 15.90 -22.52 24.19
C PHE A 351 15.60 -23.10 22.82
N GLN A 352 15.68 -22.27 21.80
CA GLN A 352 15.32 -22.68 20.44
C GLN A 352 16.28 -22.04 19.45
N SER A 353 17.00 -22.86 18.70
CA SER A 353 17.92 -22.39 17.68
C SER A 353 17.49 -22.92 16.33
N THR A 354 17.53 -22.07 15.31
CA THR A 354 17.13 -22.43 13.96
C THR A 354 18.15 -21.91 12.97
N LEU A 355 18.54 -22.75 12.01
CA LEU A 355 19.53 -22.38 11.01
C LEU A 355 19.07 -22.83 9.64
N LEU A 356 19.25 -21.95 8.66
CA LEU A 356 18.89 -22.20 7.26
C LEU A 356 20.08 -21.75 6.42
N HIS A 357 20.65 -22.64 5.61
CA HIS A 357 21.80 -22.31 4.79
C HIS A 357 21.57 -22.77 3.35
N GLY A 358 22.01 -21.95 2.40
CA GLY A 358 21.90 -22.30 1.00
C GLY A 358 23.20 -22.82 0.40
N LEU A 359 23.26 -24.12 0.17
CA LEU A 359 24.46 -24.75 -0.36
C LEU A 359 24.62 -24.45 -1.85
N PRO A 360 25.82 -24.66 -2.39
CA PRO A 360 25.98 -24.55 -3.84
C PRO A 360 25.18 -25.62 -4.58
N ALA A 361 24.83 -25.28 -5.83
CA ALA A 361 24.13 -26.18 -6.75
C ALA A 361 22.70 -26.48 -6.31
N GLY A 362 22.00 -25.45 -5.83
CA GLY A 362 20.57 -25.56 -5.63
C GLY A 362 20.13 -26.40 -4.45
N TRP A 363 20.98 -26.59 -3.45
CA TRP A 363 20.63 -27.32 -2.24
C TRP A 363 20.43 -26.37 -1.08
N THR A 364 19.75 -26.86 -0.06
CA THR A 364 19.53 -26.11 1.18
C THR A 364 19.64 -27.07 2.36
N ILE A 365 20.45 -26.70 3.35
CA ILE A 365 20.61 -27.47 4.57
C ILE A 365 20.01 -26.65 5.71
N TYR A 366 19.06 -27.22 6.45
CA TYR A 366 18.45 -26.47 7.52
C TYR A 366 18.16 -27.34 8.72
N GLY A 367 18.52 -26.83 9.90
CA GLY A 367 18.39 -27.58 11.12
C GLY A 367 17.83 -26.72 12.25
N GLY A 368 17.58 -27.38 13.37
CA GLY A 368 17.04 -26.68 14.51
C GLY A 368 17.10 -27.55 15.75
N THR A 369 17.01 -26.87 16.90
CA THR A 369 17.08 -27.53 18.19
C THR A 369 16.16 -26.81 19.16
N GLN A 370 15.24 -27.57 19.76
CA GLN A 370 14.38 -27.08 20.82
C GLN A 370 14.72 -27.82 22.11
N LEU A 371 14.82 -27.09 23.21
CA LEU A 371 15.29 -27.70 24.45
C LEU A 371 14.56 -27.07 25.61
N ALA A 372 14.24 -27.89 26.60
CA ALA A 372 13.57 -27.46 27.82
C ALA A 372 13.96 -28.40 28.95
N ASP A 373 13.25 -28.32 30.06
CA ASP A 373 13.52 -29.24 31.16
C ASP A 373 13.04 -30.65 30.85
N ARG A 374 11.96 -30.78 30.07
CA ARG A 374 11.34 -32.07 29.81
C ARG A 374 11.31 -32.45 28.34
N TYR A 375 11.56 -31.52 27.42
CA TYR A 375 11.38 -31.75 26.00
C TYR A 375 12.66 -31.39 25.26
N ARG A 376 13.19 -32.34 24.49
CA ARG A 376 14.43 -32.15 23.74
C ARG A 376 14.19 -32.65 22.31
N ALA A 377 14.16 -31.73 21.35
CA ALA A 377 13.87 -32.08 19.97
C ALA A 377 14.96 -31.54 19.06
N PHE A 378 15.33 -32.35 18.06
CA PHE A 378 16.32 -31.98 17.06
C PHE A 378 15.71 -32.19 15.68
N ASN A 379 15.78 -31.16 14.83
CA ASN A 379 15.21 -31.19 13.50
C ASN A 379 16.32 -31.03 12.48
N PHE A 380 16.34 -31.92 11.48
CA PHE A 380 17.32 -31.87 10.41
C PHE A 380 16.61 -32.03 9.09
N GLY A 381 16.96 -31.21 8.10
CA GLY A 381 16.28 -31.30 6.82
C GLY A 381 17.09 -30.74 5.69
N ILE A 382 16.74 -31.19 4.49
CA ILE A 382 17.38 -30.77 3.25
C ILE A 382 16.31 -30.34 2.27
N GLY A 383 16.75 -29.57 1.27
CA GLY A 383 15.86 -29.15 0.20
C GLY A 383 16.65 -29.03 -1.08
N LYS A 384 15.95 -29.27 -2.19
CA LYS A 384 16.59 -29.31 -3.50
C LYS A 384 15.74 -28.55 -4.51
N ASN A 385 16.41 -27.88 -5.45
CA ASN A 385 15.76 -27.24 -6.58
C ASN A 385 16.14 -28.03 -7.84
N MET A 386 15.34 -29.04 -8.17
CA MET A 386 15.72 -29.96 -9.25
C MET A 386 15.56 -29.35 -10.63
N GLY A 387 14.92 -28.19 -10.74
CA GLY A 387 14.78 -27.54 -12.03
C GLY A 387 13.44 -27.82 -12.71
N ALA A 388 13.48 -28.53 -13.83
CA ALA A 388 12.24 -28.84 -14.54
C ALA A 388 11.34 -29.76 -13.72
N LEU A 389 11.94 -30.70 -12.98
CA LEU A 389 11.15 -31.60 -12.16
C LEU A 389 10.37 -30.84 -11.09
N GLY A 390 11.01 -29.88 -10.45
CA GLY A 390 10.35 -29.09 -9.42
C GLY A 390 11.25 -28.80 -8.23
N ALA A 391 10.64 -28.71 -7.06
CA ALA A 391 11.38 -28.41 -5.83
C ALA A 391 10.92 -29.36 -4.72
N LEU A 392 11.88 -29.73 -3.86
CA LEU A 392 11.66 -30.74 -2.85
C LEU A 392 12.21 -30.26 -1.51
N SER A 393 11.59 -30.73 -0.43
CA SER A 393 12.05 -30.38 0.92
C SER A 393 11.66 -31.50 1.87
N VAL A 394 12.64 -32.21 2.41
CA VAL A 394 12.41 -33.34 3.30
C VAL A 394 13.13 -33.09 4.62
N ASP A 395 12.41 -33.23 5.74
CA ASP A 395 13.01 -33.04 7.05
C ASP A 395 12.47 -34.07 8.03
N MET A 396 13.26 -34.30 9.08
CA MET A 396 12.96 -35.26 10.12
C MET A 396 13.20 -34.61 11.47
N THR A 397 12.25 -34.76 12.39
CA THR A 397 12.32 -34.18 13.72
C THR A 397 12.23 -35.30 14.74
N GLN A 398 13.25 -35.43 15.58
CA GLN A 398 13.31 -36.47 16.61
C GLN A 398 13.19 -35.80 17.97
N ALA A 399 12.21 -36.23 18.76
CA ALA A 399 11.87 -35.57 20.02
C ALA A 399 11.77 -36.57 21.16
N ASN A 400 12.40 -36.24 22.28
CA ASN A 400 12.24 -36.95 23.54
C ASN A 400 11.47 -36.04 24.48
N SER A 401 10.26 -36.46 24.86
CA SER A 401 9.38 -35.60 25.64
C SER A 401 8.92 -36.33 26.90
N THR A 402 8.46 -35.54 27.87
CA THR A 402 7.80 -36.04 29.06
C THR A 402 6.39 -35.50 29.08
N LEU A 403 5.41 -36.40 29.15
CA LEU A 403 4.00 -36.04 29.15
C LEU A 403 3.63 -35.33 30.44
N PRO A 404 2.37 -34.91 30.63
CA PRO A 404 2.00 -34.33 31.93
C PRO A 404 2.36 -35.21 33.12
N ASP A 405 2.21 -36.52 32.99
CA ASP A 405 2.62 -37.45 34.04
C ASP A 405 4.13 -37.66 33.96
N ASP A 406 4.63 -38.68 34.64
CA ASP A 406 6.06 -38.97 34.64
C ASP A 406 6.51 -39.82 33.45
N SER A 407 5.58 -40.21 32.57
CA SER A 407 5.94 -41.05 31.43
C SER A 407 6.85 -40.31 30.46
N GLN A 408 7.77 -41.05 29.85
CA GLN A 408 8.71 -40.52 28.87
C GLN A 408 8.43 -41.16 27.52
N HIS A 409 8.41 -40.35 26.47
CA HIS A 409 8.07 -40.80 25.13
C HIS A 409 9.12 -40.30 24.13
N ASP A 410 9.63 -41.21 23.31
CA ASP A 410 10.57 -40.88 22.25
C ASP A 410 9.90 -41.12 20.90
N GLY A 411 10.05 -40.15 19.99
CA GLY A 411 9.38 -40.29 18.71
C GLY A 411 10.04 -39.48 17.62
N GLN A 412 9.54 -39.68 16.40
CA GLN A 412 10.03 -38.99 15.23
C GLN A 412 8.84 -38.56 14.38
N SER A 413 9.07 -37.54 13.55
CA SER A 413 8.07 -37.08 12.60
C SER A 413 8.79 -36.60 11.35
N VAL A 414 8.37 -37.10 10.20
CA VAL A 414 9.00 -36.81 8.92
C VAL A 414 8.05 -35.98 8.08
N ARG A 415 8.50 -34.83 7.60
CA ARG A 415 7.71 -33.97 6.75
C ARG A 415 8.34 -33.88 5.36
N PHE A 416 7.48 -33.90 4.36
CA PHE A 416 7.86 -33.96 2.95
C PHE A 416 7.09 -32.89 2.21
N LEU A 417 7.76 -32.18 1.31
CA LEU A 417 7.11 -31.10 0.56
C LEU A 417 7.59 -31.14 -0.88
N TYR A 418 6.65 -31.09 -1.82
CA TYR A 418 6.92 -31.18 -3.23
C TYR A 418 6.18 -30.06 -3.95
N ASN A 419 6.88 -29.39 -4.87
CA ASN A 419 6.30 -28.31 -5.66
C ASN A 419 6.60 -28.59 -7.12
N LYS A 420 5.54 -28.88 -7.90
CA LYS A 420 5.71 -29.17 -9.31
C LYS A 420 5.82 -27.87 -10.11
N SER A 421 6.48 -27.95 -11.25
CA SER A 421 6.66 -26.81 -12.14
C SER A 421 5.36 -26.56 -12.90
N LEU A 422 5.40 -25.64 -13.86
CA LEU A 422 4.22 -25.27 -14.64
C LEU A 422 3.86 -26.43 -15.58
N ASN A 423 2.83 -27.18 -15.21
CA ASN A 423 2.35 -28.24 -16.07
C ASN A 423 1.64 -27.64 -17.29
N GLU A 424 1.63 -28.40 -18.38
CA GLU A 424 1.08 -27.95 -19.67
C GLU A 424 1.87 -26.71 -20.09
N SER A 425 1.22 -25.58 -20.35
CA SER A 425 1.91 -24.33 -20.70
C SER A 425 1.34 -23.23 -19.82
N GLY A 426 1.90 -23.08 -18.62
CA GLY A 426 1.43 -22.06 -17.71
C GLY A 426 -0.02 -22.21 -17.30
N THR A 427 -0.45 -23.44 -17.02
CA THR A 427 -1.85 -23.73 -16.73
C THR A 427 -2.06 -24.28 -15.32
N ASN A 428 -1.26 -25.27 -14.91
CA ASN A 428 -1.46 -25.99 -13.66
C ASN A 428 -0.23 -25.90 -12.79
N ILE A 429 -0.45 -25.78 -11.48
CA ILE A 429 0.60 -25.83 -10.48
C ILE A 429 0.14 -26.71 -9.32
N GLN A 430 1.01 -27.60 -8.88
CA GLN A 430 0.67 -28.59 -7.85
C GLN A 430 1.64 -28.50 -6.68
N LEU A 431 1.08 -28.61 -5.48
CA LEU A 431 1.84 -28.66 -4.23
C LEU A 431 1.38 -29.86 -3.42
N VAL A 432 2.33 -30.64 -2.92
CA VAL A 432 2.03 -31.84 -2.14
C VAL A 432 2.80 -31.75 -0.82
N GLY A 433 2.07 -31.70 0.30
CA GLY A 433 2.71 -31.67 1.59
C GLY A 433 2.30 -32.81 2.50
N TYR A 434 3.23 -33.71 2.80
CA TYR A 434 2.96 -34.89 3.60
C TYR A 434 3.66 -34.76 4.95
N ARG A 435 3.09 -35.38 5.97
CA ARG A 435 3.71 -35.36 7.29
C ARG A 435 3.29 -36.61 8.06
N TYR A 436 4.26 -37.44 8.42
CA TYR A 436 4.00 -38.68 9.16
C TYR A 436 4.61 -38.54 10.54
N SER A 437 3.78 -38.61 11.58
CA SER A 437 4.22 -38.49 12.96
C SER A 437 4.03 -39.83 13.65
N THR A 438 5.12 -40.49 14.00
CA THR A 438 5.02 -41.79 14.64
C THR A 438 4.52 -41.64 16.07
N SER A 439 4.13 -42.77 16.66
CA SER A 439 3.59 -42.78 18.02
C SER A 439 4.70 -42.46 19.00
N GLY A 440 4.63 -41.29 19.63
CA GLY A 440 5.63 -40.89 20.59
C GLY A 440 6.29 -39.57 20.24
N TYR A 441 5.73 -38.84 19.29
CA TYR A 441 6.22 -37.51 18.92
C TYR A 441 5.20 -36.48 19.36
N PHE A 442 5.66 -35.50 20.13
CA PHE A 442 4.80 -34.45 20.65
C PHE A 442 5.46 -33.09 20.42
N ASN A 443 4.62 -32.08 20.27
CA ASN A 443 5.12 -30.71 20.14
C ASN A 443 5.49 -30.20 21.53
N PHE A 444 5.83 -28.91 21.64
CA PHE A 444 6.20 -28.36 22.93
C PHE A 444 4.98 -28.15 23.82
N ALA A 445 3.83 -27.84 23.22
CA ALA A 445 2.61 -27.63 24.01
C ALA A 445 2.21 -28.91 24.75
N ASP A 446 2.32 -30.06 24.08
CA ASP A 446 1.94 -31.32 24.70
C ASP A 446 2.74 -31.55 25.97
N THR A 447 4.03 -31.22 25.95
CA THR A 447 4.86 -31.35 27.14
C THR A 447 4.48 -30.30 28.19
N THR A 448 4.26 -29.05 27.76
CA THR A 448 4.03 -27.98 28.72
C THR A 448 2.57 -27.87 29.16
N TYR A 449 1.74 -28.88 28.87
CA TYR A 449 0.39 -28.92 29.44
C TYR A 449 0.46 -29.04 30.96
N SER A 450 -0.70 -29.02 31.61
CA SER A 450 -0.76 -29.03 33.07
C SER A 450 -0.14 -30.30 33.63
N ARG A 451 0.04 -30.31 34.96
CA ARG A 451 0.66 -31.45 35.62
C ARG A 451 -0.15 -32.72 35.46
N MET A 452 -1.44 -32.62 35.15
CA MET A 452 -2.27 -33.79 34.89
C MET A 452 -3.36 -33.40 33.90
N ASN A 453 -3.14 -33.71 32.63
CA ASN A 453 -4.11 -33.39 31.59
C ASN A 453 -3.97 -34.35 30.40
N TYR A 478 -3.92 -39.15 21.62
CA TYR A 478 -4.13 -39.42 20.20
C TYR A 478 -3.27 -38.51 19.33
N ASN A 479 -2.28 -39.11 18.67
CA ASN A 479 -1.37 -38.38 17.81
C ASN A 479 -1.78 -38.54 16.35
N LYS A 480 -1.24 -37.67 15.50
CA LYS A 480 -1.59 -37.63 14.08
C LYS A 480 -0.74 -38.64 13.33
N ARG A 481 -1.37 -39.70 12.84
CA ARG A 481 -0.65 -40.71 12.08
C ARG A 481 -0.11 -40.13 10.77
N GLY A 482 -0.90 -39.32 10.08
CA GLY A 482 -0.44 -38.76 8.82
C GLY A 482 -1.33 -37.67 8.27
N LYS A 483 -0.72 -36.57 7.83
CA LYS A 483 -1.44 -35.42 7.29
C LYS A 483 -0.96 -35.17 5.87
N LEU A 484 -1.90 -35.10 4.93
CA LEU A 484 -1.60 -34.91 3.53
C LEU A 484 -2.35 -33.69 3.02
N GLN A 485 -1.63 -32.79 2.34
CA GLN A 485 -2.21 -31.63 1.69
C GLN A 485 -1.91 -31.72 0.20
N LEU A 486 -2.92 -31.52 -0.63
CA LEU A 486 -2.76 -31.56 -2.07
C LEU A 486 -3.46 -30.32 -2.64
N THR A 487 -2.68 -29.42 -3.23
CA THR A 487 -3.18 -28.18 -3.78
C THR A 487 -2.94 -28.14 -5.28
N VAL A 488 -4.00 -27.91 -6.05
CA VAL A 488 -3.91 -27.82 -7.50
C VAL A 488 -4.56 -26.50 -7.93
N THR A 489 -3.78 -25.66 -8.61
CA THR A 489 -4.32 -24.42 -9.18
C THR A 489 -4.25 -24.51 -10.70
N GLN A 490 -5.37 -24.20 -11.34
CA GLN A 490 -5.48 -24.29 -12.79
C GLN A 490 -6.13 -23.00 -13.31
N GLN A 491 -5.45 -22.31 -14.21
CA GLN A 491 -5.97 -21.07 -14.77
C GLN A 491 -6.42 -21.30 -16.21
N LEU A 492 -7.64 -20.86 -16.51
CA LEU A 492 -8.22 -21.05 -17.83
C LEU A 492 -8.95 -19.80 -18.28
N GLY A 493 -8.89 -19.55 -19.58
CA GLY A 493 -9.55 -18.40 -20.17
C GLY A 493 -8.93 -17.07 -19.83
N ARG A 494 -7.76 -17.06 -19.20
CA ARG A 494 -7.05 -15.86 -18.77
C ARG A 494 -7.83 -15.18 -17.63
N THR A 495 -9.02 -15.70 -17.33
CA THR A 495 -9.88 -15.12 -16.30
C THR A 495 -10.14 -16.06 -15.15
N SER A 496 -10.64 -17.28 -15.40
CA SER A 496 -11.09 -18.16 -14.35
C SER A 496 -9.91 -18.88 -13.72
N THR A 497 -9.92 -18.98 -12.39
CA THR A 497 -8.83 -19.63 -11.66
C THR A 497 -9.41 -20.66 -10.70
N LEU A 498 -9.35 -21.93 -11.07
CA LEU A 498 -9.78 -23.02 -10.20
C LEU A 498 -8.70 -23.33 -9.17
N TYR A 499 -9.08 -23.27 -7.90
CA TYR A 499 -8.21 -23.68 -6.80
C TYR A 499 -8.85 -24.88 -6.11
N LEU A 500 -8.11 -25.98 -6.03
CA LEU A 500 -8.59 -27.19 -5.37
C LEU A 500 -7.63 -27.54 -4.25
N SER A 501 -8.15 -27.65 -3.04
CA SER A 501 -7.35 -27.96 -1.86
C SER A 501 -7.91 -29.19 -1.18
N GLY A 502 -7.04 -30.14 -0.85
CA GLY A 502 -7.47 -31.34 -0.16
C GLY A 502 -6.58 -31.69 1.01
N SER A 503 -7.14 -31.70 2.21
CA SER A 503 -6.42 -32.07 3.42
C SER A 503 -7.00 -33.39 3.96
N HIS A 504 -6.11 -34.28 4.37
CA HIS A 504 -6.49 -35.64 4.78
C HIS A 504 -5.61 -36.03 5.95
N GLN A 505 -6.19 -36.13 7.14
CA GLN A 505 -5.44 -36.41 8.36
C GLN A 505 -5.97 -37.68 9.02
N THR A 506 -5.05 -38.55 9.42
CA THR A 506 -5.37 -39.78 10.12
C THR A 506 -4.63 -39.81 11.45
N TYR A 507 -5.32 -40.26 12.49
CA TYR A 507 -4.79 -40.28 13.84
C TYR A 507 -4.34 -41.69 14.23
N TRP A 508 -3.93 -41.83 15.49
CA TRP A 508 -3.48 -43.10 16.03
C TRP A 508 -4.58 -43.71 16.88
N GLY A 509 -4.83 -45.01 16.67
CA GLY A 509 -5.90 -45.69 17.38
C GLY A 509 -7.25 -45.40 16.77
N THR A 510 -7.72 -44.16 16.91
CA THR A 510 -8.98 -43.74 16.32
C THR A 510 -8.80 -43.64 14.80
N SER A 511 -9.36 -44.60 14.08
CA SER A 511 -9.24 -44.64 12.62
C SER A 511 -10.06 -43.56 11.92
N ASN A 512 -10.65 -42.62 12.65
CA ASN A 512 -11.41 -41.55 12.01
C ASN A 512 -10.49 -40.67 11.16
N VAL A 513 -11.03 -40.18 10.05
CA VAL A 513 -10.26 -39.44 9.06
C VAL A 513 -10.82 -38.03 8.97
N ASP A 514 -9.95 -37.03 9.04
CA ASP A 514 -10.33 -35.64 8.85
C ASP A 514 -10.07 -35.28 7.39
N GLU A 515 -11.14 -35.11 6.62
CA GLU A 515 -11.06 -34.75 5.22
C GLU A 515 -11.61 -33.35 5.01
N GLN A 516 -10.92 -32.55 4.21
CA GLN A 516 -11.31 -31.17 3.94
C GLN A 516 -11.05 -30.88 2.47
N PHE A 517 -12.12 -30.72 1.70
CA PHE A 517 -12.02 -30.50 0.26
C PHE A 517 -12.62 -29.15 -0.08
N GLN A 518 -11.82 -28.26 -0.68
CA GLN A 518 -12.27 -26.93 -1.05
C GLN A 518 -12.04 -26.72 -2.54
N ALA A 519 -12.99 -26.07 -3.19
CA ALA A 519 -12.92 -25.78 -4.62
C ALA A 519 -13.42 -24.37 -4.85
N GLY A 520 -12.52 -23.46 -5.23
CA GLY A 520 -12.86 -22.09 -5.53
C GLY A 520 -12.68 -21.78 -7.00
N LEU A 521 -13.51 -20.86 -7.51
CA LEU A 521 -13.45 -20.43 -8.90
C LEU A 521 -13.68 -18.93 -8.90
N ASN A 522 -12.64 -18.15 -9.16
CA ASN A 522 -12.75 -16.71 -9.28
C ASN A 522 -12.58 -16.30 -10.74
N THR A 523 -13.42 -15.37 -11.19
CA THR A 523 -13.37 -14.87 -12.55
C THR A 523 -13.55 -13.35 -12.53
N ALA A 524 -12.73 -12.66 -13.32
CA ALA A 524 -12.79 -11.20 -13.44
C ALA A 524 -13.11 -10.87 -14.88
N PHE A 525 -14.40 -10.85 -15.20
CA PHE A 525 -14.89 -10.53 -16.54
C PHE A 525 -15.18 -9.03 -16.60
N GLU A 526 -14.29 -8.27 -17.25
CA GLU A 526 -14.33 -6.81 -17.23
C GLU A 526 -14.41 -6.30 -15.81
N ASP A 527 -15.26 -5.30 -15.57
CA ASP A 527 -15.40 -4.76 -14.22
C ASP A 527 -16.04 -5.75 -13.28
N ILE A 528 -16.94 -6.61 -13.79
CA ILE A 528 -17.64 -7.56 -12.95
C ILE A 528 -16.66 -8.61 -12.45
N ASN A 529 -16.69 -8.89 -11.14
CA ASN A 529 -15.82 -9.88 -10.52
C ASN A 529 -16.69 -10.86 -9.75
N TRP A 530 -16.71 -12.12 -10.15
CA TRP A 530 -17.57 -13.10 -9.50
C TRP A 530 -16.78 -14.32 -9.06
N THR A 531 -17.07 -14.78 -7.85
CA THR A 531 -16.38 -15.88 -7.21
C THR A 531 -17.39 -16.89 -6.70
N LEU A 532 -17.17 -18.17 -7.03
CA LEU A 532 -18.01 -19.26 -6.58
C LEU A 532 -17.14 -20.25 -5.82
N SER A 533 -17.51 -20.54 -4.57
CA SER A 533 -16.70 -21.38 -3.70
C SER A 533 -17.55 -22.52 -3.14
N TYR A 534 -16.92 -23.68 -2.98
CA TYR A 534 -17.56 -24.84 -2.38
C TYR A 534 -16.59 -25.47 -1.40
N SER A 535 -17.11 -25.93 -0.26
CA SER A 535 -16.28 -26.51 0.78
C SER A 535 -16.98 -27.71 1.40
N LEU A 536 -16.19 -28.70 1.80
CA LEU A 536 -16.68 -29.90 2.47
C LEU A 536 -15.69 -30.28 3.55
N THR A 537 -16.21 -30.69 4.71
CA THR A 537 -15.36 -31.01 5.85
C THR A 537 -16.00 -32.17 6.62
N LYS A 538 -15.37 -33.34 6.54
CA LYS A 538 -15.77 -34.51 7.32
C LYS A 538 -14.71 -34.73 8.39
N ASN A 539 -15.02 -34.34 9.63
CA ASN A 539 -14.04 -34.38 10.70
C ASN A 539 -14.22 -35.64 11.54
N ALA A 540 -13.28 -35.86 12.46
CA ALA A 540 -13.27 -37.08 13.26
C ALA A 540 -14.46 -37.11 14.23
N TRP A 541 -14.79 -35.98 14.84
CA TRP A 541 -15.85 -35.95 15.85
C TRP A 541 -17.23 -35.77 15.22
N GLN A 542 -17.52 -36.61 14.23
CA GLN A 542 -18.85 -36.71 13.61
C GLN A 542 -19.42 -35.36 13.23
N LYS A 543 -18.64 -34.62 12.43
CA LYS A 543 -19.08 -33.34 11.91
C LYS A 543 -19.95 -33.48 10.67
N GLY A 544 -20.13 -34.69 10.15
CA GLY A 544 -20.97 -34.88 8.99
C GLY A 544 -20.33 -34.36 7.71
N ARG A 545 -21.20 -34.07 6.74
CA ARG A 545 -20.73 -33.53 5.47
C ARG A 545 -20.16 -32.14 5.63
N ASP A 546 -20.88 -31.27 6.36
CA ASP A 546 -20.47 -29.88 6.58
C ASP A 546 -20.17 -29.19 5.24
N GLN A 547 -21.06 -29.36 4.28
CA GLN A 547 -20.91 -28.72 2.99
C GLN A 547 -21.31 -27.25 3.08
N MET A 548 -20.74 -26.44 2.19
CA MET A 548 -21.04 -25.02 2.13
C MET A 548 -20.78 -24.53 0.72
N LEU A 549 -21.60 -23.59 0.25
CA LEU A 549 -21.42 -22.99 -1.07
C LEU A 549 -21.63 -21.48 -0.95
N ALA A 550 -20.81 -20.72 -1.67
CA ALA A 550 -20.88 -19.27 -1.61
C ALA A 550 -20.71 -18.69 -3.02
N LEU A 551 -21.34 -17.54 -3.24
CA LEU A 551 -21.28 -16.86 -4.54
C LEU A 551 -21.27 -15.37 -4.29
N ASN A 552 -20.15 -14.71 -4.61
CA ASN A 552 -19.98 -13.28 -4.41
C ASN A 552 -19.75 -12.59 -5.74
N VAL A 553 -20.55 -11.58 -6.04
CA VAL A 553 -20.44 -10.81 -7.28
C VAL A 553 -20.26 -9.34 -6.91
N ASN A 554 -19.24 -8.71 -7.50
CA ASN A 554 -18.96 -7.29 -7.31
C ASN A 554 -19.01 -6.59 -8.65
N ILE A 555 -19.83 -5.55 -8.74
CA ILE A 555 -20.03 -4.80 -9.99
C ILE A 555 -19.80 -3.32 -9.72
N PRO A 556 -18.69 -2.75 -10.18
CA PRO A 556 -18.50 -1.30 -10.03
C PRO A 556 -19.48 -0.52 -10.89
N PHE A 557 -19.82 0.68 -10.44
CA PHE A 557 -20.71 1.54 -11.20
C PHE A 557 -20.04 2.15 -12.41
N SER A 558 -18.71 2.10 -12.49
CA SER A 558 -18.01 2.60 -13.65
C SER A 558 -18.30 1.77 -14.89
N HIS A 559 -18.87 0.58 -14.74
CA HIS A 559 -19.28 -0.21 -15.89
C HIS A 559 -20.38 0.50 -16.68
N TRP A 560 -21.16 1.35 -16.02
CA TRP A 560 -22.22 2.13 -16.66
C TRP A 560 -21.91 3.61 -16.77
N LEU A 561 -21.32 4.20 -15.72
CA LEU A 561 -20.94 5.60 -15.78
C LEU A 561 -19.80 5.81 -16.76
N ARG A 562 -19.75 7.01 -17.34
CA ARG A 562 -18.74 7.34 -18.32
C ARG A 562 -17.37 7.48 -17.67
N SER A 563 -16.33 7.51 -18.51
CA SER A 563 -14.96 7.54 -18.02
C SER A 563 -14.67 8.82 -17.23
N ASP A 564 -15.13 9.96 -17.72
CA ASP A 564 -14.85 11.25 -17.10
C ASP A 564 -16.05 11.81 -16.34
N SER A 565 -16.84 10.95 -15.71
CA SER A 565 -18.00 11.41 -14.96
C SER A 565 -17.57 12.20 -13.74
N LYS A 566 -18.26 13.32 -13.50
CA LYS A 566 -17.99 14.16 -12.36
C LYS A 566 -18.78 13.77 -11.12
N SER A 567 -19.71 12.83 -11.24
CA SER A 567 -20.52 12.43 -10.11
C SER A 567 -19.72 11.55 -9.15
N GLN A 568 -20.12 11.56 -7.88
CA GLN A 568 -19.47 10.74 -6.87
C GLN A 568 -19.83 9.26 -7.00
N TRP A 569 -20.81 8.92 -7.85
CA TRP A 569 -21.18 7.52 -8.04
C TRP A 569 -20.10 6.71 -8.72
N ARG A 570 -19.08 7.35 -9.29
CA ARG A 570 -17.99 6.61 -9.91
C ARG A 570 -17.15 5.88 -8.87
N HIS A 571 -17.08 6.41 -7.65
CA HIS A 571 -16.34 5.78 -6.56
C HIS A 571 -17.26 4.90 -5.73
N ALA A 572 -17.89 3.94 -6.38
CA ALA A 572 -18.82 3.05 -5.69
C ALA A 572 -18.92 1.73 -6.44
N SER A 573 -19.44 0.72 -5.74
CA SER A 573 -19.61 -0.60 -6.30
C SER A 573 -20.79 -1.28 -5.61
N ALA A 574 -21.32 -2.30 -6.27
CA ALA A 574 -22.44 -3.08 -5.75
C ALA A 574 -21.99 -4.50 -5.47
N SER A 575 -22.24 -4.98 -4.26
CA SER A 575 -21.82 -6.31 -3.84
C SER A 575 -23.05 -7.16 -3.55
N TYR A 576 -23.00 -8.42 -4.00
CA TYR A 576 -24.10 -9.36 -3.81
C TYR A 576 -23.51 -10.71 -3.41
N SER A 577 -23.87 -11.20 -2.23
CA SER A 577 -23.38 -12.46 -1.71
C SER A 577 -24.55 -13.41 -1.45
N MET A 578 -24.36 -14.67 -1.83
CA MET A 578 -25.38 -15.71 -1.73
C MET A 578 -24.73 -16.95 -1.17
N SER A 579 -25.15 -17.37 0.03
CA SER A 579 -24.53 -18.48 0.72
C SER A 579 -25.57 -19.56 1.00
N HIS A 580 -25.28 -20.78 0.56
CA HIS A 580 -26.07 -21.96 0.86
C HIS A 580 -25.30 -22.84 1.83
N ASP A 581 -26.00 -23.41 2.82
CA ASP A 581 -25.40 -24.40 3.69
C ASP A 581 -25.76 -25.83 3.28
N LEU A 582 -26.33 -26.01 2.09
CA LEU A 582 -26.74 -27.30 1.56
C LEU A 582 -27.77 -27.99 2.47
N ASN A 583 -28.47 -27.22 3.29
CA ASN A 583 -29.51 -27.77 4.17
C ASN A 583 -30.72 -26.86 4.22
N GLY A 584 -30.85 -25.90 3.32
CA GLY A 584 -31.90 -24.90 3.38
C GLY A 584 -31.49 -23.61 4.06
N ARG A 585 -30.35 -23.60 4.76
CA ARG A 585 -29.84 -22.41 5.40
C ARG A 585 -29.30 -21.46 4.33
N MET A 586 -29.97 -20.33 4.13
CA MET A 586 -29.68 -19.41 3.05
C MET A 586 -29.34 -18.04 3.62
N THR A 587 -28.35 -17.40 3.04
CA THR A 587 -27.95 -16.05 3.46
C THR A 587 -27.70 -15.21 2.22
N ASN A 588 -28.56 -14.23 1.97
CA ASN A 588 -28.37 -13.28 0.88
C ASN A 588 -28.00 -11.92 1.46
N LEU A 589 -27.14 -11.20 0.75
CA LEU A 589 -26.74 -9.88 1.23
C LEU A 589 -26.37 -9.02 0.04
N ALA A 590 -27.12 -7.95 -0.18
CA ALA A 590 -26.87 -7.02 -1.27
C ALA A 590 -26.61 -5.64 -0.69
N GLY A 591 -25.63 -4.93 -1.25
CA GLY A 591 -25.33 -3.62 -0.73
C GLY A 591 -24.44 -2.83 -1.65
N VAL A 592 -24.19 -1.58 -1.25
CA VAL A 592 -23.32 -0.67 -1.98
C VAL A 592 -22.27 -0.14 -1.02
N TYR A 593 -21.17 0.35 -1.59
CA TYR A 593 -20.07 0.87 -0.80
C TYR A 593 -19.20 1.72 -1.70
N GLY A 594 -18.40 2.58 -1.07
CA GLY A 594 -17.49 3.42 -1.82
C GLY A 594 -16.97 4.55 -0.97
N THR A 595 -16.51 5.60 -1.65
CA THR A 595 -16.03 6.82 -0.99
C THR A 595 -16.74 8.02 -1.57
N LEU A 596 -16.93 9.05 -0.74
CA LEU A 596 -17.66 10.24 -1.17
C LEU A 596 -16.99 11.53 -0.73
N LEU A 597 -15.71 11.48 -0.39
CA LEU A 597 -14.94 12.68 -0.05
C LEU A 597 -13.91 12.96 -1.14
N GLU A 598 -13.40 14.20 -1.12
CA GLU A 598 -12.46 14.62 -2.15
C GLU A 598 -11.15 13.85 -2.04
N ASP A 599 -10.70 13.57 -0.82
CA ASP A 599 -9.53 12.73 -0.60
C ASP A 599 -9.89 11.25 -0.49
N ASN A 600 -11.16 10.90 -0.69
CA ASN A 600 -11.64 9.52 -0.53
C ASN A 600 -11.40 9.02 0.89
N ASN A 601 -11.48 9.93 1.86
CA ASN A 601 -11.35 9.53 3.25
C ASN A 601 -12.65 8.90 3.77
N LEU A 602 -13.74 9.63 3.67
CA LEU A 602 -15.03 9.15 4.17
C LEU A 602 -15.50 8.01 3.27
N SER A 603 -15.40 6.79 3.78
CA SER A 603 -15.84 5.60 3.07
C SER A 603 -17.14 5.09 3.70
N TYR A 604 -18.14 4.90 2.85
CA TYR A 604 -19.46 4.47 3.27
C TYR A 604 -19.75 3.07 2.76
N SER A 605 -20.54 2.31 3.53
CA SER A 605 -20.92 0.97 3.13
C SER A 605 -22.27 0.66 3.74
N VAL A 606 -23.30 0.54 2.89
CA VAL A 606 -24.66 0.25 3.33
C VAL A 606 -25.10 -1.06 2.67
N GLN A 607 -25.44 -2.05 3.49
CA GLN A 607 -25.79 -3.37 2.99
C GLN A 607 -27.01 -3.90 3.71
N THR A 608 -27.99 -4.39 2.94
CA THR A 608 -29.12 -5.11 3.49
C THR A 608 -28.94 -6.60 3.23
N GLY A 609 -29.63 -7.42 4.02
CA GLY A 609 -29.50 -8.85 3.89
C GLY A 609 -30.69 -9.59 4.44
N TYR A 610 -30.85 -10.81 3.94
CA TYR A 610 -31.96 -11.68 4.33
C TYR A 610 -31.41 -13.06 4.67
N ALA A 611 -31.70 -13.52 5.88
CA ALA A 611 -31.33 -14.85 6.33
C ALA A 611 -32.57 -15.73 6.42
N GLY A 612 -32.53 -16.86 5.77
CA GLY A 612 -33.69 -17.75 5.70
C GLY A 612 -33.34 -19.16 6.12
N GLY A 613 -34.26 -19.78 6.87
CA GLY A 613 -34.09 -21.15 7.31
C GLY A 613 -34.31 -22.15 6.20
N ASN A 617 -36.36 -19.51 10.45
CA ASN A 617 -36.19 -18.08 10.74
C ASN A 617 -36.13 -17.27 9.45
N SER A 618 -36.68 -16.07 9.49
CA SER A 618 -36.67 -15.14 8.35
C SER A 618 -36.27 -13.78 8.89
N GLY A 619 -34.98 -13.42 8.75
CA GLY A 619 -34.49 -12.19 9.31
C GLY A 619 -33.94 -11.20 8.30
N SER A 620 -34.41 -9.96 8.35
CA SER A 620 -33.91 -8.88 7.51
C SER A 620 -33.00 -7.99 8.34
N THR A 621 -31.76 -7.81 7.88
CA THR A 621 -30.74 -7.11 8.64
C THR A 621 -30.13 -6.00 7.80
N GLY A 622 -30.03 -4.81 8.37
CA GLY A 622 -29.34 -3.70 7.76
C GLY A 622 -28.02 -3.42 8.44
N TYR A 623 -27.06 -2.89 7.68
CA TYR A 623 -25.70 -2.73 8.17
C TYR A 623 -25.08 -1.55 7.44
N ALA A 624 -24.94 -0.41 8.12
CA ALA A 624 -24.44 0.81 7.50
C ALA A 624 -23.28 1.37 8.30
N THR A 625 -22.15 1.59 7.63
CA THR A 625 -20.93 2.06 8.28
C THR A 625 -20.30 3.21 7.52
N LEU A 626 -19.71 4.15 8.26
CA LEU A 626 -18.96 5.26 7.71
C LEU A 626 -17.63 5.35 8.44
N ASN A 627 -16.53 5.34 7.68
CA ASN A 627 -15.19 5.43 8.22
C ASN A 627 -14.48 6.64 7.63
N TYR A 628 -14.04 7.55 8.50
CA TYR A 628 -13.38 8.79 8.09
C TYR A 628 -11.94 8.74 8.54
N ARG A 629 -11.01 8.92 7.60
CA ARG A 629 -9.58 8.89 7.86
C ARG A 629 -9.05 10.30 7.67
N GLY A 630 -9.05 11.08 8.75
CA GLY A 630 -8.62 12.46 8.72
C GLY A 630 -7.16 12.64 9.13
N GLY A 631 -6.76 13.90 9.19
CA GLY A 631 -5.42 14.26 9.59
C GLY A 631 -5.15 14.22 11.08
N TYR A 632 -6.19 13.98 11.88
CA TYR A 632 -6.05 13.86 13.32
C TYR A 632 -6.40 12.47 13.86
N GLY A 633 -7.08 11.65 13.08
CA GLY A 633 -7.43 10.32 13.53
C GLY A 633 -8.43 9.69 12.58
N ASN A 634 -8.79 8.46 12.90
CA ASN A 634 -9.78 7.71 12.15
C ASN A 634 -11.01 7.51 13.03
N ALA A 635 -12.17 7.91 12.52
CA ALA A 635 -13.42 7.79 13.26
C ALA A 635 -14.39 6.94 12.45
N ASN A 636 -14.92 5.89 13.07
CA ASN A 636 -15.86 5.01 12.40
C ASN A 636 -17.17 4.94 13.19
N ILE A 637 -18.28 5.00 12.46
CA ILE A 637 -19.62 4.91 13.02
C ILE A 637 -20.39 3.83 12.26
N GLY A 638 -20.94 2.88 13.00
CA GLY A 638 -21.66 1.78 12.38
C GLY A 638 -23.00 1.54 13.06
N TYR A 639 -23.95 1.08 12.25
CA TYR A 639 -25.31 0.82 12.72
C TYR A 639 -25.77 -0.50 12.13
N SER A 640 -26.05 -1.47 12.98
CA SER A 640 -26.51 -2.79 12.57
C SER A 640 -27.91 -3.01 13.14
N HIS A 641 -28.90 -3.08 12.26
CA HIS A 641 -30.29 -3.24 12.64
C HIS A 641 -30.74 -4.66 12.32
N SER A 642 -31.37 -5.32 13.28
CA SER A 642 -31.87 -6.67 13.13
C SER A 642 -33.35 -6.71 13.47
N ASP A 643 -33.90 -7.92 13.58
CA ASP A 643 -35.32 -8.06 13.91
C ASP A 643 -35.62 -7.47 15.28
N ASP A 644 -34.75 -7.72 16.27
CA ASP A 644 -34.93 -7.19 17.61
C ASP A 644 -33.64 -6.69 18.23
N ILE A 645 -32.57 -6.56 17.47
CA ILE A 645 -31.26 -6.15 17.98
C ILE A 645 -30.79 -4.93 17.20
N LYS A 646 -30.40 -3.89 17.92
CA LYS A 646 -29.88 -2.66 17.32
C LYS A 646 -28.52 -2.37 17.93
N GLN A 647 -27.48 -2.44 17.11
CA GLN A 647 -26.11 -2.23 17.57
C GLN A 647 -25.57 -0.94 16.96
N LEU A 648 -24.99 -0.10 17.80
CA LEU A 648 -24.38 1.17 17.38
C LEU A 648 -22.92 1.16 17.80
N TYR A 649 -22.02 1.12 16.82
CA TYR A 649 -20.59 1.14 17.07
C TYR A 649 -20.04 2.53 16.80
N TYR A 650 -19.17 2.99 17.70
CA TYR A 650 -18.47 4.26 17.51
C TYR A 650 -17.04 4.10 17.98
N GLY A 651 -16.09 4.44 17.11
CA GLY A 651 -14.69 4.23 17.45
C GLY A 651 -13.81 5.34 16.91
N VAL A 652 -12.74 5.62 17.65
CA VAL A 652 -11.74 6.60 17.27
C VAL A 652 -10.35 6.01 17.48
N SER A 653 -9.50 6.13 16.47
CA SER A 653 -8.13 5.66 16.52
C SER A 653 -7.20 6.83 16.20
N GLY A 654 -6.04 6.86 16.86
CA GLY A 654 -5.12 7.95 16.61
C GLY A 654 -3.74 7.66 17.18
N GLY A 655 -2.81 8.55 16.86
CA GLY A 655 -1.46 8.42 17.35
C GLY A 655 -0.91 9.78 17.75
N VAL A 656 -0.05 9.77 18.76
CA VAL A 656 0.52 10.97 19.35
C VAL A 656 2.03 10.77 19.45
N LEU A 657 2.78 11.76 18.98
CA LEU A 657 4.24 11.74 19.03
C LEU A 657 4.70 12.93 19.87
N ALA A 658 5.42 12.64 20.94
CA ALA A 658 5.97 13.69 21.81
C ALA A 658 7.42 13.98 21.42
N HIS A 659 7.61 14.36 20.17
CA HIS A 659 8.95 14.61 19.64
C HIS A 659 9.48 15.92 20.23
N ALA A 660 10.67 16.33 19.76
CA ALA A 660 11.32 17.51 20.31
C ALA A 660 10.49 18.77 20.04
N ASN A 661 9.89 18.88 18.86
CA ASN A 661 9.15 20.08 18.47
C ASN A 661 7.67 19.95 18.81
N GLY A 662 7.39 19.67 20.09
CA GLY A 662 6.04 19.62 20.57
C GLY A 662 5.32 18.33 20.23
N VAL A 663 4.04 18.29 20.60
CA VAL A 663 3.21 17.11 20.46
C VAL A 663 2.50 17.15 19.11
N THR A 664 2.58 16.03 18.37
CA THR A 664 1.98 15.93 17.06
C THR A 664 0.96 14.79 17.05
N LEU A 665 -0.26 15.09 16.61
CA LEU A 665 -1.31 14.09 16.49
C LEU A 665 -1.47 13.67 15.03
N GLY A 666 -1.93 12.44 14.85
CA GLY A 666 -2.13 11.95 13.49
C GLY A 666 -2.82 10.62 13.46
N GLN A 667 -2.83 10.02 12.27
CA GLN A 667 -3.46 8.74 12.05
C GLN A 667 -2.76 7.65 12.86
N PRO A 668 -3.45 6.54 13.14
CA PRO A 668 -2.80 5.46 13.88
C PRO A 668 -1.55 4.96 13.16
N LEU A 669 -0.53 4.68 13.94
CA LEU A 669 0.79 4.38 13.40
C LEU A 669 0.94 2.90 13.10
N ASN A 670 1.91 2.58 12.22
CA ASN A 670 2.19 1.21 11.82
C ASN A 670 3.70 1.04 11.78
N ASP A 671 4.26 0.62 12.92
CA ASP A 671 5.70 0.40 13.05
C ASP A 671 6.49 1.65 12.69
N THR A 672 7.17 1.62 11.55
CA THR A 672 7.93 2.77 11.09
C THR A 672 6.99 3.91 10.71
N VAL A 673 7.36 5.13 11.08
CA VAL A 673 6.61 6.33 10.73
C VAL A 673 7.57 7.41 10.28
N VAL A 674 7.05 8.34 9.48
CA VAL A 674 7.81 9.48 8.99
C VAL A 674 7.14 10.74 9.52
N LEU A 675 7.90 11.55 10.23
CA LEU A 675 7.38 12.80 10.79
C LEU A 675 7.67 13.91 9.79
N VAL A 676 6.66 14.27 9.00
CA VAL A 676 6.82 15.37 8.06
C VAL A 676 6.67 16.69 8.81
N LYS A 677 7.69 17.54 8.68
CA LYS A 677 7.77 18.81 9.40
C LYS A 677 7.98 19.92 8.38
N ALA A 678 6.95 20.72 8.15
CA ALA A 678 7.02 21.86 7.25
C ALA A 678 6.43 23.07 7.98
N PRO A 679 7.17 23.65 8.92
CA PRO A 679 6.63 24.76 9.71
C PRO A 679 6.26 25.94 8.82
N GLY A 680 5.14 26.57 9.16
CA GLY A 680 4.62 27.68 8.39
C GLY A 680 3.73 27.31 7.23
N ALA A 681 3.56 26.03 6.96
CA ALA A 681 2.69 25.55 5.87
C ALA A 681 1.55 24.77 6.50
N LYS A 682 0.48 25.48 6.86
CA LYS A 682 -0.66 24.85 7.50
C LYS A 682 -1.58 24.22 6.46
N ASP A 683 -2.10 23.03 6.79
CA ASP A 683 -3.03 22.30 5.94
C ASP A 683 -2.42 22.03 4.57
N ALA A 684 -1.33 21.26 4.58
CA ALA A 684 -0.65 20.83 3.36
C ALA A 684 -0.76 19.32 3.27
N LYS A 685 -1.44 18.84 2.24
CA LYS A 685 -1.65 17.40 2.07
C LYS A 685 -0.42 16.75 1.46
N VAL A 686 -0.05 15.58 2.00
CA VAL A 686 1.07 14.82 1.48
C VAL A 686 0.57 13.88 0.39
N GLU A 687 1.45 13.56 -0.56
CA GLU A 687 1.06 12.77 -1.71
C GLU A 687 1.06 11.28 -1.40
N ASN A 688 0.37 10.53 -2.26
CA ASN A 688 0.31 9.06 -2.24
C ASN A 688 -0.32 8.50 -0.97
N GLN A 689 -0.97 9.33 -0.17
CA GLN A 689 -1.61 8.88 1.06
C GLN A 689 -2.98 9.54 1.20
N THR A 690 -3.88 8.87 1.90
CA THR A 690 -5.26 9.30 2.04
C THR A 690 -5.45 9.97 3.38
N GLY A 691 -5.88 11.23 3.36
CA GLY A 691 -6.22 11.95 4.58
C GLY A 691 -5.07 12.13 5.54
N VAL A 692 -3.90 12.52 5.04
CA VAL A 692 -2.73 12.80 5.87
C VAL A 692 -2.33 14.24 5.58
N ARG A 693 -2.77 15.17 6.44
CA ARG A 693 -2.51 16.59 6.25
C ARG A 693 -1.84 17.16 7.49
N THR A 694 -1.02 18.17 7.27
CA THR A 694 -0.34 18.84 8.37
C THR A 694 -1.33 19.61 9.24
N ASP A 695 -1.03 19.71 10.53
CA ASP A 695 -1.86 20.45 11.46
C ASP A 695 -1.51 21.93 11.39
N TRP A 696 -2.01 22.72 12.35
CA TRP A 696 -1.80 24.15 12.32
C TRP A 696 -0.34 24.54 12.52
N ARG A 697 0.48 23.63 13.05
CA ARG A 697 1.91 23.89 13.22
C ARG A 697 2.76 23.40 12.06
N GLY A 698 2.16 22.68 11.10
CA GLY A 698 2.91 22.12 9.99
C GLY A 698 3.53 20.77 10.24
N TYR A 699 3.16 20.08 11.32
CA TYR A 699 3.71 18.78 11.65
C TYR A 699 2.66 17.70 11.43
N ALA A 700 3.04 16.65 10.72
CA ALA A 700 2.15 15.51 10.53
C ALA A 700 2.97 14.23 10.60
N VAL A 701 2.29 13.11 10.79
CA VAL A 701 2.92 11.81 10.89
C VAL A 701 2.31 10.88 9.85
N LEU A 702 3.17 10.22 9.08
CA LEU A 702 2.71 9.26 8.09
C LEU A 702 2.43 7.92 8.77
N PRO A 703 1.36 7.23 8.38
CA PRO A 703 1.03 5.96 9.03
C PRO A 703 2.10 4.90 8.81
N TYR A 704 2.45 4.61 7.56
CA TYR A 704 3.36 3.53 7.24
C TYR A 704 4.47 4.02 6.32
N ALA A 705 5.68 3.56 6.59
CA ALA A 705 6.83 3.81 5.74
C ALA A 705 7.62 2.52 5.60
N THR A 706 8.03 2.20 4.37
CA THR A 706 8.76 0.96 4.12
C THR A 706 10.14 1.03 4.78
N GLU A 707 10.53 -0.07 5.43
CA GLU A 707 11.76 -0.13 6.19
C GLU A 707 12.95 -0.47 5.29
N TYR A 708 14.08 0.16 5.55
CA TYR A 708 15.32 -0.08 4.82
C TYR A 708 15.13 0.06 3.32
N ARG A 709 14.35 1.06 2.91
CA ARG A 709 14.05 1.26 1.50
C ARG A 709 13.99 2.75 1.20
N GLU A 710 14.07 3.06 -0.09
CA GLU A 710 14.04 4.44 -0.57
C GLU A 710 12.58 4.80 -0.89
N ASN A 711 11.92 5.47 0.05
CA ASN A 711 10.54 5.89 -0.13
C ASN A 711 10.46 7.41 -0.19
N ARG A 712 9.56 7.91 -1.03
CA ARG A 712 9.47 9.33 -1.32
C ARG A 712 8.34 9.96 -0.50
N VAL A 713 8.64 11.09 0.15
CA VAL A 713 7.64 11.87 0.86
C VAL A 713 7.47 13.18 0.10
N ALA A 714 6.31 13.38 -0.51
CA ALA A 714 6.05 14.53 -1.36
C ALA A 714 4.85 15.31 -0.84
N LEU A 715 4.97 16.64 -0.86
CA LEU A 715 3.87 17.51 -0.46
C LEU A 715 3.11 17.97 -1.70
N ASP A 716 1.80 17.77 -1.68
CA ASP A 716 0.95 18.14 -2.82
C ASP A 716 0.89 19.66 -2.91
N THR A 717 1.63 20.21 -3.87
CA THR A 717 1.68 21.66 -4.05
C THR A 717 0.34 22.24 -4.50
N ASN A 718 -0.51 21.42 -5.12
CA ASN A 718 -1.79 21.92 -5.62
C ASN A 718 -2.68 22.37 -4.48
N THR A 719 -2.80 21.56 -3.42
CA THR A 719 -3.64 21.87 -2.28
C THR A 719 -2.85 22.56 -1.16
N LEU A 720 -2.18 23.65 -1.51
CA LEU A 720 -1.35 24.39 -0.56
C LEU A 720 -1.67 25.87 -0.68
N ALA A 721 -1.51 26.58 0.44
CA ALA A 721 -1.85 28.00 0.48
C ALA A 721 -1.00 28.78 -0.52
N ASP A 722 -1.65 29.71 -1.22
CA ASP A 722 -0.96 30.47 -2.26
C ASP A 722 0.10 31.41 -1.69
N ASN A 723 0.08 31.67 -0.39
CA ASN A 723 1.08 32.52 0.25
C ASN A 723 2.34 31.78 0.64
N VAL A 724 2.34 30.46 0.57
CA VAL A 724 3.46 29.63 1.01
C VAL A 724 4.06 28.92 -0.20
N ASP A 725 5.38 29.00 -0.32
CA ASP A 725 6.09 28.30 -1.39
C ASP A 725 7.15 27.41 -0.78
N LEU A 726 7.18 26.14 -1.21
CA LEU A 726 8.12 25.18 -0.68
C LEU A 726 9.42 25.23 -1.46
N ASP A 727 10.55 25.33 -0.76
CA ASP A 727 11.84 25.25 -1.41
C ASP A 727 12.06 23.87 -2.02
N ASN A 728 11.65 22.82 -1.31
CA ASN A 728 11.72 21.45 -1.80
C ASN A 728 10.40 20.77 -1.49
N ALA A 729 9.70 20.31 -2.53
CA ALA A 729 8.41 19.66 -2.36
C ALA A 729 8.53 18.14 -2.26
N VAL A 730 9.72 17.58 -2.39
CA VAL A 730 9.93 16.14 -2.33
C VAL A 730 11.17 15.86 -1.48
N ALA A 731 11.06 14.89 -0.58
CA ALA A 731 12.16 14.48 0.28
C ALA A 731 12.28 12.96 0.28
N ASN A 732 13.47 12.48 0.62
CA ASN A 732 13.78 11.06 0.64
C ASN A 732 14.37 10.69 1.98
N VAL A 733 13.83 9.64 2.60
CA VAL A 733 14.32 9.13 3.87
C VAL A 733 14.48 7.62 3.77
N VAL A 734 15.35 7.06 4.60
CA VAL A 734 15.56 5.63 4.65
C VAL A 734 15.41 5.17 6.10
N PRO A 735 14.20 4.87 6.55
CA PRO A 735 13.98 4.58 7.97
C PRO A 735 14.40 3.18 8.36
N THR A 736 14.77 3.04 9.62
CA THR A 736 15.05 1.74 10.23
C THR A 736 13.75 1.17 10.79
N ARG A 737 13.76 -0.14 11.07
CA ARG A 737 12.59 -0.79 11.61
C ARG A 737 12.18 -0.16 12.93
N GLY A 738 10.90 0.20 13.04
CA GLY A 738 10.39 0.83 14.25
C GLY A 738 11.06 2.14 14.59
N ALA A 739 11.26 3.01 13.59
CA ALA A 739 11.95 4.26 13.79
C ALA A 739 11.12 5.41 13.26
N ILE A 740 11.36 6.61 13.81
CA ILE A 740 10.70 7.83 13.40
C ILE A 740 11.75 8.73 12.77
N VAL A 741 11.59 9.04 11.49
CA VAL A 741 12.55 9.85 10.74
C VAL A 741 11.87 11.16 10.34
N ARG A 742 12.62 12.25 10.46
CA ARG A 742 12.10 13.58 10.15
C ARG A 742 12.40 13.91 8.69
N ALA A 743 11.34 14.13 7.91
CA ALA A 743 11.45 14.59 6.53
C ALA A 743 11.24 16.10 6.56
N GLU A 744 12.31 16.84 6.86
CA GLU A 744 12.19 18.28 7.04
C GLU A 744 11.98 18.99 5.72
N PHE A 745 11.02 19.90 5.69
CA PHE A 745 10.72 20.72 4.52
C PHE A 745 10.85 22.19 4.88
N LYS A 746 11.34 22.98 3.94
CA LYS A 746 11.48 24.43 4.13
C LYS A 746 10.40 25.14 3.33
N ALA A 747 9.63 25.99 4.02
CA ALA A 747 8.51 26.70 3.39
C ALA A 747 8.66 28.20 3.65
N ARG A 748 8.69 28.98 2.59
CA ARG A 748 8.70 30.43 2.68
C ARG A 748 7.27 30.94 2.75
N VAL A 749 7.04 31.91 3.64
CA VAL A 749 5.68 32.35 3.96
C VAL A 749 5.26 33.62 3.24
N GLY A 750 6.20 34.38 2.68
CA GLY A 750 5.86 35.63 2.02
C GLY A 750 5.30 35.43 0.62
N ILE A 751 5.03 36.56 -0.04
CA ILE A 751 4.43 36.51 -1.37
C ILE A 751 5.41 35.97 -2.39
N LYS A 752 4.87 35.56 -3.53
CA LYS A 752 5.67 35.02 -4.63
C LYS A 752 5.88 36.11 -5.67
N LEU A 753 7.16 36.41 -5.96
CA LEU A 753 7.54 37.58 -6.72
C LEU A 753 8.33 37.18 -7.95
N LEU A 754 8.16 37.96 -9.01
CA LEU A 754 8.89 37.77 -10.27
C LEU A 754 9.39 39.13 -10.71
N MET A 755 10.68 39.37 -10.53
CA MET A 755 11.28 40.69 -10.67
C MET A 755 12.15 40.74 -11.91
N THR A 756 11.95 41.77 -12.73
CA THR A 756 12.80 42.02 -13.88
C THR A 756 13.80 43.11 -13.49
N LEU A 757 15.07 42.75 -13.41
CA LEU A 757 16.12 43.66 -12.99
C LEU A 757 17.00 44.02 -14.17
N THR A 758 17.31 45.31 -14.31
CA THR A 758 18.20 45.80 -15.34
C THR A 758 19.28 46.66 -14.72
N HIS A 759 20.50 46.55 -15.25
CA HIS A 759 21.64 47.35 -14.81
C HIS A 759 22.12 48.18 -15.99
N ASN A 760 22.16 49.50 -15.80
CA ASN A 760 22.55 50.43 -16.86
C ASN A 760 21.71 50.22 -18.12
N ASN A 761 20.40 50.06 -17.93
CA ASN A 761 19.45 49.80 -19.00
C ASN A 761 19.80 48.54 -19.78
N LYS A 762 20.36 47.54 -19.09
CA LYS A 762 20.72 46.26 -19.70
C LYS A 762 20.31 45.17 -18.72
N PRO A 763 19.61 44.13 -19.19
CA PRO A 763 19.18 43.07 -18.28
C PRO A 763 20.35 42.36 -17.63
N LEU A 764 20.12 41.88 -16.41
CA LEU A 764 21.18 41.22 -15.66
C LEU A 764 21.62 39.95 -16.38
N PRO A 765 22.91 39.60 -16.31
CA PRO A 765 23.39 38.42 -17.04
C PRO A 765 22.81 37.14 -16.49
N PHE A 766 22.74 36.14 -17.37
CA PHE A 766 22.22 34.83 -17.01
C PHE A 766 23.07 34.20 -15.92
N GLY A 767 22.41 33.50 -14.99
CA GLY A 767 23.08 32.82 -13.92
C GLY A 767 23.39 33.66 -12.70
N ALA A 768 23.08 34.96 -12.73
CA ALA A 768 23.34 35.81 -11.58
C ALA A 768 22.47 35.41 -10.41
N MET A 769 23.02 35.57 -9.21
CA MET A 769 22.34 35.17 -7.98
C MET A 769 21.73 36.41 -7.33
N VAL A 770 20.42 36.37 -7.10
CA VAL A 770 19.68 37.46 -6.47
C VAL A 770 19.26 36.97 -5.08
N THR A 771 19.64 37.72 -4.06
CA THR A 771 19.31 37.33 -2.69
C THR A 771 18.73 38.53 -1.94
N SER A 772 17.86 38.21 -0.99
CA SER A 772 17.21 39.22 -0.15
C SER A 772 17.36 38.78 1.30
N GLU A 773 18.10 39.57 2.07
CA GLU A 773 18.33 39.30 3.49
C GLU A 773 17.17 39.75 4.36
N SER A 774 16.25 40.55 3.82
CA SER A 774 15.11 40.99 4.63
C SER A 774 14.22 39.83 5.04
N SER A 775 14.15 38.79 4.21
CA SER A 775 13.34 37.63 4.53
C SER A 775 14.04 36.32 4.19
N GLN A 776 15.35 36.35 3.93
CA GLN A 776 16.14 35.15 3.64
C GLN A 776 15.58 34.41 2.42
N SER A 777 15.65 35.08 1.28
CA SER A 777 15.17 34.52 0.02
C SER A 777 16.28 34.55 -1.02
N SER A 778 16.24 33.59 -1.94
CA SER A 778 17.28 33.46 -2.96
C SER A 778 16.65 33.03 -4.28
N GLY A 779 17.35 33.36 -5.36
CA GLY A 779 16.92 32.97 -6.69
C GLY A 779 18.02 33.20 -7.69
N ILE A 780 17.81 32.66 -8.89
CA ILE A 780 18.78 32.75 -9.99
C ILE A 780 18.09 33.39 -11.18
N VAL A 781 18.77 34.34 -11.82
CA VAL A 781 18.20 35.07 -12.93
C VAL A 781 18.00 34.13 -14.11
N ALA A 782 16.77 34.09 -14.64
CA ALA A 782 16.46 33.14 -15.71
C ALA A 782 16.87 33.67 -17.08
N ASP A 783 16.27 34.78 -17.51
CA ASP A 783 16.57 35.39 -18.79
C ASP A 783 15.86 36.74 -18.86
N ASN A 784 16.44 37.66 -19.62
CA ASN A 784 15.94 39.04 -19.70
C ASN A 784 15.93 39.70 -18.32
N GLY A 785 16.80 39.25 -17.43
CA GLY A 785 16.83 39.78 -16.08
C GLY A 785 15.69 39.35 -15.20
N GLN A 786 15.00 38.26 -15.56
CA GLN A 786 13.83 37.79 -14.81
C GLN A 786 14.29 36.84 -13.71
N VAL A 787 13.92 37.14 -12.46
CA VAL A 787 14.30 36.35 -11.31
C VAL A 787 13.05 36.02 -10.51
N TYR A 788 13.01 34.83 -9.94
CA TYR A 788 11.89 34.35 -9.14
C TYR A 788 12.29 34.35 -7.67
N LEU A 789 11.44 34.93 -6.82
CA LEU A 789 11.69 34.99 -5.40
C LEU A 789 10.47 34.48 -4.65
N SER A 790 10.72 33.79 -3.55
CA SER A 790 9.66 33.28 -2.68
C SER A 790 9.90 33.77 -1.26
N GLY A 791 8.82 34.12 -0.58
CA GLY A 791 8.93 34.62 0.77
C GLY A 791 9.58 35.99 0.85
N MET A 792 8.89 37.01 0.33
CA MET A 792 9.42 38.36 0.31
C MET A 792 8.44 39.33 0.93
N PRO A 793 8.93 40.38 1.58
CA PRO A 793 8.04 41.38 2.17
C PRO A 793 7.45 42.31 1.11
N LEU A 794 6.44 43.07 1.54
CA LEU A 794 5.74 43.96 0.63
C LEU A 794 6.66 45.08 0.13
N ALA A 795 7.48 45.63 1.02
CA ALA A 795 8.44 46.66 0.65
C ALA A 795 9.83 46.22 1.11
N GLY A 796 10.80 46.32 0.22
CA GLY A 796 12.13 45.86 0.58
C GLY A 796 13.13 46.12 -0.52
N LYS A 797 14.26 45.43 -0.42
CA LYS A 797 15.32 45.54 -1.41
C LYS A 797 16.04 44.21 -1.54
N VAL A 798 16.62 43.98 -2.72
CA VAL A 798 17.36 42.78 -3.04
C VAL A 798 18.75 43.17 -3.54
N GLN A 799 19.64 42.19 -3.58
CA GLN A 799 21.00 42.41 -4.06
C GLN A 799 21.40 41.29 -5.00
N VAL A 800 22.09 41.67 -6.08
CA VAL A 800 22.48 40.74 -7.15
C VAL A 800 23.99 40.66 -7.18
N LYS A 801 24.52 39.44 -7.22
CA LYS A 801 25.96 39.19 -7.30
C LYS A 801 26.22 38.42 -8.59
N TRP A 802 26.39 39.15 -9.69
CA TRP A 802 26.62 38.49 -10.98
C TRP A 802 28.01 37.87 -11.06
N GLY A 803 29.00 38.46 -10.40
CA GLY A 803 30.35 37.94 -10.42
C GLY A 803 31.24 38.53 -9.34
N HIS A 809 27.41 43.70 -7.65
CA HIS A 809 26.87 44.11 -6.37
C HIS A 809 25.71 45.09 -6.52
N CYS A 810 24.60 44.61 -7.08
CA CYS A 810 23.42 45.45 -7.20
C CYS A 810 22.74 45.66 -5.85
N VAL A 811 21.97 46.74 -5.78
CA VAL A 811 20.94 46.94 -4.77
C VAL A 811 19.70 47.46 -5.48
N ALA A 812 18.56 46.85 -5.21
CA ALA A 812 17.32 47.17 -5.94
C ALA A 812 16.18 47.29 -4.94
N ASN A 813 15.60 48.49 -4.88
CA ASN A 813 14.47 48.77 -4.00
C ASN A 813 13.15 48.50 -4.74
N TYR A 814 12.16 48.03 -3.98
CA TYR A 814 10.86 47.73 -4.57
C TYR A 814 9.78 47.85 -3.49
N GLN A 815 8.58 48.16 -3.96
CA GLN A 815 7.39 48.24 -3.11
C GLN A 815 6.22 47.61 -3.87
N LEU A 816 5.29 47.03 -3.12
CA LEU A 816 4.15 46.38 -3.75
C LEU A 816 2.84 46.85 -3.11
N PRO A 817 1.76 46.93 -3.88
CA PRO A 817 0.47 47.32 -3.33
C PRO A 817 -0.22 46.16 -2.64
N PRO A 818 -1.23 46.45 -1.80
CA PRO A 818 -2.00 45.36 -1.19
C PRO A 818 -2.69 44.46 -2.19
N GLU A 819 -3.13 44.98 -3.33
CA GLU A 819 -3.66 44.09 -4.37
C GLU A 819 -2.59 43.11 -4.85
N SER A 820 -1.36 43.57 -4.99
CA SER A 820 -0.27 42.68 -5.37
C SER A 820 0.00 41.64 -4.29
N GLN A 821 -0.04 42.06 -3.01
CA GLN A 821 0.17 41.08 -1.95
C GLN A 821 -0.95 40.06 -1.88
N GLN A 822 -2.17 40.47 -2.24
CA GLN A 822 -3.30 39.53 -2.26
C GLN A 822 -3.26 38.61 -3.47
N GLN A 823 -2.66 39.06 -4.57
CA GLN A 823 -2.57 38.25 -5.77
C GLN A 823 -1.70 37.01 -5.53
N LEU A 824 -1.90 36.00 -6.39
CA LEU A 824 -1.17 34.75 -6.24
C LEU A 824 0.32 34.96 -6.53
N LEU A 825 0.65 35.36 -7.75
CA LEU A 825 2.03 35.65 -8.13
C LEU A 825 2.09 37.09 -8.65
N THR A 826 3.07 37.84 -8.18
CA THR A 826 3.23 39.23 -8.60
C THR A 826 4.43 39.35 -9.53
N GLN A 827 4.33 40.29 -10.48
CA GLN A 827 5.41 40.57 -11.41
C GLN A 827 5.71 42.07 -11.37
N LEU A 828 7.00 42.42 -11.30
CA LEU A 828 7.37 43.82 -11.26
C LEU A 828 8.73 44.00 -11.92
N SER A 829 9.17 45.25 -12.00
CA SER A 829 10.48 45.61 -12.54
C SER A 829 11.21 46.52 -11.57
N ALA A 830 12.50 46.31 -11.40
CA ALA A 830 13.31 47.09 -10.48
C ALA A 830 14.74 47.20 -11.00
N GLU A 831 15.25 48.42 -11.10
CA GLU A 831 16.57 48.68 -11.64
C GLU A 831 17.64 48.56 -10.57
N CYS A 832 18.85 48.18 -10.99
CA CYS A 832 19.99 48.14 -10.09
C CYS A 832 20.43 49.56 -9.74
N ARG A 833 21.53 49.66 -9.01
CA ARG A 833 22.09 50.95 -8.66
C ARG A 833 23.11 51.40 -9.69
N GLY B 2 21.39 12.47 -16.00
CA GLY B 2 20.40 13.06 -16.89
C GLY B 2 19.03 13.17 -16.27
N VAL B 3 18.48 14.39 -16.28
CA VAL B 3 17.17 14.61 -15.66
C VAL B 3 16.08 13.91 -16.45
N ALA B 4 14.97 13.63 -15.76
CA ALA B 4 13.82 12.98 -16.36
C ALA B 4 12.56 13.63 -15.84
N LEU B 5 11.53 13.63 -16.67
CA LEU B 5 10.24 14.20 -16.30
C LEU B 5 9.31 13.12 -15.77
N GLY B 6 8.32 13.55 -14.99
CA GLY B 6 7.40 12.61 -14.39
C GLY B 6 6.52 11.90 -15.41
N ALA B 7 6.06 12.64 -16.43
CA ALA B 7 5.18 12.08 -17.43
C ALA B 7 5.49 12.70 -18.79
N THR B 8 5.14 11.97 -19.84
CA THR B 8 5.34 12.42 -21.21
C THR B 8 4.15 13.21 -21.75
N ARG B 9 3.14 13.46 -20.92
CA ARG B 9 1.92 14.11 -21.37
C ARG B 9 1.22 14.68 -20.15
N VAL B 10 1.19 16.01 -20.02
CA VAL B 10 0.61 16.67 -18.87
C VAL B 10 -0.72 17.26 -19.28
N ILE B 11 -1.78 16.91 -18.56
CA ILE B 11 -3.13 17.37 -18.84
C ILE B 11 -3.51 18.37 -17.76
N TYR B 12 -3.74 19.61 -18.16
CA TYR B 12 -4.09 20.68 -17.24
C TYR B 12 -5.59 20.95 -17.38
N PRO B 13 -6.41 20.58 -16.40
CA PRO B 13 -7.85 20.88 -16.49
C PRO B 13 -8.11 22.37 -16.33
N ALA B 14 -9.21 22.82 -16.93
CA ALA B 14 -9.59 24.22 -16.81
C ALA B 14 -10.15 24.52 -15.43
N GLY B 15 -10.06 25.80 -15.04
CA GLY B 15 -10.57 26.26 -13.78
C GLY B 15 -9.59 26.18 -12.64
N GLN B 16 -8.51 25.41 -12.78
CA GLN B 16 -7.51 25.30 -11.74
C GLN B 16 -6.54 26.48 -11.81
N LYS B 17 -5.55 26.46 -10.93
CA LYS B 17 -4.49 27.46 -10.92
C LYS B 17 -3.10 26.86 -11.09
N GLN B 18 -2.85 25.73 -10.45
CA GLN B 18 -1.52 25.11 -10.42
C GLN B 18 -1.60 23.70 -10.96
N GLU B 19 -0.55 23.30 -11.68
CA GLU B 19 -0.36 21.91 -12.07
C GLU B 19 1.02 21.46 -11.61
N GLN B 20 1.12 20.22 -11.16
CA GLN B 20 2.36 19.69 -10.60
C GLN B 20 3.03 18.76 -11.60
N LEU B 21 4.33 18.99 -11.83
CA LEU B 21 5.11 18.09 -12.67
C LEU B 21 6.45 17.83 -12.00
N ALA B 22 6.84 16.55 -11.90
CA ALA B 22 8.06 16.19 -11.21
C ALA B 22 9.25 16.17 -12.16
N VAL B 23 10.39 16.63 -11.69
CA VAL B 23 11.66 16.51 -12.41
C VAL B 23 12.66 15.82 -11.49
N THR B 24 13.24 14.72 -11.95
CA THR B 24 14.10 13.90 -11.11
C THR B 24 15.47 13.75 -11.74
N ASN B 25 16.48 13.55 -10.89
CA ASN B 25 17.86 13.35 -11.33
C ASN B 25 18.30 11.96 -10.88
N ASN B 26 18.41 11.03 -11.82
CA ASN B 26 18.80 9.67 -11.47
C ASN B 26 20.29 9.54 -11.17
N ASP B 27 21.12 10.37 -11.80
CA ASP B 27 22.56 10.30 -11.57
C ASP B 27 22.90 10.76 -10.16
N GLU B 28 23.74 9.99 -9.46
CA GLU B 28 24.07 10.33 -8.09
C GLU B 28 25.03 11.51 -8.01
N ASN B 29 25.99 11.57 -8.92
CA ASN B 29 27.00 12.63 -8.93
C ASN B 29 26.81 13.45 -10.20
N SER B 30 25.97 14.49 -10.11
CA SER B 30 25.71 15.37 -11.23
C SER B 30 25.09 16.65 -10.72
N THR B 31 25.69 17.79 -11.09
CA THR B 31 25.16 19.10 -10.74
C THR B 31 24.52 19.70 -11.99
N TYR B 32 23.27 20.14 -11.86
CA TYR B 32 22.49 20.59 -13.00
C TYR B 32 21.82 21.91 -12.68
N LEU B 33 21.53 22.68 -13.73
CA LEU B 33 20.66 23.84 -13.66
C LEU B 33 19.47 23.59 -14.57
N ILE B 34 18.28 23.53 -13.98
CA ILE B 34 17.06 23.24 -14.73
C ILE B 34 16.36 24.55 -15.03
N GLN B 35 16.12 24.82 -16.30
CA GLN B 35 15.40 26.00 -16.75
C GLN B 35 14.22 25.54 -17.59
N SER B 36 13.02 25.97 -17.22
CA SER B 36 11.80 25.46 -17.84
C SER B 36 10.90 26.61 -18.26
N TRP B 37 10.12 26.36 -19.31
CA TRP B 37 9.15 27.34 -19.77
C TRP B 37 8.08 26.63 -20.60
N VAL B 38 7.12 27.42 -21.10
CA VAL B 38 5.98 26.90 -21.86
C VAL B 38 5.78 27.76 -23.09
N GLU B 39 5.64 27.11 -24.25
CA GLU B 39 5.40 27.78 -25.51
C GLU B 39 4.06 27.35 -26.08
N ASN B 40 3.55 28.13 -27.02
CA ASN B 40 2.26 27.84 -27.65
C ASN B 40 2.46 26.76 -28.71
N ALA B 41 1.42 26.53 -29.52
CA ALA B 41 1.48 25.47 -30.52
C ALA B 41 2.40 25.81 -31.68
N ASP B 42 2.86 27.05 -31.80
CA ASP B 42 3.71 27.48 -32.89
C ASP B 42 5.18 27.61 -32.49
N GLY B 43 5.55 27.08 -31.32
CA GLY B 43 6.93 27.18 -30.86
C GLY B 43 7.38 28.59 -30.56
N VAL B 44 6.53 29.40 -29.94
CA VAL B 44 6.84 30.78 -29.57
C VAL B 44 6.70 30.90 -28.06
N LYS B 45 7.72 31.44 -27.41
CA LYS B 45 7.68 31.61 -25.97
C LYS B 45 6.49 32.47 -25.57
N ASP B 46 5.75 32.01 -24.56
CA ASP B 46 4.48 32.62 -24.19
C ASP B 46 4.43 32.83 -22.69
N GLY B 47 3.69 33.86 -22.28
CA GLY B 47 3.41 34.14 -20.89
C GLY B 47 2.10 33.60 -20.37
N ARG B 48 1.45 32.71 -21.12
CA ARG B 48 0.16 32.18 -20.69
C ARG B 48 0.31 31.24 -19.50
N PHE B 49 1.42 30.53 -19.41
CA PHE B 49 1.66 29.61 -18.30
C PHE B 49 3.06 29.90 -17.75
N ILE B 50 3.14 30.12 -16.44
CA ILE B 50 4.40 30.46 -15.79
C ILE B 50 4.83 29.26 -14.96
N VAL B 51 5.99 28.70 -15.28
CA VAL B 51 6.49 27.54 -14.55
C VAL B 51 7.40 28.01 -13.44
N THR B 52 7.10 27.59 -12.22
CA THR B 52 7.84 28.02 -11.05
C THR B 52 8.46 26.83 -10.35
N PRO B 53 9.75 26.89 -10.00
CA PRO B 53 10.69 27.97 -10.30
C PRO B 53 11.20 27.90 -11.73
N PRO B 54 11.28 29.03 -12.43
CA PRO B 54 11.72 29.00 -13.82
C PRO B 54 13.12 28.45 -14.00
N LEU B 55 14.01 28.66 -13.04
CA LEU B 55 15.38 28.18 -13.13
C LEU B 55 15.89 27.88 -11.73
N PHE B 56 16.40 26.67 -11.52
CA PHE B 56 16.87 26.28 -10.19
C PHE B 56 18.00 25.29 -10.31
N ALA B 57 18.80 25.20 -9.24
CA ALA B 57 19.98 24.35 -9.21
C ALA B 57 19.66 23.04 -8.49
N MET B 58 19.88 21.93 -9.18
CA MET B 58 19.65 20.60 -8.64
C MET B 58 20.98 19.90 -8.44
N LYS B 59 21.24 19.43 -7.22
CA LYS B 59 22.51 18.82 -6.86
C LYS B 59 22.30 17.35 -6.52
N GLY B 60 23.06 16.48 -7.16
CA GLY B 60 22.99 15.07 -6.86
C GLY B 60 21.68 14.44 -7.30
N LYS B 61 21.37 13.31 -6.67
CA LYS B 61 20.13 12.59 -6.95
C LYS B 61 19.01 13.22 -6.14
N LYS B 62 18.13 13.95 -6.81
CA LYS B 62 17.06 14.67 -6.13
C LYS B 62 15.86 14.78 -7.06
N GLU B 63 14.69 14.93 -6.46
CA GLU B 63 13.44 15.15 -7.19
C GLU B 63 12.82 16.45 -6.73
N ASN B 64 12.46 17.30 -7.69
CA ASN B 64 11.82 18.58 -7.41
C ASN B 64 10.51 18.66 -8.16
N THR B 65 9.70 19.65 -7.78
CA THR B 65 8.37 19.84 -8.34
C THR B 65 8.29 21.19 -9.03
N LEU B 66 7.85 21.18 -10.28
CA LEU B 66 7.56 22.39 -11.02
C LEU B 66 6.06 22.64 -10.97
N ARG B 67 5.68 23.85 -10.57
CA ARG B 67 4.29 24.26 -10.52
C ARG B 67 4.00 25.15 -11.73
N ILE B 68 3.12 24.68 -12.61
CA ILE B 68 2.67 25.46 -13.75
C ILE B 68 1.50 26.31 -13.26
N LEU B 69 1.69 27.62 -13.23
CA LEU B 69 0.67 28.57 -12.80
C LEU B 69 -0.02 29.16 -14.02
N ASP B 70 -1.35 29.19 -13.97
CA ASP B 70 -2.15 29.70 -15.06
C ASP B 70 -2.11 31.23 -15.12
N ALA B 71 -2.23 31.76 -16.35
CA ALA B 71 -2.49 33.19 -16.53
C ALA B 71 -3.44 33.42 -17.70
N THR B 72 -4.26 32.43 -18.06
CA THR B 72 -5.12 32.54 -19.22
C THR B 72 -6.17 33.64 -19.04
N ASN B 73 -6.70 33.79 -17.82
CA ASN B 73 -7.84 34.66 -17.56
C ASN B 73 -9.05 34.25 -18.38
N ASN B 74 -9.19 32.95 -18.64
CA ASN B 74 -10.33 32.37 -19.34
C ASN B 74 -10.50 32.95 -20.75
N GLN B 75 -9.40 33.35 -21.38
CA GLN B 75 -9.45 33.84 -22.75
C GLN B 75 -9.27 32.74 -23.78
N LEU B 76 -8.92 31.53 -23.37
CA LEU B 76 -8.81 30.42 -24.30
C LEU B 76 -10.19 29.86 -24.63
N PRO B 77 -10.35 29.27 -25.81
CA PRO B 77 -11.64 28.65 -26.15
C PRO B 77 -11.97 27.51 -25.20
N GLN B 78 -13.25 27.40 -24.86
CA GLN B 78 -13.75 26.36 -23.98
C GLN B 78 -14.43 25.22 -24.73
N ASP B 79 -14.29 25.18 -26.06
CA ASP B 79 -14.92 24.15 -26.87
C ASP B 79 -14.01 22.97 -27.16
N ARG B 80 -12.71 23.20 -27.32
CA ARG B 80 -11.78 22.14 -27.68
C ARG B 80 -10.53 22.27 -26.82
N GLU B 81 -9.73 21.20 -26.82
CA GLU B 81 -8.46 21.22 -26.10
C GLU B 81 -7.49 22.19 -26.76
N SER B 82 -6.62 22.77 -25.94
CA SER B 82 -5.56 23.63 -26.42
C SER B 82 -4.20 22.96 -26.17
N LEU B 83 -3.29 23.11 -27.12
CA LEU B 83 -1.99 22.44 -27.07
C LEU B 83 -0.91 23.44 -26.75
N PHE B 84 -0.04 23.08 -25.79
CA PHE B 84 1.15 23.85 -25.47
C PHE B 84 2.32 22.89 -25.33
N TRP B 85 3.53 23.42 -25.48
CA TRP B 85 4.74 22.62 -25.35
C TRP B 85 5.49 23.08 -24.11
N MET B 86 5.71 22.18 -23.16
CA MET B 86 6.46 22.46 -21.95
C MET B 86 7.88 21.99 -22.15
N ASN B 87 8.84 22.92 -22.06
CA ASN B 87 10.25 22.63 -22.29
C ASN B 87 11.01 22.69 -20.98
N VAL B 88 11.82 21.66 -20.74
CA VAL B 88 12.72 21.62 -19.59
C VAL B 88 14.14 21.40 -20.12
N LYS B 89 15.04 22.31 -19.80
CA LYS B 89 16.41 22.30 -20.30
C LYS B 89 17.36 22.13 -19.12
N ALA B 90 18.26 21.16 -19.22
CA ALA B 90 19.17 20.80 -18.13
C ALA B 90 20.59 21.17 -18.52
N ILE B 91 21.04 22.34 -18.05
CA ILE B 91 22.41 22.79 -18.27
C ILE B 91 23.33 22.05 -17.32
N PRO B 92 24.37 21.38 -17.81
CA PRO B 92 25.26 20.62 -16.91
C PRO B 92 26.35 21.50 -16.30
N SER B 93 25.95 22.31 -15.33
CA SER B 93 26.89 23.21 -14.66
C SER B 93 27.84 22.42 -13.76
N ASN B 102 39.87 20.88 -24.82
CA ASN B 102 38.65 21.33 -25.48
C ASN B 102 37.55 20.28 -25.39
N THR B 103 36.32 20.73 -25.20
CA THR B 103 35.19 19.81 -25.03
C THR B 103 33.90 20.61 -25.21
N LEU B 104 32.96 20.05 -25.97
CA LEU B 104 31.66 20.69 -26.15
C LEU B 104 30.67 20.11 -25.15
N GLN B 105 29.91 20.98 -24.50
CA GLN B 105 28.92 20.58 -23.52
C GLN B 105 27.54 20.52 -24.16
N LEU B 106 26.74 19.55 -23.76
CA LEU B 106 25.41 19.33 -24.31
C LEU B 106 24.36 19.66 -23.26
N ALA B 107 23.42 20.53 -23.61
CA ALA B 107 22.29 20.85 -22.77
C ALA B 107 21.05 20.16 -23.35
N ILE B 108 20.40 19.33 -22.55
CA ILE B 108 19.28 18.52 -23.02
C ILE B 108 17.99 19.29 -22.80
N ILE B 109 17.20 19.42 -23.86
CA ILE B 109 15.85 19.97 -23.78
C ILE B 109 14.87 18.84 -24.02
N SER B 110 13.93 18.69 -23.08
CA SER B 110 12.83 17.76 -23.22
C SER B 110 11.54 18.55 -23.37
N ARG B 111 10.79 18.25 -24.43
CA ARG B 111 9.52 18.91 -24.71
C ARG B 111 8.39 17.93 -24.52
N ILE B 112 7.42 18.28 -23.68
CA ILE B 112 6.26 17.45 -23.44
C ILE B 112 5.01 18.25 -23.82
N LYS B 113 3.91 17.52 -23.95
CA LYS B 113 2.66 18.10 -24.45
C LYS B 113 1.76 18.45 -23.27
N LEU B 114 1.41 19.73 -23.17
CA LEU B 114 0.50 20.25 -22.14
C LEU B 114 -0.85 20.48 -22.79
N TYR B 115 -1.86 19.75 -22.32
CA TYR B 115 -3.21 19.83 -22.86
C TYR B 115 -4.07 20.67 -21.93
N TYR B 116 -4.32 21.91 -22.31
CA TYR B 116 -5.32 22.72 -21.60
C TYR B 116 -6.68 22.16 -21.98
N ARG B 117 -7.30 21.43 -21.05
CA ARG B 117 -8.54 20.70 -21.33
C ARG B 117 -9.70 21.39 -20.64
N PRO B 118 -10.66 21.94 -21.39
CA PRO B 118 -11.84 22.54 -20.75
C PRO B 118 -12.59 21.53 -19.90
N ALA B 119 -13.17 22.03 -18.80
CA ALA B 119 -13.77 21.15 -17.81
C ALA B 119 -14.94 20.37 -18.39
N LYS B 120 -15.80 21.02 -19.17
CA LYS B 120 -16.99 20.40 -19.74
C LYS B 120 -16.76 20.15 -21.22
N LEU B 121 -16.83 18.89 -21.62
CA LEU B 121 -16.68 18.50 -23.01
C LEU B 121 -17.79 17.53 -23.40
N ALA B 122 -18.20 17.60 -24.67
CA ALA B 122 -19.34 16.81 -25.13
C ALA B 122 -19.02 15.33 -25.26
N LEU B 123 -17.74 14.95 -25.26
CA LEU B 123 -17.38 13.57 -25.49
C LEU B 123 -16.34 13.13 -24.46
N PRO B 124 -16.50 11.94 -23.88
CA PRO B 124 -15.48 11.41 -22.97
C PRO B 124 -14.23 11.03 -23.73
N PRO B 125 -13.07 11.01 -23.07
CA PRO B 125 -11.82 10.69 -23.79
C PRO B 125 -11.79 9.29 -24.38
N ASP B 126 -12.59 8.35 -23.86
CA ASP B 126 -12.55 6.99 -24.36
C ASP B 126 -13.02 6.92 -25.81
N GLN B 127 -14.16 7.52 -26.12
CA GLN B 127 -14.74 7.42 -27.45
C GLN B 127 -14.00 8.24 -28.49
N ALA B 128 -13.05 9.09 -28.08
CA ALA B 128 -12.36 9.94 -29.04
C ALA B 128 -11.40 9.14 -29.92
N ALA B 129 -10.92 8.00 -29.42
CA ALA B 129 -9.94 7.22 -30.18
C ALA B 129 -10.59 6.56 -31.40
N GLU B 130 -11.80 6.03 -31.25
CA GLU B 130 -12.42 5.26 -32.32
C GLU B 130 -12.98 6.16 -33.42
N LYS B 131 -13.38 7.38 -33.10
CA LYS B 131 -14.09 8.24 -34.06
C LYS B 131 -13.09 9.10 -34.84
N LEU B 132 -12.20 8.41 -35.54
CA LEU B 132 -11.27 9.03 -36.48
C LEU B 132 -11.57 8.49 -37.87
N ARG B 133 -11.67 9.38 -38.84
CA ARG B 133 -12.01 8.99 -40.20
C ARG B 133 -10.82 9.23 -41.12
N PHE B 134 -10.73 8.40 -42.17
CA PHE B 134 -9.64 8.46 -43.13
C PHE B 134 -10.21 8.80 -44.51
N ARG B 135 -9.72 9.88 -45.10
CA ARG B 135 -10.04 10.26 -46.46
C ARG B 135 -8.80 9.99 -47.31
N ARG B 136 -8.87 8.94 -48.13
CA ARG B 136 -7.76 8.54 -48.96
C ARG B 136 -7.94 9.09 -50.37
N SER B 137 -6.81 9.44 -51.01
CA SER B 137 -6.81 9.94 -52.37
C SER B 137 -5.41 9.72 -52.92
N ALA B 138 -5.12 10.34 -54.07
CA ALA B 138 -3.78 10.27 -54.63
C ALA B 138 -2.78 10.93 -53.69
N ASN B 139 -1.72 10.19 -53.35
CA ASN B 139 -0.65 10.62 -52.44
C ASN B 139 -1.17 11.40 -51.24
N SER B 140 -2.25 10.92 -50.62
CA SER B 140 -2.81 11.59 -49.45
C SER B 140 -3.70 10.62 -48.70
N LEU B 141 -3.54 10.59 -47.38
CA LEU B 141 -4.32 9.73 -46.48
C LEU B 141 -4.87 10.55 -45.32
N THR B 142 -5.54 11.66 -45.65
CA THR B 142 -5.86 12.67 -44.66
C THR B 142 -6.71 12.09 -43.53
N LEU B 143 -6.47 12.60 -42.32
CA LEU B 143 -7.15 12.14 -41.11
C LEU B 143 -8.09 13.23 -40.64
N ILE B 144 -9.37 12.90 -40.51
CA ILE B 144 -10.38 13.80 -39.97
C ILE B 144 -10.70 13.37 -38.55
N ASN B 145 -10.69 14.32 -37.62
CA ASN B 145 -10.97 14.05 -36.21
C ASN B 145 -12.13 14.90 -35.75
N PRO B 146 -13.37 14.45 -35.93
CA PRO B 146 -14.52 15.21 -35.44
C PRO B 146 -14.53 15.41 -33.94
N THR B 147 -13.92 14.48 -33.19
CA THR B 147 -13.93 14.57 -31.74
C THR B 147 -13.14 15.78 -31.27
N PRO B 148 -13.55 16.42 -30.18
CA PRO B 148 -12.82 17.57 -29.63
C PRO B 148 -11.65 17.15 -28.73
N TYR B 149 -10.68 16.48 -29.32
CA TYR B 149 -9.50 16.03 -28.60
C TYR B 149 -8.32 15.97 -29.55
N TYR B 150 -7.14 16.31 -29.05
CA TYR B 150 -5.92 16.22 -29.83
C TYR B 150 -5.49 14.75 -29.92
N LEU B 151 -5.48 14.21 -31.13
CA LEU B 151 -5.28 12.78 -31.33
C LEU B 151 -3.88 12.49 -31.84
N THR B 152 -3.22 11.54 -31.22
CA THR B 152 -1.85 11.15 -31.58
C THR B 152 -1.90 9.77 -32.21
N VAL B 153 -1.80 9.70 -33.53
CA VAL B 153 -1.87 8.45 -34.26
C VAL B 153 -0.46 7.91 -34.45
N THR B 154 -0.23 6.67 -34.04
CA THR B 154 1.09 6.05 -34.06
C THR B 154 1.07 4.78 -34.91
N GLU B 155 2.17 4.57 -35.64
CA GLU B 155 2.31 3.49 -36.61
C GLU B 155 1.04 3.30 -37.44
N LEU B 156 0.72 4.35 -38.20
CA LEU B 156 -0.38 4.31 -39.16
C LEU B 156 0.04 3.44 -40.34
N ASN B 157 -0.37 2.17 -40.32
CA ASN B 157 0.00 1.22 -41.37
C ASN B 157 -1.09 1.21 -42.44
N ALA B 158 -0.69 1.43 -43.68
CA ALA B 158 -1.61 1.34 -44.82
C ALA B 158 -1.46 -0.03 -45.48
N GLY B 159 -1.88 -1.05 -44.74
CA GLY B 159 -1.81 -2.41 -45.22
C GLY B 159 -0.53 -3.13 -44.83
N THR B 160 0.61 -2.72 -45.43
CA THR B 160 1.87 -3.39 -45.16
C THR B 160 3.02 -2.42 -44.92
N ARG B 161 2.77 -1.11 -44.89
CA ARG B 161 3.83 -0.13 -44.73
C ARG B 161 3.39 0.96 -43.76
N VAL B 162 4.32 1.36 -42.89
CA VAL B 162 4.08 2.46 -41.97
C VAL B 162 4.28 3.77 -42.69
N LEU B 163 3.45 4.77 -42.38
CA LEU B 163 3.61 6.06 -43.04
C LEU B 163 4.46 7.01 -42.20
N GLU B 164 3.93 7.41 -41.04
CA GLU B 164 4.65 8.18 -40.03
C GLU B 164 3.68 8.44 -38.88
N ASN B 165 4.22 9.03 -37.81
CA ASN B 165 3.39 9.48 -36.70
C ASN B 165 2.62 10.72 -37.11
N ALA B 166 1.40 10.85 -36.58
CA ALA B 166 0.55 11.99 -36.91
C ALA B 166 -0.05 12.59 -35.65
N LEU B 167 -0.28 13.90 -35.68
CA LEU B 167 -0.97 14.61 -34.61
C LEU B 167 -2.12 15.39 -35.24
N VAL B 168 -3.35 14.92 -35.02
CA VAL B 168 -4.53 15.51 -35.64
C VAL B 168 -5.19 16.43 -34.62
N PRO B 169 -5.38 17.70 -34.93
CA PRO B 169 -6.05 18.62 -34.00
C PRO B 169 -7.54 18.33 -33.94
N PRO B 170 -8.21 18.75 -32.86
CA PRO B 170 -9.65 18.52 -32.77
C PRO B 170 -10.40 19.25 -33.89
N MET B 171 -11.42 18.57 -34.41
CA MET B 171 -12.21 19.09 -35.53
C MET B 171 -11.32 19.49 -36.70
N GLY B 172 -10.26 18.70 -36.92
CA GLY B 172 -9.24 19.05 -37.88
C GLY B 172 -8.99 17.92 -38.87
N GLU B 173 -8.35 18.30 -39.98
CA GLU B 173 -8.03 17.41 -41.08
C GLU B 173 -6.51 17.46 -41.30
N SER B 174 -5.79 16.57 -40.65
CA SER B 174 -4.36 16.48 -40.86
C SER B 174 -4.06 15.77 -42.18
N THR B 175 -2.90 16.08 -42.76
CA THR B 175 -2.51 15.55 -44.06
C THR B 175 -1.26 14.69 -43.89
N VAL B 176 -1.27 13.52 -44.55
CA VAL B 176 -0.13 12.62 -44.58
C VAL B 176 0.04 12.10 -46.00
N LYS B 177 1.26 12.14 -46.51
CA LYS B 177 1.54 11.63 -47.85
C LYS B 177 1.48 10.11 -47.87
N LEU B 178 1.05 9.55 -48.99
CA LEU B 178 0.85 8.11 -49.13
C LEU B 178 1.47 7.64 -50.43
N PRO B 179 2.44 6.72 -50.40
CA PRO B 179 2.88 6.08 -51.65
C PRO B 179 1.75 5.28 -52.28
N SER B 180 1.75 5.23 -53.60
CA SER B 180 0.66 4.57 -54.33
C SER B 180 0.69 3.05 -54.16
N ASP B 181 1.79 2.48 -53.68
CA ASP B 181 1.89 1.03 -53.54
C ASP B 181 1.17 0.50 -52.30
N ALA B 182 0.66 1.37 -51.43
CA ALA B 182 0.03 0.94 -50.20
C ALA B 182 -1.29 0.22 -50.49
N GLY B 183 -1.66 -0.68 -49.58
CA GLY B 183 -2.90 -1.42 -49.69
C GLY B 183 -4.10 -0.62 -49.22
N SER B 184 -5.28 -1.23 -49.39
CA SER B 184 -6.52 -0.56 -49.01
C SER B 184 -6.72 -0.57 -47.50
N ASN B 185 -6.34 -1.65 -46.83
CA ASN B 185 -6.55 -1.75 -45.39
C ASN B 185 -5.68 -0.75 -44.64
N ILE B 186 -6.27 -0.11 -43.64
CA ILE B 186 -5.57 0.88 -42.83
C ILE B 186 -5.73 0.51 -41.36
N THR B 187 -4.62 0.38 -40.65
CA THR B 187 -4.62 0.04 -39.23
C THR B 187 -3.82 1.08 -38.48
N TYR B 188 -4.28 1.45 -37.29
CA TYR B 188 -3.61 2.45 -36.47
C TYR B 188 -3.86 2.15 -35.00
N ARG B 189 -3.34 3.03 -34.15
CA ARG B 189 -3.61 3.00 -32.72
C ARG B 189 -3.17 4.30 -32.07
N THR B 190 -4.06 4.92 -31.30
CA THR B 190 -3.81 6.22 -30.70
C THR B 190 -3.26 6.06 -29.28
N ILE B 191 -2.56 7.10 -28.83
CA ILE B 191 -2.01 7.12 -27.48
C ILE B 191 -3.04 7.74 -26.53
N ASN B 192 -3.31 7.05 -25.43
CA ASN B 192 -4.32 7.49 -24.48
C ASN B 192 -3.70 8.50 -23.52
N ASP B 193 -4.42 8.80 -22.44
CA ASP B 193 -3.98 9.84 -21.49
C ASP B 193 -2.66 9.45 -20.84
N TYR B 194 -2.57 8.23 -20.31
CA TYR B 194 -1.44 7.85 -19.49
C TYR B 194 -0.16 7.59 -20.28
N GLY B 195 -0.23 7.58 -21.61
CA GLY B 195 0.94 7.36 -22.44
C GLY B 195 1.03 5.98 -23.04
N ALA B 196 0.19 5.04 -22.59
CA ALA B 196 0.19 3.71 -23.18
C ALA B 196 -0.37 3.76 -24.61
N LEU B 197 -0.43 2.61 -25.25
CA LEU B 197 -0.96 2.49 -26.60
C LEU B 197 -2.27 1.73 -26.58
N THR B 198 -3.31 2.33 -27.13
CA THR B 198 -4.58 1.64 -27.28
C THR B 198 -4.39 0.46 -28.23
N PRO B 199 -5.03 -0.68 -27.99
CA PRO B 199 -4.92 -1.81 -28.91
C PRO B 199 -5.34 -1.41 -30.31
N LYS B 200 -4.69 -2.01 -31.30
CA LYS B 200 -4.81 -1.55 -32.68
C LYS B 200 -6.24 -1.62 -33.19
N MET B 201 -6.69 -0.52 -33.81
CA MET B 201 -7.96 -0.47 -34.52
C MET B 201 -7.73 -0.41 -36.03
N THR B 202 -8.80 -0.64 -36.77
CA THR B 202 -8.84 -0.39 -38.20
C THR B 202 -9.53 0.93 -38.49
N GLY B 203 -9.24 1.49 -39.65
CA GLY B 203 -9.78 2.78 -40.02
C GLY B 203 -10.69 2.73 -41.23
N VAL B 204 -11.92 3.20 -41.07
CA VAL B 204 -12.88 3.18 -42.17
C VAL B 204 -12.61 4.35 -43.11
N MET B 205 -13.21 4.32 -44.29
CA MET B 205 -12.98 5.33 -45.31
C MET B 205 -13.98 6.48 -45.24
N GLU B 206 -14.85 6.49 -44.23
CA GLU B 206 -15.88 7.52 -44.13
C GLU B 206 -15.29 8.88 -43.74
N ALA C 3 -48.79 -1.38 59.83
CA ALA C 3 -49.92 -1.90 60.59
C ALA C 3 -50.23 -3.34 60.21
N THR C 4 -50.49 -3.57 58.93
CA THR C 4 -50.84 -4.89 58.41
C THR C 4 -49.82 -5.34 57.38
N THR C 5 -49.35 -6.58 57.51
CA THR C 5 -48.38 -7.16 56.59
C THR C 5 -49.03 -8.35 55.90
N VAL C 6 -49.21 -8.23 54.58
CA VAL C 6 -49.84 -9.30 53.81
C VAL C 6 -48.88 -9.76 52.72
N ASN C 7 -49.22 -10.88 52.07
CA ASN C 7 -48.33 -11.52 51.10
C ASN C 7 -48.86 -11.33 49.69
N GLY C 8 -47.99 -10.91 48.78
CA GLY C 8 -48.33 -10.75 47.39
C GLY C 8 -48.04 -12.01 46.59
N GLY C 9 -47.80 -11.82 45.30
CA GLY C 9 -47.51 -12.95 44.43
C GLY C 9 -46.04 -13.27 44.33
N THR C 10 -45.58 -13.63 43.13
CA THR C 10 -44.20 -13.96 42.89
C THR C 10 -43.70 -13.19 41.67
N VAL C 11 -42.38 -13.02 41.61
CA VAL C 11 -41.72 -12.39 40.47
C VAL C 11 -40.78 -13.41 39.86
N HIS C 12 -40.99 -13.73 38.58
CA HIS C 12 -40.23 -14.75 37.87
C HIS C 12 -39.24 -14.07 36.93
N PHE C 13 -37.95 -14.27 37.19
CA PHE C 13 -36.88 -13.69 36.39
C PHE C 13 -36.47 -14.69 35.32
N LYS C 14 -36.48 -14.24 34.06
CA LYS C 14 -36.10 -15.08 32.92
C LYS C 14 -34.91 -14.47 32.22
N GLY C 15 -33.87 -15.26 32.03
CA GLY C 15 -32.66 -14.76 31.38
C GLY C 15 -31.76 -15.90 30.98
N GLU C 16 -30.59 -15.53 30.48
CA GLU C 16 -29.60 -16.53 30.04
C GLU C 16 -28.24 -15.85 29.92
N VAL C 17 -27.26 -16.38 30.62
CA VAL C 17 -25.88 -15.88 30.52
C VAL C 17 -25.20 -16.58 29.36
N VAL C 18 -24.71 -15.80 28.40
CA VAL C 18 -24.15 -16.33 27.16
C VAL C 18 -22.80 -15.69 26.89
N ASN C 19 -21.81 -16.51 26.56
CA ASN C 19 -20.53 -16.04 26.06
C ASN C 19 -20.61 -15.90 24.54
N ALA C 20 -20.40 -14.69 24.05
CA ALA C 20 -20.61 -14.37 22.64
C ALA C 20 -19.33 -14.57 21.84
N ALA C 21 -19.50 -15.08 20.62
CA ALA C 21 -18.40 -15.22 19.67
C ALA C 21 -18.15 -13.87 18.99
N CYS C 22 -17.33 -13.86 17.95
CA CYS C 22 -17.01 -12.63 17.25
C CYS C 22 -16.93 -12.87 15.76
N ALA C 23 -17.02 -11.79 15.00
CA ALA C 23 -16.95 -11.82 13.54
C ALA C 23 -16.17 -10.58 13.09
N VAL C 24 -16.22 -10.31 11.78
CA VAL C 24 -15.52 -9.15 11.23
C VAL C 24 -16.16 -7.87 11.75
N ASP C 25 -15.33 -6.87 12.03
CA ASP C 25 -15.83 -5.60 12.55
C ASP C 25 -16.66 -4.88 11.49
N ALA C 26 -17.65 -4.13 11.95
CA ALA C 26 -18.48 -3.34 11.05
C ALA C 26 -17.63 -2.30 10.34
N GLY C 27 -17.79 -2.22 9.01
CA GLY C 27 -17.00 -1.33 8.20
C GLY C 27 -15.75 -1.93 7.62
N SER C 28 -15.27 -3.03 8.19
CA SER C 28 -14.12 -3.76 7.65
C SER C 28 -14.53 -4.88 6.72
N VAL C 29 -15.84 -5.06 6.49
CA VAL C 29 -16.30 -6.09 5.56
C VAL C 29 -15.86 -5.75 4.14
N ASP C 30 -16.33 -4.62 3.62
CA ASP C 30 -15.93 -4.13 2.31
C ASP C 30 -14.91 -3.01 2.50
N GLN C 31 -13.69 -3.21 2.02
CA GLN C 31 -12.63 -2.25 2.24
C GLN C 31 -12.03 -1.80 0.91
N THR C 32 -11.56 -0.55 0.89
CA THR C 32 -10.86 0.01 -0.27
C THR C 32 -9.52 0.58 0.17
N VAL C 33 -8.49 0.32 -0.63
CA VAL C 33 -7.13 0.76 -0.33
C VAL C 33 -6.57 1.46 -1.56
N GLN C 34 -6.09 2.69 -1.38
CA GLN C 34 -5.52 3.48 -2.46
C GLN C 34 -4.01 3.29 -2.46
N LEU C 35 -3.51 2.56 -3.46
CA LEU C 35 -2.08 2.29 -3.55
C LEU C 35 -1.30 3.52 -4.00
N GLY C 36 -1.94 4.40 -4.77
CA GLY C 36 -1.28 5.61 -5.21
C GLY C 36 -0.78 5.55 -6.64
N GLN C 37 0.29 6.29 -6.93
CA GLN C 37 0.85 6.37 -8.27
C GLN C 37 2.24 5.75 -8.27
N VAL C 38 2.49 4.84 -9.21
CA VAL C 38 3.77 4.17 -9.35
C VAL C 38 4.21 4.34 -10.81
N ARG C 39 5.52 4.28 -11.02
CA ARG C 39 6.11 4.55 -12.32
C ARG C 39 6.74 3.30 -12.91
N THR C 40 6.87 3.30 -14.24
CA THR C 40 7.52 2.18 -14.93
C THR C 40 8.97 2.04 -14.51
N ALA C 41 9.61 3.14 -14.10
CA ALA C 41 10.97 3.04 -13.56
C ALA C 41 10.99 2.17 -12.32
N SER C 42 10.00 2.35 -11.43
CA SER C 42 9.90 1.47 -10.27
C SER C 42 9.54 0.05 -10.66
N LEU C 43 8.59 -0.11 -11.59
CA LEU C 43 8.16 -1.43 -12.07
C LEU C 43 8.50 -1.53 -13.56
N ALA C 44 9.75 -1.88 -13.86
CA ALA C 44 10.20 -2.05 -15.22
C ALA C 44 10.62 -3.47 -15.58
N GLN C 45 10.82 -4.35 -14.61
CA GLN C 45 11.25 -5.71 -14.88
C GLN C 45 10.59 -6.66 -13.89
N GLU C 46 10.61 -7.94 -14.23
CA GLU C 46 9.94 -8.95 -13.43
C GLU C 46 10.51 -9.00 -12.03
N GLY C 47 9.61 -9.05 -11.04
CA GLY C 47 10.01 -9.08 -9.65
C GLY C 47 10.07 -7.73 -8.97
N ALA C 48 10.04 -6.64 -9.73
CA ALA C 48 10.09 -5.31 -9.13
C ALA C 48 8.81 -5.04 -8.36
N THR C 49 8.97 -4.45 -7.17
CA THR C 49 7.86 -4.17 -6.28
C THR C 49 7.85 -2.70 -5.89
N SER C 50 6.66 -2.17 -5.68
CA SER C 50 6.49 -0.76 -5.31
C SER C 50 6.48 -0.65 -3.78
N SER C 51 6.16 0.55 -3.29
CA SER C 51 6.09 0.79 -1.85
C SER C 51 4.80 0.20 -1.30
N ALA C 52 4.92 -0.57 -0.22
CA ALA C 52 3.76 -1.21 0.37
C ALA C 52 2.89 -0.20 1.10
N VAL C 53 1.57 -0.44 1.05
CA VAL C 53 0.58 0.39 1.72
C VAL C 53 -0.13 -0.46 2.76
N GLY C 54 -0.17 0.02 4.00
CA GLY C 54 -0.73 -0.77 5.07
C GLY C 54 -2.24 -0.67 5.15
N PHE C 55 -2.85 -1.74 5.65
CA PHE C 55 -4.28 -1.76 5.93
C PHE C 55 -4.56 -2.87 6.93
N ASN C 56 -5.53 -2.64 7.80
CA ASN C 56 -5.81 -3.57 8.90
C ASN C 56 -7.22 -4.13 8.79
N ILE C 57 -7.37 -5.36 9.25
CA ILE C 57 -8.67 -6.02 9.38
C ILE C 57 -9.01 -6.11 10.86
N GLN C 58 -10.20 -5.65 11.21
CA GLN C 58 -10.59 -5.52 12.61
C GLN C 58 -11.66 -6.54 12.97
N LEU C 59 -11.57 -7.05 14.20
CA LEU C 59 -12.56 -7.97 14.75
C LEU C 59 -12.98 -7.44 16.12
N ASN C 60 -14.27 -7.53 16.42
CA ASN C 60 -14.81 -6.98 17.66
C ASN C 60 -15.55 -8.05 18.43
N ASP C 61 -15.53 -7.91 19.76
CA ASP C 61 -16.18 -8.84 20.69
C ASP C 61 -15.55 -10.22 20.66
N CYS C 62 -14.23 -10.30 20.46
CA CYS C 62 -13.52 -11.57 20.47
C CYS C 62 -13.07 -11.90 21.88
N ASP C 63 -13.35 -13.11 22.33
CA ASP C 63 -12.98 -13.58 23.65
C ASP C 63 -11.91 -14.66 23.54
N THR C 64 -10.98 -14.66 24.50
CA THR C 64 -9.89 -15.63 24.47
C THR C 64 -10.38 -17.05 24.68
N ASN C 65 -11.43 -17.24 25.48
CA ASN C 65 -11.92 -18.58 25.77
C ASN C 65 -12.54 -19.24 24.55
N VAL C 66 -13.36 -18.49 23.80
CA VAL C 66 -14.07 -19.09 22.66
C VAL C 66 -13.11 -19.34 21.50
N ALA C 67 -12.12 -18.47 21.31
CA ALA C 67 -11.19 -18.59 20.19
C ALA C 67 -9.87 -17.96 20.57
N SER C 68 -8.85 -18.81 20.76
CA SER C 68 -7.53 -18.31 21.15
C SER C 68 -6.80 -17.65 19.98
N LYS C 69 -6.85 -18.24 18.80
CA LYS C 69 -6.10 -17.77 17.65
C LYS C 69 -6.99 -17.68 16.43
N ALA C 70 -6.57 -16.83 15.49
CA ALA C 70 -7.33 -16.63 14.25
C ALA C 70 -6.37 -16.26 13.13
N ALA C 71 -6.84 -16.46 11.90
CA ALA C 71 -6.07 -16.13 10.71
C ALA C 71 -7.04 -15.93 9.55
N VAL C 72 -6.52 -15.34 8.47
CA VAL C 72 -7.33 -15.04 7.29
C VAL C 72 -6.66 -15.63 6.07
N ALA C 73 -7.46 -15.84 5.03
CA ALA C 73 -6.97 -16.33 3.74
C ALA C 73 -7.64 -15.55 2.63
N PHE C 74 -6.85 -15.05 1.68
CA PHE C 74 -7.35 -14.23 0.59
C PHE C 74 -7.59 -15.08 -0.65
N LEU C 75 -8.75 -14.90 -1.26
CA LEU C 75 -9.12 -15.60 -2.48
C LEU C 75 -9.24 -14.58 -3.62
N GLY C 76 -8.57 -14.86 -4.73
CA GLY C 76 -8.56 -13.93 -5.83
C GLY C 76 -8.23 -14.61 -7.14
N THR C 77 -7.89 -13.80 -8.13
CA THR C 77 -7.53 -14.26 -9.47
C THR C 77 -6.05 -14.03 -9.70
N ALA C 78 -5.37 -15.07 -10.19
CA ALA C 78 -3.96 -14.96 -10.52
C ALA C 78 -3.80 -14.60 -11.99
N ILE C 79 -2.84 -13.71 -12.27
CA ILE C 79 -2.59 -13.29 -13.65
C ILE C 79 -2.13 -14.47 -14.50
N ASP C 80 -1.25 -15.31 -13.96
CA ASP C 80 -0.84 -16.53 -14.62
C ASP C 80 -0.59 -17.61 -13.59
N ALA C 81 -0.63 -18.86 -14.04
CA ALA C 81 -0.44 -19.98 -13.14
C ALA C 81 0.93 -19.94 -12.46
N GLY C 82 1.92 -19.35 -13.13
CA GLY C 82 3.23 -19.23 -12.51
C GLY C 82 3.22 -18.32 -11.30
N HIS C 83 2.57 -17.17 -11.40
CA HIS C 83 2.46 -16.23 -10.28
C HIS C 83 1.07 -16.38 -9.66
N THR C 84 0.96 -17.37 -8.76
CA THR C 84 -0.30 -17.60 -8.05
C THR C 84 -0.42 -16.78 -6.78
N ASN C 85 0.64 -16.08 -6.38
CA ASN C 85 0.62 -15.29 -5.16
C ASN C 85 0.38 -13.80 -5.42
N VAL C 86 -0.02 -13.44 -6.64
CA VAL C 86 -0.36 -12.06 -6.98
C VAL C 86 -1.78 -12.03 -7.55
N LEU C 87 -2.45 -10.90 -7.37
CA LEU C 87 -3.80 -10.73 -7.86
C LEU C 87 -3.79 -10.38 -9.34
N ALA C 88 -4.98 -10.15 -9.90
CA ALA C 88 -5.14 -9.77 -11.29
C ALA C 88 -5.99 -8.52 -11.37
N LEU C 89 -5.52 -7.53 -12.13
CA LEU C 89 -6.24 -6.28 -12.27
C LEU C 89 -7.33 -6.40 -13.33
N GLN C 90 -8.46 -5.74 -13.09
CA GLN C 90 -9.59 -5.80 -14.01
C GLN C 90 -9.43 -4.79 -15.13
N SER C 91 -9.94 -5.17 -16.30
CA SER C 91 -9.90 -4.28 -17.45
C SER C 91 -10.83 -3.10 -17.24
N SER C 92 -10.43 -1.95 -17.79
CA SER C 92 -11.20 -0.73 -17.68
C SER C 92 -11.43 -0.15 -19.07
N ALA C 93 -12.50 0.63 -19.20
CA ALA C 93 -12.82 1.25 -20.48
C ALA C 93 -11.72 2.22 -20.91
N ALA C 94 -11.22 3.03 -19.98
CA ALA C 94 -10.15 3.96 -20.31
C ALA C 94 -8.87 3.23 -20.69
N GLY C 95 -8.54 2.16 -19.97
CA GLY C 95 -7.34 1.40 -20.25
C GLY C 95 -6.77 0.75 -19.00
N SER C 96 -6.36 -0.50 -19.11
CA SER C 96 -5.84 -1.26 -17.99
C SER C 96 -4.34 -1.48 -18.15
N ALA C 97 -3.61 -1.39 -17.05
CA ALA C 97 -2.17 -1.64 -17.08
C ALA C 97 -1.89 -3.09 -17.45
N THR C 98 -0.76 -3.30 -18.12
CA THR C 98 -0.37 -4.62 -18.59
C THR C 98 0.86 -5.10 -17.83
N ASN C 99 0.87 -6.39 -17.51
CA ASN C 99 1.98 -7.03 -16.80
C ASN C 99 2.21 -6.39 -15.43
N VAL C 100 1.16 -6.34 -14.63
CA VAL C 100 1.25 -5.84 -13.27
C VAL C 100 0.08 -6.43 -12.49
N GLY C 101 0.25 -6.55 -11.18
CA GLY C 101 -0.79 -7.09 -10.33
C GLY C 101 -0.56 -6.64 -8.90
N VAL C 102 -1.48 -7.04 -8.03
CA VAL C 102 -1.48 -6.66 -6.63
C VAL C 102 -1.08 -7.87 -5.79
N GLN C 103 -0.23 -7.65 -4.81
CA GLN C 103 0.26 -8.69 -3.92
C GLN C 103 -0.03 -8.28 -2.47
N ILE C 104 -0.23 -9.28 -1.62
CA ILE C 104 -0.56 -9.05 -0.22
C ILE C 104 0.48 -9.72 0.65
N LEU C 105 0.99 -8.98 1.63
CA LEU C 105 2.03 -9.44 2.54
C LEU C 105 1.45 -9.64 3.93
N ASP C 106 2.30 -10.08 4.86
CA ASP C 106 1.90 -10.30 6.24
C ASP C 106 2.75 -9.47 7.20
N ARG C 107 2.57 -9.69 8.50
CA ARG C 107 3.44 -9.05 9.49
C ARG C 107 4.87 -9.53 9.35
N THR C 108 5.07 -10.73 8.80
CA THR C 108 6.40 -11.29 8.59
C THR C 108 7.01 -10.91 7.25
N GLY C 109 6.28 -10.18 6.42
CA GLY C 109 6.81 -9.78 5.12
C GLY C 109 6.77 -10.85 4.06
N ALA C 110 6.03 -11.93 4.27
CA ALA C 110 5.93 -13.01 3.31
C ALA C 110 4.64 -12.89 2.49
N ALA C 111 4.72 -13.33 1.24
CA ALA C 111 3.56 -13.29 0.36
C ALA C 111 2.54 -14.33 0.78
N LEU C 112 1.32 -14.17 0.25
CA LEU C 112 0.21 -15.09 0.53
C LEU C 112 -0.26 -15.73 -0.76
N THR C 113 -0.44 -17.04 -0.73
CA THR C 113 -1.09 -17.74 -1.83
C THR C 113 -2.56 -17.34 -1.88
N LEU C 114 -3.04 -16.98 -3.07
CA LEU C 114 -4.40 -16.48 -3.23
C LEU C 114 -5.44 -17.59 -3.25
N ASP C 115 -5.09 -18.81 -2.84
CA ASP C 115 -6.08 -19.87 -2.76
C ASP C 115 -7.00 -19.64 -1.56
N GLY C 116 -8.14 -20.33 -1.58
CA GLY C 116 -9.12 -20.18 -0.51
C GLY C 116 -8.80 -20.95 0.75
N ALA C 117 -7.71 -21.73 0.75
CA ALA C 117 -7.36 -22.55 1.91
C ALA C 117 -6.03 -22.19 2.55
N THR C 118 -5.16 -21.47 1.84
CA THR C 118 -3.86 -21.11 2.39
C THR C 118 -4.03 -19.93 3.32
N PHE C 119 -4.13 -20.21 4.62
CA PHE C 119 -4.31 -19.17 5.62
C PHE C 119 -2.96 -18.54 5.97
N SER C 120 -3.04 -17.37 6.62
CA SER C 120 -1.84 -16.62 6.99
C SER C 120 -1.34 -17.09 8.36
N SER C 121 -0.39 -16.35 8.92
CA SER C 121 0.18 -16.71 10.20
C SER C 121 -0.82 -16.46 11.34
N GLU C 122 -0.77 -17.33 12.34
CA GLU C 122 -1.67 -17.22 13.48
C GLU C 122 -1.33 -15.99 14.32
N THR C 123 -2.34 -15.48 15.03
CA THR C 123 -2.17 -14.34 15.91
C THR C 123 -2.90 -14.60 17.22
N THR C 124 -2.43 -13.94 18.28
CA THR C 124 -3.07 -14.05 19.59
C THR C 124 -4.25 -13.10 19.67
N LEU C 125 -5.39 -13.60 20.15
CA LEU C 125 -6.61 -12.82 20.23
C LEU C 125 -6.69 -12.15 21.61
N ASN C 126 -6.60 -10.82 21.61
CA ASN C 126 -6.88 -10.07 22.83
C ASN C 126 -8.39 -10.05 23.09
N ASN C 127 -8.75 -9.92 24.36
CA ASN C 127 -10.16 -9.90 24.75
C ASN C 127 -10.80 -8.61 24.23
N GLY C 128 -11.61 -8.72 23.19
CA GLY C 128 -12.27 -7.57 22.61
C GLY C 128 -11.81 -7.23 21.21
N THR C 129 -11.46 -5.97 20.98
CA THR C 129 -11.04 -5.54 19.66
C THR C 129 -9.66 -6.10 19.32
N ASN C 130 -9.53 -6.64 18.11
CA ASN C 130 -8.27 -7.17 17.63
C ASN C 130 -8.05 -6.76 16.19
N THR C 131 -6.88 -6.19 15.90
CA THR C 131 -6.55 -5.72 14.56
C THR C 131 -5.40 -6.53 14.00
N ILE C 132 -5.57 -7.03 12.78
CA ILE C 132 -4.56 -7.79 12.07
C ILE C 132 -4.05 -6.94 10.91
N PRO C 133 -2.76 -6.58 10.87
CA PRO C 133 -2.25 -5.74 9.80
C PRO C 133 -1.83 -6.54 8.57
N PHE C 134 -1.86 -5.86 7.42
CA PHE C 134 -1.45 -6.44 6.15
C PHE C 134 -0.94 -5.31 5.26
N GLN C 135 -0.21 -5.69 4.21
CA GLN C 135 0.43 -4.74 3.32
C GLN C 135 0.07 -5.08 1.88
N ALA C 136 -0.35 -4.08 1.12
CA ALA C 136 -0.63 -4.25 -0.30
C ALA C 136 0.51 -3.67 -1.11
N ARG C 137 0.90 -4.37 -2.17
CA ARG C 137 2.08 -4.04 -2.94
C ARG C 137 1.80 -4.27 -4.41
N TYR C 138 2.60 -3.62 -5.26
CA TYR C 138 2.54 -3.82 -6.70
C TYR C 138 3.62 -4.81 -7.12
N PHE C 139 3.24 -5.78 -7.94
CA PHE C 139 4.17 -6.80 -8.44
C PHE C 139 4.10 -6.79 -9.96
N ALA C 140 5.24 -6.57 -10.61
CA ALA C 140 5.31 -6.47 -12.06
C ALA C 140 5.94 -7.73 -12.63
N THR C 141 5.27 -8.34 -13.61
CA THR C 141 5.79 -9.49 -14.33
C THR C 141 6.24 -9.00 -15.70
N GLY C 142 7.47 -8.50 -15.76
CA GLY C 142 7.96 -7.89 -16.97
C GLY C 142 7.73 -6.39 -16.98
N ALA C 143 7.94 -5.80 -18.16
CA ALA C 143 7.72 -4.37 -18.32
C ALA C 143 6.25 -4.05 -18.09
N ALA C 144 6.00 -3.00 -17.29
CA ALA C 144 4.65 -2.63 -16.90
C ALA C 144 4.22 -1.41 -17.69
N THR C 145 3.26 -1.59 -18.60
CA THR C 145 2.72 -0.47 -19.35
C THR C 145 1.89 0.41 -18.43
N PRO C 146 1.86 1.71 -18.67
CA PRO C 146 1.09 2.62 -17.81
C PRO C 146 -0.41 2.41 -17.99
N GLY C 147 -1.15 2.74 -16.94
CA GLY C 147 -2.60 2.60 -16.97
C GLY C 147 -3.17 2.71 -15.57
N ALA C 148 -4.38 2.17 -15.42
CA ALA C 148 -5.07 2.13 -14.14
C ALA C 148 -5.19 0.69 -13.67
N ALA C 149 -4.75 0.44 -12.45
CA ALA C 149 -4.73 -0.91 -11.87
C ALA C 149 -5.75 -0.97 -10.75
N ASN C 150 -6.78 -1.79 -10.93
CA ASN C 150 -7.80 -2.03 -9.91
C ASN C 150 -7.99 -3.53 -9.78
N ALA C 151 -7.91 -4.04 -8.55
CA ALA C 151 -8.04 -5.47 -8.31
C ALA C 151 -8.87 -5.67 -7.04
N ASP C 152 -9.48 -6.85 -6.95
CA ASP C 152 -10.34 -7.21 -5.83
C ASP C 152 -9.90 -8.55 -5.25
N ALA C 153 -10.13 -8.71 -3.95
CA ALA C 153 -9.79 -9.95 -3.27
C ALA C 153 -10.82 -10.24 -2.18
N THR C 154 -11.15 -11.52 -2.00
CA THR C 154 -12.09 -11.97 -1.00
C THR C 154 -11.34 -12.71 0.09
N PHE C 155 -11.58 -12.34 1.34
CA PHE C 155 -10.88 -12.90 2.48
C PHE C 155 -11.86 -13.55 3.45
N LYS C 156 -11.47 -14.71 3.98
CA LYS C 156 -12.26 -15.44 4.97
C LYS C 156 -11.40 -15.68 6.21
N VAL C 157 -12.06 -15.68 7.37
CA VAL C 157 -11.38 -15.79 8.66
C VAL C 157 -11.74 -17.10 9.31
N GLN C 158 -10.74 -17.77 9.90
CA GLN C 158 -10.94 -18.98 10.67
C GLN C 158 -10.48 -18.75 12.11
N TYR C 159 -11.19 -19.37 13.05
CA TYR C 159 -10.89 -19.23 14.46
C TYR C 159 -10.45 -20.57 15.03
N GLN C 160 -9.41 -20.53 15.87
CA GLN C 160 -8.88 -21.74 16.49
C GLN C 160 -9.00 -21.68 18.01
N VAL D 6 -16.13 -16.86 10.94
CA VAL D 6 -16.03 -17.99 10.03
C VAL D 6 -15.94 -17.48 8.59
N ASN D 7 -16.56 -16.33 8.34
CA ASN D 7 -16.55 -15.71 7.02
C ASN D 7 -16.24 -14.23 7.16
N GLY D 8 -15.73 -13.65 6.08
CA GLY D 8 -15.37 -12.25 6.02
C GLY D 8 -16.03 -11.55 4.85
N GLY D 9 -15.34 -10.55 4.33
CA GLY D 9 -15.85 -9.78 3.21
C GLY D 9 -14.89 -9.72 2.03
N THR D 10 -14.61 -8.51 1.56
CA THR D 10 -13.71 -8.32 0.43
C THR D 10 -12.97 -6.99 0.56
N VAL D 11 -11.79 -6.95 -0.04
CA VAL D 11 -10.95 -5.76 -0.05
C VAL D 11 -10.50 -5.50 -1.49
N HIS D 12 -10.54 -4.22 -1.88
CA HIS D 12 -10.21 -3.81 -3.23
C HIS D 12 -9.05 -2.81 -3.19
N PHE D 13 -8.24 -2.83 -4.23
CA PHE D 13 -7.07 -1.95 -4.35
C PHE D 13 -7.21 -1.10 -5.60
N LYS D 14 -7.08 0.21 -5.43
CA LYS D 14 -7.18 1.16 -6.53
C LYS D 14 -5.89 1.94 -6.64
N GLY D 15 -5.35 2.05 -7.85
CA GLY D 15 -4.10 2.75 -8.05
C GLY D 15 -3.88 3.07 -9.50
N GLU D 16 -2.83 3.84 -9.76
CA GLU D 16 -2.49 4.27 -11.10
C GLU D 16 -1.02 3.98 -11.38
N VAL D 17 -0.74 3.51 -12.59
CA VAL D 17 0.63 3.35 -13.08
C VAL D 17 0.83 4.33 -14.22
N VAL D 18 1.78 5.25 -14.05
CA VAL D 18 1.97 6.36 -14.98
C VAL D 18 3.32 6.20 -15.67
N ASN D 19 3.34 6.49 -16.98
CA ASN D 19 4.56 6.43 -17.74
C ASN D 19 5.51 7.54 -17.31
N ALA D 20 6.81 7.29 -17.49
CA ALA D 20 7.85 8.25 -17.13
C ALA D 20 8.68 8.59 -18.37
N ALA D 21 9.03 9.85 -18.49
CA ALA D 21 9.86 10.29 -19.62
C ALA D 21 11.27 9.75 -19.49
N CYS D 22 11.93 9.58 -20.63
CA CYS D 22 13.25 8.97 -20.66
C CYS D 22 14.30 9.89 -20.06
N ALA D 23 15.25 9.29 -19.36
CA ALA D 23 16.41 10.01 -18.85
C ALA D 23 17.51 9.99 -19.89
N VAL D 24 17.99 11.17 -20.27
CA VAL D 24 18.92 11.33 -21.38
C VAL D 24 20.33 11.51 -20.82
N ASP D 25 21.23 10.63 -21.25
CA ASP D 25 22.65 10.74 -20.89
C ASP D 25 23.45 10.94 -22.17
N ALA D 26 24.29 11.98 -22.19
CA ALA D 26 25.03 12.36 -23.38
C ALA D 26 26.51 12.06 -23.16
N GLY D 27 26.97 10.93 -23.72
CA GLY D 27 28.38 10.60 -23.65
C GLY D 27 28.86 10.38 -22.23
N SER D 28 29.93 11.07 -21.87
CA SER D 28 30.55 10.92 -20.56
C SER D 28 29.78 11.73 -19.53
N VAL D 29 30.36 11.88 -18.34
CA VAL D 29 29.70 12.63 -17.28
C VAL D 29 29.61 14.11 -17.65
N ASP D 30 28.66 14.80 -17.00
CA ASP D 30 28.42 16.23 -17.23
C ASP D 30 28.06 16.53 -18.67
N GLN D 31 27.56 15.52 -19.39
CA GLN D 31 27.17 15.65 -20.80
C GLN D 31 28.31 16.24 -21.64
N THR D 32 29.52 15.75 -21.40
CA THR D 32 30.72 16.23 -22.07
C THR D 32 31.31 15.14 -22.94
N VAL D 33 31.69 15.51 -24.16
CA VAL D 33 32.37 14.61 -25.09
C VAL D 33 33.71 15.25 -25.46
N GLN D 34 34.79 14.48 -25.33
CA GLN D 34 36.12 14.99 -25.61
C GLN D 34 36.38 15.01 -27.11
N LEU D 35 37.20 15.97 -27.54
CA LEU D 35 37.61 16.09 -28.93
C LEU D 35 39.11 16.30 -29.01
N GLY D 36 39.69 15.91 -30.15
CA GLY D 36 41.10 16.10 -30.35
C GLY D 36 41.47 17.55 -30.55
N GLN D 37 42.73 17.86 -30.29
CA GLN D 37 43.23 19.22 -30.44
C GLN D 37 43.25 19.63 -31.90
N VAL D 38 43.05 20.93 -32.14
CA VAL D 38 43.04 21.45 -33.50
C VAL D 38 44.46 21.42 -34.07
N ARG D 39 44.59 20.99 -35.32
CA ARG D 39 45.86 20.96 -36.01
C ARG D 39 45.93 22.15 -36.96
N THR D 40 46.89 23.05 -36.71
CA THR D 40 47.01 24.25 -37.53
C THR D 40 47.33 23.91 -38.98
N ALA D 41 48.24 22.96 -39.19
CA ALA D 41 48.60 22.56 -40.56
C ALA D 41 47.42 21.90 -41.25
N SER D 42 46.68 21.04 -40.54
CA SER D 42 45.57 20.32 -41.15
C SER D 42 44.42 21.26 -41.51
N LEU D 43 44.10 22.19 -40.61
CA LEU D 43 42.96 23.09 -40.81
C LEU D 43 43.42 24.29 -41.64
N ALA D 44 43.34 24.15 -42.96
CA ALA D 44 43.77 25.20 -43.87
C ALA D 44 42.63 25.72 -44.74
N GLN D 45 41.89 24.84 -45.40
CA GLN D 45 40.85 25.21 -46.36
C GLN D 45 39.48 24.95 -45.75
N GLU D 46 38.43 25.37 -46.47
CA GLU D 46 37.07 25.17 -46.01
C GLU D 46 36.76 23.68 -45.84
N GLY D 47 37.20 22.85 -46.78
CA GLY D 47 36.95 21.43 -46.71
C GLY D 47 37.82 20.66 -45.74
N ALA D 48 38.79 21.32 -45.12
CA ALA D 48 39.66 20.65 -44.15
C ALA D 48 38.85 20.22 -42.94
N THR D 49 39.07 18.97 -42.50
CA THR D 49 38.36 18.42 -41.34
C THR D 49 39.36 17.92 -40.31
N SER D 50 38.88 17.22 -39.30
CA SER D 50 39.73 16.68 -38.25
C SER D 50 39.32 15.24 -37.98
N SER D 51 39.87 14.66 -36.91
CA SER D 51 39.48 13.33 -36.50
C SER D 51 38.04 13.33 -36.01
N ALA D 52 37.29 12.31 -36.43
CA ALA D 52 35.87 12.21 -36.11
C ALA D 52 35.70 11.46 -34.79
N VAL D 53 35.42 12.20 -33.71
CA VAL D 53 35.20 11.59 -32.42
C VAL D 53 33.71 11.30 -32.25
N GLY D 54 33.37 10.03 -32.05
CA GLY D 54 31.98 9.61 -31.95
C GLY D 54 31.55 9.47 -30.51
N PHE D 55 30.30 9.86 -30.24
CA PHE D 55 29.71 9.70 -28.92
C PHE D 55 28.32 9.09 -29.09
N ASN D 56 27.68 8.80 -27.96
CA ASN D 56 26.35 8.21 -28.00
C ASN D 56 25.48 8.85 -26.93
N ILE D 57 24.18 8.87 -27.19
CA ILE D 57 23.19 9.39 -26.27
C ILE D 57 22.25 8.25 -25.89
N GLN D 58 22.11 8.01 -24.60
CA GLN D 58 21.32 6.91 -24.07
C GLN D 58 20.03 7.44 -23.47
N LEU D 59 18.91 6.85 -23.88
CA LEU D 59 17.61 7.18 -23.29
C LEU D 59 17.21 6.04 -22.38
N ASN D 60 17.68 6.11 -21.14
CA ASN D 60 17.49 5.03 -20.18
C ASN D 60 16.36 5.35 -19.21
N ASP D 61 16.06 4.38 -18.35
CA ASP D 61 15.00 4.50 -17.33
C ASP D 61 13.64 4.78 -17.97
N CYS D 62 13.40 4.18 -19.13
CA CYS D 62 12.11 4.32 -19.79
C CYS D 62 11.90 3.14 -20.73
N ASP D 63 10.64 2.93 -21.08
CA ASP D 63 10.29 1.83 -21.98
C ASP D 63 10.79 2.09 -23.39
N THR D 64 11.14 1.02 -24.09
CA THR D 64 11.57 1.15 -25.48
C THR D 64 10.48 1.71 -26.38
N ASN D 65 9.20 1.44 -26.08
CA ASN D 65 8.12 1.96 -26.92
C ASN D 65 8.06 3.48 -26.86
N VAL D 66 8.08 4.06 -25.66
CA VAL D 66 8.06 5.51 -25.54
C VAL D 66 9.38 6.10 -26.03
N ALA D 67 10.49 5.40 -25.79
CA ALA D 67 11.78 5.91 -26.21
C ALA D 67 11.88 6.02 -27.73
N SER D 68 11.36 5.03 -28.46
CA SER D 68 11.52 5.02 -29.91
C SER D 68 10.64 6.04 -30.61
N LYS D 69 9.59 6.54 -29.95
CA LYS D 69 8.67 7.49 -30.56
C LYS D 69 9.03 8.93 -30.27
N ALA D 70 10.16 9.19 -29.61
CA ALA D 70 10.56 10.53 -29.22
C ALA D 70 11.40 11.16 -30.33
N ALA D 71 10.91 12.24 -30.91
CA ALA D 71 11.65 12.93 -31.95
C ALA D 71 12.92 13.55 -31.39
N VAL D 72 13.91 13.71 -32.27
CA VAL D 72 15.25 14.15 -31.88
C VAL D 72 15.70 15.29 -32.77
N ALA D 73 16.35 16.29 -32.18
CA ALA D 73 16.86 17.41 -32.95
C ALA D 73 18.08 18.00 -32.26
N PHE D 74 18.89 18.72 -33.03
CA PHE D 74 20.04 19.45 -32.53
C PHE D 74 19.90 20.91 -32.89
N LEU D 75 20.27 21.80 -31.96
CA LEU D 75 20.21 23.23 -32.23
C LEU D 75 21.35 23.94 -31.53
N GLY D 76 21.43 25.25 -31.76
CA GLY D 76 22.50 26.06 -31.21
C GLY D 76 22.67 27.32 -32.05
N THR D 77 23.90 27.83 -32.06
CA THR D 77 24.25 29.02 -32.82
C THR D 77 25.22 28.66 -33.94
N ALA D 78 25.03 29.28 -35.10
CA ALA D 78 25.86 29.05 -36.27
C ALA D 78 26.88 30.16 -36.42
N ILE D 79 28.11 29.80 -36.77
CA ILE D 79 29.19 30.79 -36.88
C ILE D 79 28.92 31.74 -38.03
N ASP D 80 28.45 31.22 -39.17
CA ASP D 80 28.16 32.04 -40.34
C ASP D 80 26.85 31.59 -40.96
N ALA D 81 26.24 32.49 -41.73
CA ALA D 81 24.99 32.17 -42.40
C ALA D 81 25.18 31.03 -43.40
N GLY D 82 26.29 31.06 -44.14
CA GLY D 82 26.57 29.97 -45.07
C GLY D 82 26.85 28.65 -44.36
N HIS D 83 27.56 28.71 -43.23
CA HIS D 83 27.88 27.51 -42.46
C HIS D 83 26.74 27.22 -41.49
N THR D 84 25.64 26.71 -42.06
CA THR D 84 24.45 26.42 -41.27
C THR D 84 24.69 25.24 -40.34
N ASN D 85 25.46 24.25 -40.77
CA ASN D 85 25.66 23.02 -40.02
C ASN D 85 26.88 23.08 -39.11
N VAL D 86 27.52 24.23 -38.97
CA VAL D 86 28.72 24.38 -38.17
C VAL D 86 28.36 25.13 -36.90
N LEU D 87 28.64 24.52 -35.75
CA LEU D 87 28.45 25.21 -34.48
C LEU D 87 29.48 26.33 -34.34
N ALA D 88 29.04 27.45 -33.76
CA ALA D 88 29.95 28.54 -33.46
C ALA D 88 30.66 28.25 -32.15
N LEU D 89 31.99 28.36 -32.16
CA LEU D 89 32.76 28.15 -30.94
C LEU D 89 32.42 29.23 -29.91
N GLN D 90 32.27 28.82 -28.66
CA GLN D 90 31.85 29.70 -27.58
C GLN D 90 32.98 29.75 -26.55
N SER D 91 33.90 30.69 -26.72
CA SER D 91 35.00 30.87 -25.79
C SER D 91 35.46 32.32 -25.85
N SER D 92 35.57 32.96 -24.69
CA SER D 92 36.02 34.34 -24.57
C SER D 92 37.22 34.37 -23.62
N ALA D 93 38.40 34.14 -24.16
CA ALA D 93 39.65 34.14 -23.39
C ALA D 93 40.80 34.18 -24.38
N ALA D 94 42.03 34.03 -23.88
CA ALA D 94 43.19 33.96 -24.75
C ALA D 94 43.25 32.65 -25.53
N GLY D 95 42.52 31.64 -25.09
CA GLY D 95 42.46 30.35 -25.75
C GLY D 95 41.41 30.23 -26.83
N SER D 96 40.72 31.31 -27.16
CA SER D 96 39.71 31.27 -28.21
C SER D 96 40.39 31.24 -29.59
N ALA D 97 39.97 30.29 -30.41
CA ALA D 97 40.52 30.15 -31.75
C ALA D 97 39.71 31.00 -32.74
N THR D 98 40.23 31.11 -33.97
CA THR D 98 39.64 31.94 -34.99
C THR D 98 39.31 31.11 -36.23
N ASN D 99 38.14 31.40 -36.81
CA ASN D 99 37.75 30.86 -38.12
C ASN D 99 37.67 29.33 -38.10
N VAL D 100 37.15 28.79 -37.00
CA VAL D 100 36.97 27.35 -36.83
C VAL D 100 35.60 27.11 -36.20
N GLY D 101 35.18 25.84 -36.23
CA GLY D 101 33.95 25.46 -35.58
C GLY D 101 33.93 23.97 -35.35
N VAL D 102 32.81 23.47 -34.85
CA VAL D 102 32.60 22.05 -34.66
C VAL D 102 31.31 21.64 -35.35
N GLN D 103 31.30 20.44 -35.93
CA GLN D 103 30.16 19.92 -36.65
C GLN D 103 29.70 18.62 -36.01
N ILE D 104 28.38 18.49 -35.85
CA ILE D 104 27.74 17.27 -35.38
C ILE D 104 27.23 16.52 -36.61
N LEU D 105 27.51 15.23 -36.66
CA LEU D 105 27.34 14.44 -37.87
C LEU D 105 26.51 13.19 -37.59
N ASP D 106 25.77 12.77 -38.61
CA ASP D 106 24.92 11.58 -38.55
C ASP D 106 25.79 10.34 -38.72
N ARG D 107 25.17 9.16 -38.68
CA ARG D 107 25.92 7.92 -38.84
C ARG D 107 26.56 7.83 -40.22
N THR D 108 25.77 8.05 -41.27
CA THR D 108 26.26 7.86 -42.63
C THR D 108 27.30 8.89 -43.01
N GLY D 109 27.09 10.14 -42.60
CA GLY D 109 28.01 11.21 -42.98
C GLY D 109 27.29 12.46 -43.46
N ALA D 110 25.97 12.51 -43.25
CA ALA D 110 25.20 13.70 -43.59
C ALA D 110 25.26 14.70 -42.45
N ALA D 111 25.58 15.94 -42.77
CA ALA D 111 25.65 16.98 -41.75
C ALA D 111 24.27 17.25 -41.16
N LEU D 112 24.24 17.64 -39.90
CA LEU D 112 23.00 17.86 -39.17
C LEU D 112 22.71 19.35 -39.07
N THR D 113 21.53 19.74 -39.53
CA THR D 113 21.12 21.14 -39.46
C THR D 113 20.87 21.57 -38.03
N LEU D 114 21.29 22.79 -37.70
CA LEU D 114 21.16 23.33 -36.35
C LEU D 114 19.94 24.21 -36.16
N ASP D 115 19.09 24.34 -37.19
CA ASP D 115 17.91 25.19 -37.05
C ASP D 115 16.94 24.64 -36.01
N GLY D 116 16.74 23.33 -35.99
CA GLY D 116 15.84 22.72 -35.04
C GLY D 116 14.83 21.79 -35.68
N ALA D 117 15.03 21.47 -36.96
CA ALA D 117 14.15 20.57 -37.68
C ALA D 117 14.34 19.16 -37.14
N THR D 118 13.36 18.69 -36.36
CA THR D 118 13.47 17.40 -35.69
C THR D 118 13.14 16.26 -36.66
N PHE D 119 13.52 15.04 -36.26
CA PHE D 119 13.30 13.86 -37.07
C PHE D 119 13.09 12.67 -36.13
N SER D 120 12.93 11.49 -36.72
CA SER D 120 12.79 10.28 -35.93
C SER D 120 14.12 9.93 -35.25
N SER D 121 14.03 9.11 -34.21
CA SER D 121 15.19 8.79 -33.38
C SER D 121 15.88 7.50 -33.75
N GLU D 122 15.16 6.56 -34.38
CA GLU D 122 15.69 5.25 -34.76
C GLU D 122 16.63 4.68 -33.69
N THR D 123 16.15 4.69 -32.45
CA THR D 123 16.95 4.23 -31.32
C THR D 123 17.33 2.76 -31.51
N THR D 124 18.62 2.46 -31.35
CA THR D 124 19.08 1.09 -31.35
C THR D 124 18.83 0.50 -29.97
N LEU D 125 18.06 -0.58 -29.92
CA LEU D 125 17.74 -1.24 -28.65
C LEU D 125 18.88 -2.18 -28.30
N ASN D 126 19.92 -1.62 -27.68
CA ASN D 126 21.03 -2.44 -27.26
C ASN D 126 20.60 -3.35 -26.11
N ASN D 127 21.54 -4.19 -25.67
CA ASN D 127 21.22 -5.07 -24.55
C ASN D 127 20.88 -4.28 -23.29
N GLY D 128 21.59 -3.18 -23.05
CA GLY D 128 21.28 -2.33 -21.92
C GLY D 128 20.01 -1.50 -22.09
N THR D 129 20.04 -0.51 -22.98
CA THR D 129 18.94 0.45 -23.11
C THR D 129 18.84 0.88 -24.58
N ASN D 130 18.14 1.98 -24.82
CA ASN D 130 18.05 2.58 -26.14
C ASN D 130 19.18 3.58 -26.33
N THR D 131 19.89 3.47 -27.45
CA THR D 131 21.05 4.31 -27.71
C THR D 131 20.94 4.93 -29.10
N ILE D 132 21.53 6.12 -29.24
CA ILE D 132 21.62 6.78 -30.53
C ILE D 132 23.02 7.35 -30.70
N PRO D 133 23.79 6.90 -31.69
CA PRO D 133 25.16 7.40 -31.87
C PRO D 133 25.21 8.63 -32.76
N PHE D 134 26.08 9.57 -32.39
CA PHE D 134 26.33 10.78 -33.15
C PHE D 134 27.83 11.01 -33.27
N GLN D 135 28.19 11.95 -34.14
CA GLN D 135 29.58 12.19 -34.51
C GLN D 135 29.91 13.65 -34.27
N ALA D 136 31.17 13.93 -33.96
CA ALA D 136 31.61 15.30 -33.77
C ALA D 136 33.00 15.48 -34.37
N ARG D 137 33.19 16.57 -35.10
CA ARG D 137 34.50 16.82 -35.68
C ARG D 137 34.72 18.31 -35.89
N TYR D 138 35.97 18.73 -35.69
CA TYR D 138 36.32 20.12 -35.93
C TYR D 138 36.30 20.43 -37.42
N PHE D 139 35.82 21.62 -37.77
CA PHE D 139 35.62 22.04 -39.14
C PHE D 139 36.30 23.39 -39.34
N ALA D 140 37.18 23.46 -40.34
CA ALA D 140 37.89 24.68 -40.66
C ALA D 140 37.14 25.48 -41.72
N THR D 141 37.23 26.80 -41.62
CA THR D 141 36.56 27.69 -42.57
C THR D 141 37.51 28.73 -43.12
N GLY D 142 38.79 28.38 -43.26
CA GLY D 142 39.74 29.29 -43.88
C GLY D 142 41.08 29.41 -43.17
N ALA D 143 41.09 29.28 -41.84
CA ALA D 143 42.30 29.46 -41.07
C ALA D 143 42.19 28.69 -39.76
N ALA D 144 43.34 28.49 -39.12
CA ALA D 144 43.41 27.79 -37.84
C ALA D 144 44.22 28.60 -36.85
N THR D 145 43.84 28.51 -35.57
CA THR D 145 44.52 29.21 -34.50
C THR D 145 44.76 28.24 -33.36
N PRO D 146 45.95 28.21 -32.76
CA PRO D 146 46.21 27.27 -31.66
C PRO D 146 45.48 27.66 -30.38
N GLY D 147 44.19 27.34 -30.30
CA GLY D 147 43.42 27.66 -29.12
C GLY D 147 42.37 26.61 -28.86
N ALA D 148 41.90 26.57 -27.61
CA ALA D 148 40.87 25.62 -27.20
C ALA D 148 39.53 26.11 -27.71
N ALA D 149 39.04 25.51 -28.78
CA ALA D 149 37.78 25.93 -29.41
C ALA D 149 36.62 25.07 -28.90
N ASN D 150 36.41 25.13 -27.58
CA ASN D 150 35.26 24.46 -27.00
C ASN D 150 33.97 25.19 -27.37
N ALA D 151 32.95 24.44 -27.74
CA ALA D 151 31.68 25.00 -28.18
C ALA D 151 30.55 24.44 -27.33
N ASP D 152 29.31 24.77 -27.70
CA ASP D 152 28.15 24.31 -26.99
C ASP D 152 27.00 24.10 -27.97
N ALA D 153 26.29 22.98 -27.81
CA ALA D 153 25.14 22.66 -28.63
C ALA D 153 24.03 22.13 -27.74
N THR D 154 22.80 22.27 -28.20
CA THR D 154 21.62 21.91 -27.41
C THR D 154 20.89 20.75 -28.06
N PHE D 155 20.44 19.82 -27.24
CA PHE D 155 19.83 18.57 -27.68
C PHE D 155 18.35 18.60 -27.32
N LYS D 156 17.48 18.48 -28.33
CA LYS D 156 16.05 18.60 -28.14
C LYS D 156 15.37 17.25 -28.36
N VAL D 157 14.56 16.83 -27.40
CA VAL D 157 13.82 15.56 -27.47
C VAL D 157 12.35 15.88 -27.28
N GLN D 158 11.54 15.59 -28.29
CA GLN D 158 10.09 15.84 -28.24
C GLN D 158 9.39 14.53 -27.94
N TYR D 159 8.96 14.36 -26.69
CA TYR D 159 8.29 13.14 -26.26
C TYR D 159 6.87 13.17 -26.82
N GLN D 160 6.69 12.50 -27.96
CA GLN D 160 5.37 12.39 -28.56
C GLN D 160 4.49 11.46 -27.74
N ALA E 20 -56.63 -5.78 53.96
CA ALA E 20 -55.52 -4.94 53.56
C ALA E 20 -56.02 -3.58 53.07
N ALA E 21 -55.18 -2.55 53.19
CA ALA E 21 -55.55 -1.21 52.77
C ALA E 21 -55.47 -1.02 51.26
N CYS E 22 -54.74 -1.86 50.56
CA CYS E 22 -54.56 -1.74 49.12
C CYS E 22 -54.74 -3.10 48.45
N ALA E 23 -55.06 -3.06 47.17
CA ALA E 23 -55.25 -4.26 46.36
C ALA E 23 -54.15 -4.36 45.32
N VAL E 24 -53.48 -5.51 45.28
CA VAL E 24 -52.42 -5.77 44.31
C VAL E 24 -53.05 -6.34 43.05
N ASP E 25 -52.78 -5.69 41.91
CA ASP E 25 -53.35 -6.13 40.65
C ASP E 25 -52.71 -7.45 40.21
N ALA E 26 -53.43 -8.18 39.35
CA ALA E 26 -52.89 -9.44 38.84
C ALA E 26 -51.60 -9.23 38.06
N GLY E 27 -51.52 -8.14 37.30
CA GLY E 27 -50.29 -7.83 36.59
C GLY E 27 -49.09 -7.66 37.49
N SER E 28 -49.32 -7.53 38.79
CA SER E 28 -48.27 -7.53 39.80
C SER E 28 -48.16 -8.86 40.54
N VAL E 29 -49.30 -9.51 40.82
CA VAL E 29 -49.28 -10.76 41.58
C VAL E 29 -48.59 -11.86 40.77
N ASP E 30 -49.00 -12.05 39.52
CA ASP E 30 -48.38 -13.05 38.66
C ASP E 30 -47.90 -12.36 37.38
N GLN E 31 -46.59 -12.17 37.28
CA GLN E 31 -45.98 -11.59 36.10
C GLN E 31 -44.55 -12.10 35.98
N THR E 32 -44.01 -12.03 34.78
CA THR E 32 -42.64 -12.44 34.50
C THR E 32 -41.84 -11.25 33.98
N VAL E 33 -40.60 -11.13 34.44
CA VAL E 33 -39.69 -10.09 33.99
C VAL E 33 -38.50 -10.76 33.33
N GLN E 34 -38.13 -10.28 32.15
CA GLN E 34 -37.03 -10.85 31.37
C GLN E 34 -35.85 -9.91 31.40
N LEU E 35 -34.71 -10.42 31.86
CA LEU E 35 -33.47 -9.65 31.88
C LEU E 35 -32.68 -9.75 30.59
N GLY E 36 -33.01 -10.72 29.73
CA GLY E 36 -32.33 -10.84 28.46
C GLY E 36 -30.95 -11.46 28.58
N GLN E 37 -30.32 -11.66 27.42
CA GLN E 37 -28.98 -12.20 27.39
C GLN E 37 -27.97 -11.16 27.86
N VAL E 38 -26.90 -11.65 28.50
CA VAL E 38 -25.83 -10.81 28.99
C VAL E 38 -24.51 -11.35 28.46
N ARG E 39 -23.45 -10.58 28.65
CA ARG E 39 -22.11 -10.96 28.21
C ARG E 39 -21.28 -11.41 29.39
N THR E 40 -20.51 -12.48 29.19
CA THR E 40 -19.64 -12.97 30.26
C THR E 40 -18.55 -11.97 30.60
N ALA E 41 -18.16 -11.13 29.64
CA ALA E 41 -17.19 -10.09 29.94
C ALA E 41 -17.74 -9.07 30.92
N SER E 42 -19.04 -8.77 30.85
CA SER E 42 -19.65 -7.82 31.77
C SER E 42 -19.73 -8.36 33.20
N LEU E 43 -19.55 -9.67 33.38
CA LEU E 43 -19.61 -10.29 34.70
C LEU E 43 -18.39 -11.18 34.94
N ALA E 44 -17.26 -10.85 34.29
CA ALA E 44 -16.07 -11.68 34.41
C ALA E 44 -15.54 -11.72 35.84
N GLN E 45 -15.56 -10.59 36.53
CA GLN E 45 -15.00 -10.50 37.87
C GLN E 45 -16.11 -10.36 38.91
N GLU E 46 -15.75 -10.64 40.16
CA GLU E 46 -16.71 -10.57 41.26
C GLU E 46 -17.16 -9.14 41.49
N GLY E 47 -18.45 -8.97 41.77
CA GLY E 47 -19.03 -7.67 42.01
C GLY E 47 -19.57 -6.98 40.78
N ALA E 48 -19.25 -7.48 39.59
CA ALA E 48 -19.75 -6.87 38.36
C ALA E 48 -21.24 -7.11 38.22
N THR E 49 -21.94 -6.10 37.71
CA THR E 49 -23.38 -6.17 37.49
C THR E 49 -23.70 -5.81 36.05
N SER E 50 -24.70 -6.49 35.49
CA SER E 50 -25.16 -6.18 34.14
C SER E 50 -26.18 -5.04 34.19
N SER E 51 -26.70 -4.68 33.02
CA SER E 51 -27.70 -3.63 32.95
C SER E 51 -28.97 -4.03 33.68
N ALA E 52 -29.57 -3.07 34.37
CA ALA E 52 -30.76 -3.32 35.18
C ALA E 52 -32.01 -2.94 34.39
N VAL E 53 -32.97 -3.86 34.35
CA VAL E 53 -34.26 -3.60 33.72
C VAL E 53 -35.23 -3.15 34.80
N GLY E 54 -36.33 -2.53 34.36
CA GLY E 54 -37.28 -1.99 35.32
C GLY E 54 -38.68 -2.56 35.22
N PHE E 55 -39.21 -3.01 36.35
CA PHE E 55 -40.60 -3.45 36.43
C PHE E 55 -41.29 -2.67 37.55
N ASN E 56 -42.56 -2.96 37.77
CA ASN E 56 -43.33 -2.21 38.77
C ASN E 56 -44.45 -3.08 39.32
N ILE E 57 -44.92 -2.70 40.50
CA ILE E 57 -46.06 -3.34 41.14
C ILE E 57 -47.13 -2.28 41.36
N GLN E 58 -48.38 -2.62 41.04
CA GLN E 58 -49.49 -1.68 41.11
C GLN E 58 -50.39 -2.02 42.29
N LEU E 59 -50.68 -1.02 43.11
CA LEU E 59 -51.59 -1.15 44.25
C LEU E 59 -52.86 -0.40 43.94
N ASN E 60 -54.01 -1.07 44.14
CA ASN E 60 -55.30 -0.54 43.76
C ASN E 60 -56.16 -0.31 44.99
N ASP E 61 -57.01 0.72 44.92
CA ASP E 61 -57.92 1.09 46.01
C ASP E 61 -57.15 1.35 47.30
N CYS E 62 -56.08 2.14 47.19
CA CYS E 62 -55.27 2.49 48.35
C CYS E 62 -55.98 3.58 49.15
N ASP E 63 -56.19 3.33 50.43
CA ASP E 63 -56.88 4.26 51.31
C ASP E 63 -55.86 4.98 52.19
N THR E 64 -55.80 6.30 52.06
CA THR E 64 -54.84 7.08 52.84
C THR E 64 -55.17 7.05 54.32
N ASN E 65 -56.46 7.11 54.66
CA ASN E 65 -56.85 7.16 56.08
C ASN E 65 -56.43 5.89 56.81
N VAL E 66 -56.61 4.73 56.19
CA VAL E 66 -56.23 3.47 56.83
C VAL E 66 -54.72 3.35 56.92
N ALA E 67 -54.02 3.68 55.83
CA ALA E 67 -52.57 3.54 55.80
C ALA E 67 -51.96 4.65 54.96
N SER E 68 -50.80 5.15 55.40
CA SER E 68 -50.09 6.20 54.69
C SER E 68 -48.76 5.76 54.10
N LYS E 69 -48.09 4.78 54.70
CA LYS E 69 -46.79 4.33 54.25
C LYS E 69 -46.88 2.88 53.78
N ALA E 70 -46.22 2.59 52.66
CA ALA E 70 -46.18 1.24 52.10
C ALA E 70 -44.75 0.80 51.90
N ALA E 71 -44.52 -0.49 52.10
CA ALA E 71 -43.19 -1.07 51.96
C ALA E 71 -43.32 -2.48 51.41
N VAL E 72 -42.23 -2.99 50.84
CA VAL E 72 -42.19 -4.32 50.24
C VAL E 72 -40.96 -5.05 50.76
N ALA E 73 -41.17 -6.26 51.27
CA ALA E 73 -40.08 -7.14 51.70
C ALA E 73 -40.03 -8.34 50.76
N PHE E 74 -38.82 -8.77 50.44
CA PHE E 74 -38.59 -9.85 49.48
C PHE E 74 -38.07 -11.09 50.18
N LEU E 75 -38.64 -12.24 49.81
CA LEU E 75 -38.24 -13.53 50.36
C LEU E 75 -37.71 -14.41 49.23
N GLY E 76 -36.53 -14.97 49.44
CA GLY E 76 -35.91 -15.79 48.41
C GLY E 76 -34.76 -16.60 48.96
N THR E 77 -34.07 -17.28 48.05
CA THR E 77 -32.96 -18.17 48.40
C THR E 77 -31.65 -17.44 48.13
N ALA E 78 -30.92 -17.11 49.19
CA ALA E 78 -29.63 -16.47 49.04
C ALA E 78 -28.60 -17.46 48.52
N ILE E 79 -27.71 -16.99 47.65
CA ILE E 79 -26.68 -17.85 47.08
C ILE E 79 -25.71 -18.31 48.16
N ASP E 80 -25.22 -17.37 48.97
CA ASP E 80 -24.19 -17.66 49.96
C ASP E 80 -24.52 -16.92 51.25
N ALA E 81 -23.94 -17.41 52.34
CA ALA E 81 -24.12 -16.75 53.63
C ALA E 81 -23.52 -15.35 53.63
N GLY E 82 -22.36 -15.17 52.97
CA GLY E 82 -21.76 -13.86 52.90
C GLY E 82 -22.48 -12.91 51.96
N HIS E 83 -23.16 -13.44 50.95
CA HIS E 83 -23.93 -12.65 50.00
C HIS E 83 -25.40 -13.03 50.15
N THR E 84 -26.09 -12.39 51.08
CA THR E 84 -27.50 -12.66 51.34
C THR E 84 -28.43 -11.74 50.56
N ASN E 85 -27.89 -10.85 49.73
CA ASN E 85 -28.69 -9.92 48.95
C ASN E 85 -28.84 -10.36 47.50
N VAL E 86 -28.50 -11.60 47.17
CA VAL E 86 -28.54 -12.12 45.81
C VAL E 86 -29.42 -13.36 45.79
N LEU E 87 -30.37 -13.38 44.87
CA LEU E 87 -31.19 -14.57 44.64
C LEU E 87 -30.35 -15.68 44.00
N ALA E 88 -30.81 -16.91 44.17
CA ALA E 88 -30.16 -18.06 43.57
C ALA E 88 -30.82 -18.43 42.25
N LEU E 89 -30.23 -19.39 41.55
CA LEU E 89 -30.73 -19.87 40.27
C LEU E 89 -31.38 -21.24 40.47
N GLN E 90 -32.63 -21.36 40.03
CA GLN E 90 -33.40 -22.60 40.16
C GLN E 90 -33.97 -23.01 38.82
N SER E 91 -33.17 -22.86 37.76
CA SER E 91 -33.64 -23.21 36.42
C SER E 91 -33.95 -24.69 36.31
N SER E 92 -32.92 -25.53 36.48
CA SER E 92 -33.07 -26.98 36.40
C SER E 92 -31.87 -27.60 37.10
N ALA E 93 -31.72 -28.92 36.95
CA ALA E 93 -30.61 -29.64 37.56
C ALA E 93 -29.38 -29.68 36.67
N ALA E 94 -29.46 -29.17 35.45
CA ALA E 94 -28.32 -29.16 34.55
C ALA E 94 -28.48 -28.01 33.55
N GLY E 95 -27.36 -27.61 32.97
CA GLY E 95 -27.37 -26.54 31.99
C GLY E 95 -27.77 -25.19 32.56
N SER E 96 -27.29 -24.86 33.75
CA SER E 96 -27.61 -23.62 34.42
C SER E 96 -26.35 -22.83 34.67
N ALA E 97 -26.47 -21.50 34.63
CA ALA E 97 -25.33 -20.63 34.90
C ALA E 97 -24.84 -20.82 36.32
N THR E 98 -23.52 -20.75 36.50
CA THR E 98 -22.90 -20.99 37.80
C THR E 98 -22.19 -19.74 38.29
N ASN E 99 -22.14 -19.60 39.62
CA ASN E 99 -21.45 -18.49 40.28
C ASN E 99 -22.02 -17.14 39.84
N VAL E 100 -23.35 -17.05 39.79
CA VAL E 100 -24.03 -15.82 39.40
C VAL E 100 -25.43 -15.87 39.98
N GLY E 101 -26.02 -14.70 40.20
CA GLY E 101 -27.37 -14.59 40.69
C GLY E 101 -28.01 -13.31 40.20
N VAL E 102 -29.24 -13.07 40.66
CA VAL E 102 -29.97 -11.87 40.28
C VAL E 102 -30.23 -11.05 41.54
N GLN E 103 -30.40 -9.75 41.34
CA GLN E 103 -30.56 -8.79 42.43
C GLN E 103 -31.73 -7.86 42.13
N ILE E 104 -32.41 -7.43 43.19
CA ILE E 104 -33.55 -6.54 43.10
C ILE E 104 -33.20 -5.26 43.84
N LEU E 105 -33.33 -4.13 43.16
CA LEU E 105 -33.10 -2.82 43.74
C LEU E 105 -34.41 -2.06 43.86
N ASP E 106 -34.59 -1.39 44.99
CA ASP E 106 -35.82 -0.64 45.26
C ASP E 106 -35.77 0.71 44.55
N ARG E 107 -36.68 1.60 44.93
CA ARG E 107 -36.75 2.91 44.29
C ARG E 107 -35.46 3.70 44.50
N THR E 108 -34.88 3.63 45.70
CA THR E 108 -33.67 4.37 46.00
C THR E 108 -32.42 3.79 45.35
N GLY E 109 -32.51 2.59 44.78
CA GLY E 109 -31.37 1.98 44.11
C GLY E 109 -30.46 1.14 44.97
N ALA E 110 -30.93 0.67 46.12
CA ALA E 110 -30.13 -0.15 47.03
C ALA E 110 -30.61 -1.59 46.98
N ALA E 111 -29.68 -2.52 47.21
CA ALA E 111 -30.04 -3.93 47.25
C ALA E 111 -30.88 -4.25 48.47
N LEU E 112 -31.76 -5.23 48.33
CA LEU E 112 -32.65 -5.64 49.42
C LEU E 112 -32.27 -7.01 49.93
N THR E 113 -32.28 -7.14 51.26
CA THR E 113 -32.04 -8.43 51.89
C THR E 113 -33.19 -9.39 51.58
N LEU E 114 -32.85 -10.64 51.28
CA LEU E 114 -33.83 -11.65 50.94
C LEU E 114 -34.59 -12.19 52.15
N ASP E 115 -34.26 -11.75 53.36
CA ASP E 115 -35.05 -12.11 54.52
C ASP E 115 -36.47 -11.56 54.38
N GLY E 116 -37.44 -12.32 54.89
CA GLY E 116 -38.83 -11.94 54.72
C GLY E 116 -39.26 -10.73 55.52
N ALA E 117 -38.46 -10.30 56.49
CA ALA E 117 -38.80 -9.17 57.34
C ALA E 117 -38.07 -7.89 56.96
N THR E 118 -37.23 -7.91 55.93
CA THR E 118 -36.47 -6.74 55.50
C THR E 118 -37.25 -6.04 54.41
N PHE E 119 -37.97 -4.97 54.78
CA PHE E 119 -38.82 -4.25 53.85
C PHE E 119 -38.03 -3.18 53.11
N SER E 120 -38.62 -2.69 52.02
CA SER E 120 -38.00 -1.66 51.19
C SER E 120 -38.23 -0.29 51.81
N SER E 121 -37.86 0.76 51.08
CA SER E 121 -38.06 2.12 51.57
C SER E 121 -39.55 2.45 51.65
N GLU E 122 -39.93 3.13 52.74
CA GLU E 122 -41.31 3.53 52.91
C GLU E 122 -41.71 4.55 51.84
N THR E 123 -42.86 4.32 51.22
CA THR E 123 -43.38 5.21 50.19
C THR E 123 -44.75 5.72 50.62
N THR E 124 -44.96 7.03 50.49
CA THR E 124 -46.25 7.61 50.80
C THR E 124 -47.29 7.17 49.77
N LEU E 125 -48.48 6.86 50.24
CA LEU E 125 -49.55 6.32 49.41
C LEU E 125 -50.55 7.42 49.05
N ASN E 126 -50.92 7.48 47.79
CA ASN E 126 -51.92 8.40 47.30
C ASN E 126 -53.24 7.66 47.09
N ASN E 127 -54.34 8.36 47.34
CA ASN E 127 -55.67 7.75 47.22
C ASN E 127 -55.90 7.23 45.81
N GLY E 128 -56.39 6.00 45.73
CA GLY E 128 -56.67 5.38 44.44
C GLY E 128 -55.62 4.37 44.02
N THR E 129 -55.03 4.58 42.85
CA THR E 129 -54.06 3.65 42.27
C THR E 129 -52.65 4.21 42.43
N ASN E 130 -51.74 3.39 42.93
CA ASN E 130 -50.35 3.76 43.08
C ASN E 130 -49.46 2.72 42.42
N THR E 131 -48.24 3.13 42.09
CA THR E 131 -47.26 2.24 41.48
C THR E 131 -45.94 2.34 42.23
N ILE E 132 -45.27 1.20 42.36
CA ILE E 132 -43.96 1.11 43.01
C ILE E 132 -43.00 0.51 41.99
N PRO E 133 -41.98 1.24 41.54
CA PRO E 133 -41.04 0.70 40.56
C PRO E 133 -39.82 0.06 41.23
N PHE E 134 -39.39 -1.07 40.66
CA PHE E 134 -38.22 -1.80 41.10
C PHE E 134 -37.35 -2.10 39.89
N GLN E 135 -36.07 -2.35 40.16
CA GLN E 135 -35.11 -2.74 39.13
C GLN E 135 -34.62 -4.15 39.40
N ALA E 136 -34.40 -4.90 38.33
CA ALA E 136 -33.83 -6.24 38.40
C ALA E 136 -32.55 -6.29 37.57
N ARG E 137 -31.49 -6.83 38.16
CA ARG E 137 -30.19 -6.87 37.50
C ARG E 137 -29.49 -8.18 37.84
N TYR E 138 -28.32 -8.38 37.26
CA TYR E 138 -27.49 -9.54 37.53
C TYR E 138 -26.35 -9.17 38.49
N PHE E 139 -25.75 -10.20 39.08
CA PHE E 139 -24.65 -10.01 40.02
C PHE E 139 -23.84 -11.31 40.04
N ALA E 140 -22.61 -11.26 39.55
CA ALA E 140 -21.78 -12.43 39.42
C ALA E 140 -20.55 -12.31 40.32
N THR E 141 -20.35 -13.33 41.15
CA THR E 141 -19.11 -13.45 41.92
C THR E 141 -18.14 -14.35 41.17
N GLY E 142 -16.86 -14.23 41.53
CA GLY E 142 -15.85 -15.04 40.87
C GLY E 142 -15.83 -14.78 39.37
N ALA E 143 -15.94 -15.86 38.59
CA ALA E 143 -16.00 -15.79 37.14
C ALA E 143 -17.31 -16.37 36.67
N ALA E 144 -18.01 -15.63 35.81
CA ALA E 144 -19.28 -16.09 35.28
C ALA E 144 -19.08 -17.21 34.26
N THR E 145 -20.09 -18.06 34.13
CA THR E 145 -20.07 -19.17 33.20
C THR E 145 -21.34 -19.17 32.37
N PRO E 146 -21.27 -19.64 31.13
CA PRO E 146 -22.47 -19.66 30.28
C PRO E 146 -23.52 -20.62 30.80
N GLY E 147 -24.77 -20.30 30.52
CA GLY E 147 -25.88 -21.15 30.91
C GLY E 147 -27.12 -20.31 31.20
N ALA E 148 -28.24 -21.01 31.31
CA ALA E 148 -29.51 -20.36 31.62
C ALA E 148 -29.51 -19.86 33.06
N ALA E 149 -30.30 -18.82 33.30
CA ALA E 149 -30.41 -18.20 34.62
C ALA E 149 -31.88 -17.86 34.87
N ASN E 150 -32.52 -18.61 35.76
CA ASN E 150 -33.91 -18.38 36.13
C ASN E 150 -34.01 -18.27 37.64
N ALA E 151 -34.93 -17.43 38.11
CA ALA E 151 -35.08 -17.18 39.54
C ALA E 151 -36.54 -16.88 39.85
N ASP E 152 -36.87 -16.93 41.14
CA ASP E 152 -38.21 -16.64 41.63
C ASP E 152 -38.12 -16.21 43.08
N ALA E 153 -39.05 -15.34 43.49
CA ALA E 153 -39.06 -14.83 44.85
C ALA E 153 -40.46 -14.37 45.21
N THR E 154 -40.85 -14.60 46.47
CA THR E 154 -42.11 -14.10 47.00
C THR E 154 -41.87 -12.82 47.78
N PHE E 155 -42.93 -12.03 47.94
CA PHE E 155 -42.81 -10.74 48.60
C PHE E 155 -44.01 -10.46 49.48
N LYS E 156 -43.79 -9.61 50.48
CA LYS E 156 -44.83 -9.15 51.38
C LYS E 156 -44.94 -7.63 51.30
N VAL E 157 -46.17 -7.13 51.29
CA VAL E 157 -46.45 -5.70 51.28
C VAL E 157 -47.02 -5.31 52.64
N GLN E 158 -46.52 -4.21 53.20
CA GLN E 158 -46.91 -3.74 54.51
C GLN E 158 -47.57 -2.37 54.37
N TYR E 159 -48.74 -2.20 54.99
CA TYR E 159 -49.46 -0.94 55.00
C TYR E 159 -49.58 -0.45 56.44
N GLN E 160 -49.15 0.78 56.67
CA GLN E 160 -49.17 1.36 58.01
C GLN E 160 -50.38 2.26 58.20
#